data_4ZXM
# 
_entry.id   4ZXM 
# 
_audit_conform.dict_name       mmcif_pdbx.dic 
_audit_conform.dict_version    5.397 
_audit_conform.dict_location   http://mmcif.pdb.org/dictionaries/ascii/mmcif_pdbx.dic 
# 
loop_
_database_2.database_id 
_database_2.database_code 
_database_2.pdbx_database_accession 
_database_2.pdbx_DOI 
PDB   4ZXM         pdb_00004zxm 10.2210/pdb4zxm/pdb 
WWPDB D_1000210082 ?            ?                   
# 
loop_
_pdbx_audit_revision_history.ordinal 
_pdbx_audit_revision_history.data_content_type 
_pdbx_audit_revision_history.major_revision 
_pdbx_audit_revision_history.minor_revision 
_pdbx_audit_revision_history.revision_date 
1 'Structure model' 1 0 2015-10-14 
2 'Structure model' 1 1 2015-11-04 
3 'Structure model' 1 2 2023-11-08 
4 'Structure model' 1 3 2024-10-30 
# 
_pdbx_audit_revision_details.ordinal             1 
_pdbx_audit_revision_details.revision_ordinal    1 
_pdbx_audit_revision_details.data_content_type   'Structure model' 
_pdbx_audit_revision_details.provider            repository 
_pdbx_audit_revision_details.type                'Initial release' 
_pdbx_audit_revision_details.description         ? 
_pdbx_audit_revision_details.details             ? 
# 
loop_
_pdbx_audit_revision_group.ordinal 
_pdbx_audit_revision_group.revision_ordinal 
_pdbx_audit_revision_group.data_content_type 
_pdbx_audit_revision_group.group 
1 2 'Structure model' 'Database references'    
2 3 'Structure model' 'Data collection'        
3 3 'Structure model' 'Database references'    
4 3 'Structure model' 'Derived calculations'   
5 3 'Structure model' 'Refinement description' 
6 4 'Structure model' 'Structure summary'      
# 
loop_
_pdbx_audit_revision_category.ordinal 
_pdbx_audit_revision_category.revision_ordinal 
_pdbx_audit_revision_category.data_content_type 
_pdbx_audit_revision_category.category 
1 3 'Structure model' chem_comp_atom                
2 3 'Structure model' chem_comp_bond                
3 3 'Structure model' database_2                    
4 3 'Structure model' pdbx_initial_refinement_model 
5 3 'Structure model' pdbx_struct_oper_list         
6 4 'Structure model' pdbx_entry_details            
7 4 'Structure model' pdbx_modification_feature     
# 
loop_
_pdbx_audit_revision_item.ordinal 
_pdbx_audit_revision_item.revision_ordinal 
_pdbx_audit_revision_item.data_content_type 
_pdbx_audit_revision_item.item 
1 3 'Structure model' '_database_2.pdbx_DOI'                         
2 3 'Structure model' '_database_2.pdbx_database_accession'          
3 3 'Structure model' '_pdbx_struct_oper_list.symmetry_operation'    
4 4 'Structure model' '_pdbx_entry_details.has_protein_modification' 
# 
_pdbx_database_status.status_code                     REL 
_pdbx_database_status.status_code_sf                  REL 
_pdbx_database_status.status_code_mr                  ? 
_pdbx_database_status.entry_id                        4ZXM 
_pdbx_database_status.recvd_initial_deposition_date   2015-05-20 
_pdbx_database_status.SG_entry                        N 
_pdbx_database_status.deposit_site                    RCSB 
_pdbx_database_status.process_site                    PDBJ 
_pdbx_database_status.status_code_cs                  ? 
_pdbx_database_status.methods_development_category    ? 
_pdbx_database_status.pdb_format_compatible           Y 
_pdbx_database_status.status_code_nmr_data            ? 
# 
loop_
_audit_author.name 
_audit_author.pdbx_ordinal 
'Wang, W.J.'  1 
'Cheng, W.'   2 
'Jiang, Y.L.' 3 
'Yu, H.M.'    4 
'Luo, M.'     5 
# 
_citation.abstract                  ? 
_citation.abstract_id_CAS           ? 
_citation.book_id_ISBN              ? 
_citation.book_publisher            ? 
_citation.book_publisher_city       ? 
_citation.book_title                ? 
_citation.coordinate_linkage        ? 
_citation.country                   US 
_citation.database_id_Medline       ? 
_citation.details                   ? 
_citation.id                        primary 
_citation.journal_abbrev            'Plos One' 
_citation.journal_id_ASTM           ? 
_citation.journal_id_CSD            ? 
_citation.journal_id_ISSN           1932-6203 
_citation.journal_full              ? 
_citation.journal_issue             ? 
_citation.journal_volume            10 
_citation.language                  ? 
_citation.page_first                e0140953 
_citation.page_last                 e0140953 
_citation.title                     
'Activity Augmentation of Amphioxus Peptidoglycan Recognition Protein BbtPGRP3 via Fusion with a Chitin Binding Domain' 
_citation.year                      2015 
_citation.database_id_CSD           ? 
_citation.pdbx_database_id_DOI      10.1371/journal.pone.0140953 
_citation.pdbx_database_id_PubMed   26479246 
_citation.unpublished_flag          ? 
# 
loop_
_citation_author.citation_id 
_citation_author.name 
_citation_author.ordinal 
_citation_author.identifier_ORCID 
primary 'Wang, W.J.'     1  ? 
primary 'Cheng, W.'      2  ? 
primary 'Luo, M.'        3  ? 
primary 'Yan, Q.'        4  ? 
primary 'Yu, H.M.'       5  ? 
primary 'Li, Q.'         6  ? 
primary 'Cao, D.D.'      7  ? 
primary 'Huang, S.'      8  ? 
primary 'Xu, A.'         9  ? 
primary 'Mariuzza, R.A.' 10 ? 
primary 'Chen, Y.'       11 ? 
primary 'Zhou, C.Z.'     12 ? 
# 
loop_
_entity.id 
_entity.type 
_entity.src_method 
_entity.pdbx_description 
_entity.formula_weight 
_entity.pdbx_number_of_molecules 
_entity.pdbx_ec 
_entity.pdbx_mutation 
_entity.pdbx_fragment 
_entity.details 
1 polymer man 'PGRP domain of peptidoglycan recognition protein 3' 27569.445 1  3.5.1.28 ? ? ? 
2 water   nat water                                                18.015    19 ?        ? ? ? 
# 
_entity_poly.entity_id                      1 
_entity_poly.type                           'polypeptide(L)' 
_entity_poly.nstd_linkage                   no 
_entity_poly.nstd_monomer                   no 
_entity_poly.pdbx_seq_one_letter_code       
;MKSSHHHHHHENLYFQSNAQRWRSDGRCGPNYPAPDANPGECNPHAVDHCCSEWGWCGRETSHCTCSSCVDYSAGGGSSG
GSTVVVSSSGTCPRIVSKSEWGSRATNYNVFLSLPVPKVVIHHSAGATCSTQSSCSLQVRNIQNYHMDGRGYSDIGYNFL
VGNDGNVYEGRGWDRRGAHALNVNTESIGICFMGDFTSQKPTASAIAAAKSLISCGVSLGKIRSGYSLYGHRDVGSTACP
GNLLYDDIKSWGRYVG
;
_entity_poly.pdbx_seq_one_letter_code_can   
;MKSSHHHHHHENLYFQSNAQRWRSDGRCGPNYPAPDANPGECNPHAVDHCCSEWGWCGRETSHCTCSSCVDYSAGGGSSG
GSTVVVSSSGTCPRIVSKSEWGSRATNYNVFLSLPVPKVVIHHSAGATCSTQSSCSLQVRNIQNYHMDGRGYSDIGYNFL
VGNDGNVYEGRGWDRRGAHALNVNTESIGICFMGDFTSQKPTASAIAAAKSLISCGVSLGKIRSGYSLYGHRDVGSTACP
GNLLYDDIKSWGRYVG
;
_entity_poly.pdbx_strand_id                 A 
_entity_poly.pdbx_target_identifier         ? 
# 
_pdbx_entity_nonpoly.entity_id   2 
_pdbx_entity_nonpoly.name        water 
_pdbx_entity_nonpoly.comp_id     HOH 
# 
loop_
_entity_poly_seq.entity_id 
_entity_poly_seq.num 
_entity_poly_seq.mon_id 
_entity_poly_seq.hetero 
1 1   MET n 
1 2   LYS n 
1 3   SER n 
1 4   SER n 
1 5   HIS n 
1 6   HIS n 
1 7   HIS n 
1 8   HIS n 
1 9   HIS n 
1 10  HIS n 
1 11  GLU n 
1 12  ASN n 
1 13  LEU n 
1 14  TYR n 
1 15  PHE n 
1 16  GLN n 
1 17  SER n 
1 18  ASN n 
1 19  ALA n 
1 20  GLN n 
1 21  ARG n 
1 22  TRP n 
1 23  ARG n 
1 24  SER n 
1 25  ASP n 
1 26  GLY n 
1 27  ARG n 
1 28  CYS n 
1 29  GLY n 
1 30  PRO n 
1 31  ASN n 
1 32  TYR n 
1 33  PRO n 
1 34  ALA n 
1 35  PRO n 
1 36  ASP n 
1 37  ALA n 
1 38  ASN n 
1 39  PRO n 
1 40  GLY n 
1 41  GLU n 
1 42  CYS n 
1 43  ASN n 
1 44  PRO n 
1 45  HIS n 
1 46  ALA n 
1 47  VAL n 
1 48  ASP n 
1 49  HIS n 
1 50  CYS n 
1 51  CYS n 
1 52  SER n 
1 53  GLU n 
1 54  TRP n 
1 55  GLY n 
1 56  TRP n 
1 57  CYS n 
1 58  GLY n 
1 59  ARG n 
1 60  GLU n 
1 61  THR n 
1 62  SER n 
1 63  HIS n 
1 64  CYS n 
1 65  THR n 
1 66  CYS n 
1 67  SER n 
1 68  SER n 
1 69  CYS n 
1 70  VAL n 
1 71  ASP n 
1 72  TYR n 
1 73  SER n 
1 74  ALA n 
1 75  GLY n 
1 76  GLY n 
1 77  GLY n 
1 78  SER n 
1 79  SER n 
1 80  GLY n 
1 81  GLY n 
1 82  SER n 
1 83  THR n 
1 84  VAL n 
1 85  VAL n 
1 86  VAL n 
1 87  SER n 
1 88  SER n 
1 89  SER n 
1 90  GLY n 
1 91  THR n 
1 92  CYS n 
1 93  PRO n 
1 94  ARG n 
1 95  ILE n 
1 96  VAL n 
1 97  SER n 
1 98  LYS n 
1 99  SER n 
1 100 GLU n 
1 101 TRP n 
1 102 GLY n 
1 103 SER n 
1 104 ARG n 
1 105 ALA n 
1 106 THR n 
1 107 ASN n 
1 108 TYR n 
1 109 ASN n 
1 110 VAL n 
1 111 PHE n 
1 112 LEU n 
1 113 SER n 
1 114 LEU n 
1 115 PRO n 
1 116 VAL n 
1 117 PRO n 
1 118 LYS n 
1 119 VAL n 
1 120 VAL n 
1 121 ILE n 
1 122 HIS n 
1 123 HIS n 
1 124 SER n 
1 125 ALA n 
1 126 GLY n 
1 127 ALA n 
1 128 THR n 
1 129 CYS n 
1 130 SER n 
1 131 THR n 
1 132 GLN n 
1 133 SER n 
1 134 SER n 
1 135 CYS n 
1 136 SER n 
1 137 LEU n 
1 138 GLN n 
1 139 VAL n 
1 140 ARG n 
1 141 ASN n 
1 142 ILE n 
1 143 GLN n 
1 144 ASN n 
1 145 TYR n 
1 146 HIS n 
1 147 MET n 
1 148 ASP n 
1 149 GLY n 
1 150 ARG n 
1 151 GLY n 
1 152 TYR n 
1 153 SER n 
1 154 ASP n 
1 155 ILE n 
1 156 GLY n 
1 157 TYR n 
1 158 ASN n 
1 159 PHE n 
1 160 LEU n 
1 161 VAL n 
1 162 GLY n 
1 163 ASN n 
1 164 ASP n 
1 165 GLY n 
1 166 ASN n 
1 167 VAL n 
1 168 TYR n 
1 169 GLU n 
1 170 GLY n 
1 171 ARG n 
1 172 GLY n 
1 173 TRP n 
1 174 ASP n 
1 175 ARG n 
1 176 ARG n 
1 177 GLY n 
1 178 ALA n 
1 179 HIS n 
1 180 ALA n 
1 181 LEU n 
1 182 ASN n 
1 183 VAL n 
1 184 ASN n 
1 185 THR n 
1 186 GLU n 
1 187 SER n 
1 188 ILE n 
1 189 GLY n 
1 190 ILE n 
1 191 CYS n 
1 192 PHE n 
1 193 MET n 
1 194 GLY n 
1 195 ASP n 
1 196 PHE n 
1 197 THR n 
1 198 SER n 
1 199 GLN n 
1 200 LYS n 
1 201 PRO n 
1 202 THR n 
1 203 ALA n 
1 204 SER n 
1 205 ALA n 
1 206 ILE n 
1 207 ALA n 
1 208 ALA n 
1 209 ALA n 
1 210 LYS n 
1 211 SER n 
1 212 LEU n 
1 213 ILE n 
1 214 SER n 
1 215 CYS n 
1 216 GLY n 
1 217 VAL n 
1 218 SER n 
1 219 LEU n 
1 220 GLY n 
1 221 LYS n 
1 222 ILE n 
1 223 ARG n 
1 224 SER n 
1 225 GLY n 
1 226 TYR n 
1 227 SER n 
1 228 LEU n 
1 229 TYR n 
1 230 GLY n 
1 231 HIS n 
1 232 ARG n 
1 233 ASP n 
1 234 VAL n 
1 235 GLY n 
1 236 SER n 
1 237 THR n 
1 238 ALA n 
1 239 CYS n 
1 240 PRO n 
1 241 GLY n 
1 242 ASN n 
1 243 LEU n 
1 244 LEU n 
1 245 TYR n 
1 246 ASP n 
1 247 ASP n 
1 248 ILE n 
1 249 LYS n 
1 250 SER n 
1 251 TRP n 
1 252 GLY n 
1 253 ARG n 
1 254 TYR n 
1 255 VAL n 
1 256 GLY n 
# 
_entity_src_gen.entity_id                          1 
_entity_src_gen.pdbx_src_id                        1 
_entity_src_gen.pdbx_alt_source_flag               sample 
_entity_src_gen.pdbx_seq_type                      'Biological sequence' 
_entity_src_gen.pdbx_beg_seq_num                   1 
_entity_src_gen.pdbx_end_seq_num                   256 
_entity_src_gen.gene_src_common_name               ? 
_entity_src_gen.gene_src_genus                     ? 
_entity_src_gen.pdbx_gene_src_gene                 ? 
_entity_src_gen.gene_src_species                   ? 
_entity_src_gen.gene_src_strain                    ? 
_entity_src_gen.gene_src_tissue                    ? 
_entity_src_gen.gene_src_tissue_fraction           ? 
_entity_src_gen.gene_src_details                   ? 
_entity_src_gen.pdbx_gene_src_fragment             ? 
_entity_src_gen.pdbx_gene_src_scientific_name      'Branchiostoma belcheri tsingtauense' 
_entity_src_gen.pdbx_gene_src_ncbi_taxonomy_id     155462 
_entity_src_gen.pdbx_gene_src_variant              ? 
_entity_src_gen.pdbx_gene_src_cell_line            ? 
_entity_src_gen.pdbx_gene_src_atcc                 ? 
_entity_src_gen.pdbx_gene_src_organ                ? 
_entity_src_gen.pdbx_gene_src_organelle            ? 
_entity_src_gen.pdbx_gene_src_cell                 ? 
_entity_src_gen.pdbx_gene_src_cellular_location    ? 
_entity_src_gen.host_org_common_name               ? 
_entity_src_gen.pdbx_host_org_scientific_name      'Escherichia coli BL21(DE3)' 
_entity_src_gen.pdbx_host_org_ncbi_taxonomy_id     469008 
_entity_src_gen.host_org_genus                     ? 
_entity_src_gen.pdbx_host_org_gene                 ? 
_entity_src_gen.pdbx_host_org_organ                ? 
_entity_src_gen.host_org_species                   ? 
_entity_src_gen.pdbx_host_org_tissue               ? 
_entity_src_gen.pdbx_host_org_tissue_fraction      ? 
_entity_src_gen.pdbx_host_org_strain               'BL21(DE3)' 
_entity_src_gen.pdbx_host_org_variant              ? 
_entity_src_gen.pdbx_host_org_cell_line            ? 
_entity_src_gen.pdbx_host_org_atcc                 ? 
_entity_src_gen.pdbx_host_org_culture_collection   ? 
_entity_src_gen.pdbx_host_org_cell                 ? 
_entity_src_gen.pdbx_host_org_organelle            ? 
_entity_src_gen.pdbx_host_org_cellular_location    ? 
_entity_src_gen.pdbx_host_org_vector_type          Cosmid 
_entity_src_gen.pdbx_host_org_vector               ? 
_entity_src_gen.host_org_details                   ? 
_entity_src_gen.expression_system_id               ? 
_entity_src_gen.plasmid_name                       2BT 
_entity_src_gen.plasmid_details                    ? 
_entity_src_gen.pdbx_description                   ? 
# 
loop_
_chem_comp.id 
_chem_comp.type 
_chem_comp.mon_nstd_flag 
_chem_comp.name 
_chem_comp.pdbx_synonyms 
_chem_comp.formula 
_chem_comp.formula_weight 
ALA 'L-peptide linking' y ALANINE         ? 'C3 H7 N O2'     89.093  
ARG 'L-peptide linking' y ARGININE        ? 'C6 H15 N4 O2 1' 175.209 
ASN 'L-peptide linking' y ASPARAGINE      ? 'C4 H8 N2 O3'    132.118 
ASP 'L-peptide linking' y 'ASPARTIC ACID' ? 'C4 H7 N O4'     133.103 
CYS 'L-peptide linking' y CYSTEINE        ? 'C3 H7 N O2 S'   121.158 
GLN 'L-peptide linking' y GLUTAMINE       ? 'C5 H10 N2 O3'   146.144 
GLU 'L-peptide linking' y 'GLUTAMIC ACID' ? 'C5 H9 N O4'     147.129 
GLY 'peptide linking'   y GLYCINE         ? 'C2 H5 N O2'     75.067  
HIS 'L-peptide linking' y HISTIDINE       ? 'C6 H10 N3 O2 1' 156.162 
HOH non-polymer         . WATER           ? 'H2 O'           18.015  
ILE 'L-peptide linking' y ISOLEUCINE      ? 'C6 H13 N O2'    131.173 
LEU 'L-peptide linking' y LEUCINE         ? 'C6 H13 N O2'    131.173 
LYS 'L-peptide linking' y LYSINE          ? 'C6 H15 N2 O2 1' 147.195 
MET 'L-peptide linking' y METHIONINE      ? 'C5 H11 N O2 S'  149.211 
PHE 'L-peptide linking' y PHENYLALANINE   ? 'C9 H11 N O2'    165.189 
PRO 'L-peptide linking' y PROLINE         ? 'C5 H9 N O2'     115.130 
SER 'L-peptide linking' y SERINE          ? 'C3 H7 N O3'     105.093 
THR 'L-peptide linking' y THREONINE       ? 'C4 H9 N O3'     119.119 
TRP 'L-peptide linking' y TRYPTOPHAN      ? 'C11 H12 N2 O2'  204.225 
TYR 'L-peptide linking' y TYROSINE        ? 'C9 H11 N O3'    181.189 
VAL 'L-peptide linking' y VALINE          ? 'C5 H11 N O2'    117.146 
# 
loop_
_pdbx_poly_seq_scheme.asym_id 
_pdbx_poly_seq_scheme.entity_id 
_pdbx_poly_seq_scheme.seq_id 
_pdbx_poly_seq_scheme.mon_id 
_pdbx_poly_seq_scheme.ndb_seq_num 
_pdbx_poly_seq_scheme.pdb_seq_num 
_pdbx_poly_seq_scheme.auth_seq_num 
_pdbx_poly_seq_scheme.pdb_mon_id 
_pdbx_poly_seq_scheme.auth_mon_id 
_pdbx_poly_seq_scheme.pdb_strand_id 
_pdbx_poly_seq_scheme.pdb_ins_code 
_pdbx_poly_seq_scheme.hetero 
A 1 1   MET 1   -89 ?   ?   ?   A . n 
A 1 2   LYS 2   -88 ?   ?   ?   A . n 
A 1 3   SER 3   -87 ?   ?   ?   A . n 
A 1 4   SER 4   -86 ?   ?   ?   A . n 
A 1 5   HIS 5   -85 ?   ?   ?   A . n 
A 1 6   HIS 6   -84 ?   ?   ?   A . n 
A 1 7   HIS 7   -83 ?   ?   ?   A . n 
A 1 8   HIS 8   -82 ?   ?   ?   A . n 
A 1 9   HIS 9   -81 ?   ?   ?   A . n 
A 1 10  HIS 10  -80 ?   ?   ?   A . n 
A 1 11  GLU 11  -79 ?   ?   ?   A . n 
A 1 12  ASN 12  -78 ?   ?   ?   A . n 
A 1 13  LEU 13  -77 ?   ?   ?   A . n 
A 1 14  TYR 14  -76 ?   ?   ?   A . n 
A 1 15  PHE 15  -75 ?   ?   ?   A . n 
A 1 16  GLN 16  -74 ?   ?   ?   A . n 
A 1 17  SER 17  -73 ?   ?   ?   A . n 
A 1 18  ASN 18  -72 ?   ?   ?   A . n 
A 1 19  ALA 19  -71 ?   ?   ?   A . n 
A 1 20  GLN 20  -70 ?   ?   ?   A . n 
A 1 21  ARG 21  -69 ?   ?   ?   A . n 
A 1 22  TRP 22  -68 ?   ?   ?   A . n 
A 1 23  ARG 23  -67 ?   ?   ?   A . n 
A 1 24  SER 24  -66 ?   ?   ?   A . n 
A 1 25  ASP 25  -65 ?   ?   ?   A . n 
A 1 26  GLY 26  -64 ?   ?   ?   A . n 
A 1 27  ARG 27  -63 ?   ?   ?   A . n 
A 1 28  CYS 28  -62 ?   ?   ?   A . n 
A 1 29  GLY 29  -61 ?   ?   ?   A . n 
A 1 30  PRO 30  -60 ?   ?   ?   A . n 
A 1 31  ASN 31  -59 ?   ?   ?   A . n 
A 1 32  TYR 32  -58 ?   ?   ?   A . n 
A 1 33  PRO 33  -57 ?   ?   ?   A . n 
A 1 34  ALA 34  -56 ?   ?   ?   A . n 
A 1 35  PRO 35  -55 ?   ?   ?   A . n 
A 1 36  ASP 36  -54 ?   ?   ?   A . n 
A 1 37  ALA 37  -53 ?   ?   ?   A . n 
A 1 38  ASN 38  -52 ?   ?   ?   A . n 
A 1 39  PRO 39  -51 ?   ?   ?   A . n 
A 1 40  GLY 40  -50 ?   ?   ?   A . n 
A 1 41  GLU 41  -49 ?   ?   ?   A . n 
A 1 42  CYS 42  -48 ?   ?   ?   A . n 
A 1 43  ASN 43  -47 ?   ?   ?   A . n 
A 1 44  PRO 44  -46 ?   ?   ?   A . n 
A 1 45  HIS 45  -45 ?   ?   ?   A . n 
A 1 46  ALA 46  -44 ?   ?   ?   A . n 
A 1 47  VAL 47  -43 ?   ?   ?   A . n 
A 1 48  ASP 48  -42 ?   ?   ?   A . n 
A 1 49  HIS 49  -41 ?   ?   ?   A . n 
A 1 50  CYS 50  -40 ?   ?   ?   A . n 
A 1 51  CYS 51  -39 ?   ?   ?   A . n 
A 1 52  SER 52  -38 ?   ?   ?   A . n 
A 1 53  GLU 53  -37 ?   ?   ?   A . n 
A 1 54  TRP 54  -36 ?   ?   ?   A . n 
A 1 55  GLY 55  -35 ?   ?   ?   A . n 
A 1 56  TRP 56  -34 ?   ?   ?   A . n 
A 1 57  CYS 57  -33 ?   ?   ?   A . n 
A 1 58  GLY 58  -32 ?   ?   ?   A . n 
A 1 59  ARG 59  -31 ?   ?   ?   A . n 
A 1 60  GLU 60  -30 ?   ?   ?   A . n 
A 1 61  THR 61  -29 ?   ?   ?   A . n 
A 1 62  SER 62  -28 ?   ?   ?   A . n 
A 1 63  HIS 63  -27 ?   ?   ?   A . n 
A 1 64  CYS 64  -26 ?   ?   ?   A . n 
A 1 65  THR 65  -25 ?   ?   ?   A . n 
A 1 66  CYS 66  -24 ?   ?   ?   A . n 
A 1 67  SER 67  -23 ?   ?   ?   A . n 
A 1 68  SER 68  -22 ?   ?   ?   A . n 
A 1 69  CYS 69  -21 ?   ?   ?   A . n 
A 1 70  VAL 70  -20 ?   ?   ?   A . n 
A 1 71  ASP 71  -19 ?   ?   ?   A . n 
A 1 72  TYR 72  -18 ?   ?   ?   A . n 
A 1 73  SER 73  -17 ?   ?   ?   A . n 
A 1 74  ALA 74  -16 ?   ?   ?   A . n 
A 1 75  GLY 75  -15 ?   ?   ?   A . n 
A 1 76  GLY 76  -14 ?   ?   ?   A . n 
A 1 77  GLY 77  -13 ?   ?   ?   A . n 
A 1 78  SER 78  -12 ?   ?   ?   A . n 
A 1 79  SER 79  -11 ?   ?   ?   A . n 
A 1 80  GLY 80  -10 ?   ?   ?   A . n 
A 1 81  GLY 81  -9  ?   ?   ?   A . n 
A 1 82  SER 82  -8  ?   ?   ?   A . n 
A 1 83  THR 83  -7  ?   ?   ?   A . n 
A 1 84  VAL 84  -6  ?   ?   ?   A . n 
A 1 85  VAL 85  -5  ?   ?   ?   A . n 
A 1 86  VAL 86  -4  ?   ?   ?   A . n 
A 1 87  SER 87  -3  ?   ?   ?   A . n 
A 1 88  SER 88  -2  ?   ?   ?   A . n 
A 1 89  SER 89  -1  ?   ?   ?   A . n 
A 1 90  GLY 90  0   ?   ?   ?   A . n 
A 1 91  THR 91  1   1   THR THR A . n 
A 1 92  CYS 92  2   2   CYS CYS A . n 
A 1 93  PRO 93  3   3   PRO PRO A . n 
A 1 94  ARG 94  4   4   ARG ARG A . n 
A 1 95  ILE 95  5   5   ILE ILE A . n 
A 1 96  VAL 96  6   6   VAL VAL A . n 
A 1 97  SER 97  7   7   SER SER A . n 
A 1 98  LYS 98  8   8   LYS LYS A . n 
A 1 99  SER 99  9   9   SER SER A . n 
A 1 100 GLU 100 10  10  GLU GLU A . n 
A 1 101 TRP 101 11  11  TRP TRP A . n 
A 1 102 GLY 102 12  12  GLY GLY A . n 
A 1 103 SER 103 13  13  SER SER A . n 
A 1 104 ARG 104 14  14  ARG ARG A . n 
A 1 105 ALA 105 15  15  ALA ALA A . n 
A 1 106 THR 106 16  16  THR THR A . n 
A 1 107 ASN 107 17  17  ASN ASN A . n 
A 1 108 TYR 108 18  18  TYR TYR A . n 
A 1 109 ASN 109 19  19  ASN ASN A . n 
A 1 110 VAL 110 20  20  VAL VAL A . n 
A 1 111 PHE 111 21  21  PHE PHE A . n 
A 1 112 LEU 112 22  22  LEU LEU A . n 
A 1 113 SER 113 23  23  SER SER A . n 
A 1 114 LEU 114 24  24  LEU LEU A . n 
A 1 115 PRO 115 25  25  PRO PRO A . n 
A 1 116 VAL 116 26  26  VAL VAL A . n 
A 1 117 PRO 117 27  27  PRO PRO A . n 
A 1 118 LYS 118 28  28  LYS LYS A . n 
A 1 119 VAL 119 29  29  VAL VAL A . n 
A 1 120 VAL 120 30  30  VAL VAL A . n 
A 1 121 ILE 121 31  31  ILE ILE A . n 
A 1 122 HIS 122 32  32  HIS HIS A . n 
A 1 123 HIS 123 33  33  HIS HIS A . n 
A 1 124 SER 124 34  34  SER SER A . n 
A 1 125 ALA 125 35  35  ALA ALA A . n 
A 1 126 GLY 126 36  36  GLY GLY A . n 
A 1 127 ALA 127 37  37  ALA ALA A . n 
A 1 128 THR 128 38  38  THR THR A . n 
A 1 129 CYS 129 39  39  CYS CYS A . n 
A 1 130 SER 130 40  40  SER SER A . n 
A 1 131 THR 131 41  41  THR THR A . n 
A 1 132 GLN 132 42  42  GLN GLN A . n 
A 1 133 SER 133 43  43  SER SER A . n 
A 1 134 SER 134 44  44  SER SER A . n 
A 1 135 CYS 135 45  45  CYS CYS A . n 
A 1 136 SER 136 46  46  SER SER A . n 
A 1 137 LEU 137 47  47  LEU LEU A . n 
A 1 138 GLN 138 48  48  GLN GLN A . n 
A 1 139 VAL 139 49  49  VAL VAL A . n 
A 1 140 ARG 140 50  50  ARG ARG A . n 
A 1 141 ASN 141 51  51  ASN ASN A . n 
A 1 142 ILE 142 52  52  ILE ILE A . n 
A 1 143 GLN 143 53  53  GLN GLN A . n 
A 1 144 ASN 144 54  54  ASN ASN A . n 
A 1 145 TYR 145 55  55  TYR TYR A . n 
A 1 146 HIS 146 56  56  HIS HIS A . n 
A 1 147 MET 147 57  57  MET MET A . n 
A 1 148 ASP 148 58  58  ASP ASP A . n 
A 1 149 GLY 149 59  59  GLY GLY A . n 
A 1 150 ARG 150 60  60  ARG ARG A . n 
A 1 151 GLY 151 61  61  GLY GLY A . n 
A 1 152 TYR 152 62  62  TYR TYR A . n 
A 1 153 SER 153 63  63  SER SER A . n 
A 1 154 ASP 154 64  64  ASP ASP A . n 
A 1 155 ILE 155 65  65  ILE ILE A . n 
A 1 156 GLY 156 66  66  GLY GLY A . n 
A 1 157 TYR 157 67  67  TYR TYR A . n 
A 1 158 ASN 158 68  68  ASN ASN A . n 
A 1 159 PHE 159 69  69  PHE PHE A . n 
A 1 160 LEU 160 70  70  LEU LEU A . n 
A 1 161 VAL 161 71  71  VAL VAL A . n 
A 1 162 GLY 162 72  72  GLY GLY A . n 
A 1 163 ASN 163 73  73  ASN ASN A . n 
A 1 164 ASP 164 74  74  ASP ASP A . n 
A 1 165 GLY 165 75  75  GLY GLY A . n 
A 1 166 ASN 166 76  76  ASN ASN A . n 
A 1 167 VAL 167 77  77  VAL VAL A . n 
A 1 168 TYR 168 78  78  TYR TYR A . n 
A 1 169 GLU 169 79  79  GLU GLU A . n 
A 1 170 GLY 170 80  80  GLY GLY A . n 
A 1 171 ARG 171 81  81  ARG ARG A . n 
A 1 172 GLY 172 82  82  GLY GLY A . n 
A 1 173 TRP 173 83  83  TRP TRP A . n 
A 1 174 ASP 174 84  84  ASP ASP A . n 
A 1 175 ARG 175 85  85  ARG ARG A . n 
A 1 176 ARG 176 86  86  ARG ARG A . n 
A 1 177 GLY 177 87  87  GLY GLY A . n 
A 1 178 ALA 178 88  88  ALA ALA A . n 
A 1 179 HIS 179 89  89  HIS HIS A . n 
A 1 180 ALA 180 90  90  ALA ALA A . n 
A 1 181 LEU 181 91  91  LEU LEU A . n 
A 1 182 ASN 182 92  92  ASN ASN A . n 
A 1 183 VAL 183 93  93  VAL VAL A . n 
A 1 184 ASN 184 94  94  ASN ASN A . n 
A 1 185 THR 185 95  95  THR THR A . n 
A 1 186 GLU 186 96  96  GLU GLU A . n 
A 1 187 SER 187 97  97  SER SER A . n 
A 1 188 ILE 188 98  98  ILE ILE A . n 
A 1 189 GLY 189 99  99  GLY GLY A . n 
A 1 190 ILE 190 100 100 ILE ILE A . n 
A 1 191 CYS 191 101 101 CYS CYS A . n 
A 1 192 PHE 192 102 102 PHE PHE A . n 
A 1 193 MET 193 103 103 MET MET A . n 
A 1 194 GLY 194 104 104 GLY GLY A . n 
A 1 195 ASP 195 105 105 ASP ASP A . n 
A 1 196 PHE 196 106 106 PHE PHE A . n 
A 1 197 THR 197 107 107 THR THR A . n 
A 1 198 SER 198 108 108 SER SER A . n 
A 1 199 GLN 199 109 109 GLN GLN A . n 
A 1 200 LYS 200 110 110 LYS LYS A . n 
A 1 201 PRO 201 111 111 PRO PRO A . n 
A 1 202 THR 202 112 112 THR THR A . n 
A 1 203 ALA 203 113 113 ALA ALA A . n 
A 1 204 SER 204 114 114 SER SER A . n 
A 1 205 ALA 205 115 115 ALA ALA A . n 
A 1 206 ILE 206 116 116 ILE ILE A . n 
A 1 207 ALA 207 117 117 ALA ALA A . n 
A 1 208 ALA 208 118 118 ALA ALA A . n 
A 1 209 ALA 209 119 119 ALA ALA A . n 
A 1 210 LYS 210 120 120 LYS LYS A . n 
A 1 211 SER 211 121 121 SER SER A . n 
A 1 212 LEU 212 122 122 LEU LEU A . n 
A 1 213 ILE 213 123 123 ILE ILE A . n 
A 1 214 SER 214 124 124 SER SER A . n 
A 1 215 CYS 215 125 125 CYS CYS A . n 
A 1 216 GLY 216 126 126 GLY GLY A . n 
A 1 217 VAL 217 127 127 VAL VAL A . n 
A 1 218 SER 218 128 128 SER SER A . n 
A 1 219 LEU 219 129 129 LEU LEU A . n 
A 1 220 GLY 220 130 130 GLY GLY A . n 
A 1 221 LYS 221 131 131 LYS LYS A . n 
A 1 222 ILE 222 132 132 ILE ILE A . n 
A 1 223 ARG 223 133 133 ARG ARG A . n 
A 1 224 SER 224 134 134 SER SER A . n 
A 1 225 GLY 225 135 135 GLY GLY A . n 
A 1 226 TYR 226 136 136 TYR TYR A . n 
A 1 227 SER 227 137 137 SER SER A . n 
A 1 228 LEU 228 138 138 LEU LEU A . n 
A 1 229 TYR 229 139 139 TYR TYR A . n 
A 1 230 GLY 230 140 140 GLY GLY A . n 
A 1 231 HIS 231 141 141 HIS HIS A . n 
A 1 232 ARG 232 142 142 ARG ARG A . n 
A 1 233 ASP 233 143 143 ASP ASP A . n 
A 1 234 VAL 234 144 144 VAL VAL A . n 
A 1 235 GLY 235 145 145 GLY GLY A . n 
A 1 236 SER 236 146 146 SER SER A . n 
A 1 237 THR 237 147 147 THR THR A . n 
A 1 238 ALA 238 148 148 ALA ALA A . n 
A 1 239 CYS 239 149 149 CYS CYS A . n 
A 1 240 PRO 240 150 150 PRO PRO A . n 
A 1 241 GLY 241 151 151 GLY GLY A . n 
A 1 242 ASN 242 152 152 ASN ASN A . n 
A 1 243 LEU 243 153 153 LEU LEU A . n 
A 1 244 LEU 244 154 154 LEU LEU A . n 
A 1 245 TYR 245 155 155 TYR TYR A . n 
A 1 246 ASP 246 156 156 ASP ASP A . n 
A 1 247 ASP 247 157 157 ASP ASP A . n 
A 1 248 ILE 248 158 158 ILE ILE A . n 
A 1 249 LYS 249 159 159 LYS LYS A . n 
A 1 250 SER 250 160 160 SER SER A . n 
A 1 251 TRP 251 161 161 TRP TRP A . n 
A 1 252 GLY 252 162 162 GLY GLY A . n 
A 1 253 ARG 253 163 163 ARG ARG A . n 
A 1 254 TYR 254 164 164 TYR TYR A . n 
A 1 255 VAL 255 165 165 VAL VAL A . n 
A 1 256 GLY 256 166 ?   ?   ?   A . n 
# 
loop_
_pdbx_nonpoly_scheme.asym_id 
_pdbx_nonpoly_scheme.entity_id 
_pdbx_nonpoly_scheme.mon_id 
_pdbx_nonpoly_scheme.ndb_seq_num 
_pdbx_nonpoly_scheme.pdb_seq_num 
_pdbx_nonpoly_scheme.auth_seq_num 
_pdbx_nonpoly_scheme.pdb_mon_id 
_pdbx_nonpoly_scheme.auth_mon_id 
_pdbx_nonpoly_scheme.pdb_strand_id 
_pdbx_nonpoly_scheme.pdb_ins_code 
B 2 HOH 1  201 20 HOH HOH A . 
B 2 HOH 2  202 14 HOH HOH A . 
B 2 HOH 3  203 11 HOH HOH A . 
B 2 HOH 4  204 15 HOH HOH A . 
B 2 HOH 5  205 4  HOH HOH A . 
B 2 HOH 6  206 1  HOH HOH A . 
B 2 HOH 7  207 22 HOH HOH A . 
B 2 HOH 8  208 12 HOH HOH A . 
B 2 HOH 9  209 6  HOH HOH A . 
B 2 HOH 10 210 8  HOH HOH A . 
B 2 HOH 11 211 18 HOH HOH A . 
B 2 HOH 12 212 10 HOH HOH A . 
B 2 HOH 13 213 7  HOH HOH A . 
B 2 HOH 14 214 2  HOH HOH A . 
B 2 HOH 15 215 16 HOH HOH A . 
B 2 HOH 16 216 19 HOH HOH A . 
B 2 HOH 17 217 9  HOH HOH A . 
B 2 HOH 18 218 23 HOH HOH A . 
B 2 HOH 19 219 21 HOH HOH A . 
# 
_pdbx_unobs_or_zero_occ_atoms.id               1 
_pdbx_unobs_or_zero_occ_atoms.PDB_model_num    1 
_pdbx_unobs_or_zero_occ_atoms.polymer_flag     Y 
_pdbx_unobs_or_zero_occ_atoms.occupancy_flag   1 
_pdbx_unobs_or_zero_occ_atoms.auth_asym_id     A 
_pdbx_unobs_or_zero_occ_atoms.auth_comp_id     VAL 
_pdbx_unobs_or_zero_occ_atoms.auth_seq_id      165 
_pdbx_unobs_or_zero_occ_atoms.PDB_ins_code     ? 
_pdbx_unobs_or_zero_occ_atoms.auth_atom_id     CG2 
_pdbx_unobs_or_zero_occ_atoms.label_alt_id     ? 
_pdbx_unobs_or_zero_occ_atoms.label_asym_id    A 
_pdbx_unobs_or_zero_occ_atoms.label_comp_id    VAL 
_pdbx_unobs_or_zero_occ_atoms.label_seq_id     255 
_pdbx_unobs_or_zero_occ_atoms.label_atom_id    CG2 
# 
loop_
_software.citation_id 
_software.classification 
_software.compiler_name 
_software.compiler_version 
_software.contact_author 
_software.contact_author_email 
_software.date 
_software.description 
_software.dependencies 
_software.hardware 
_software.language 
_software.location 
_software.mods 
_software.name 
_software.os 
_software.os_version 
_software.type 
_software.version 
_software.pdbx_ordinal 
? refinement       ? ? ? ? ? ? ? ? ? ? ? REFMAC   ? ? ? 5.8.0049 1 
? 'data reduction' ? ? ? ? ? ? ? ? ? ? ? HKL-2000 ? ? ? .        2 
? 'data scaling'   ? ? ? ? ? ? ? ? ? ? ? HKL-2000 ? ? ? .        3 
? phasing          ? ? ? ? ? ? ? ? ? ? ? MOLREP   ? ? ? .        4 
# 
_cell.angle_alpha                  90.00 
_cell.angle_alpha_esd              ? 
_cell.angle_beta                   90.00 
_cell.angle_beta_esd               ? 
_cell.angle_gamma                  120.00 
_cell.angle_gamma_esd              ? 
_cell.entry_id                     4ZXM 
_cell.details                      ? 
_cell.formula_units_Z              ? 
_cell.length_a                     79.596 
_cell.length_a_esd                 ? 
_cell.length_b                     79.596 
_cell.length_b_esd                 ? 
_cell.length_c                     82.262 
_cell.length_c_esd                 ? 
_cell.volume                       ? 
_cell.volume_esd                   ? 
_cell.Z_PDB                        6 
_cell.reciprocal_angle_alpha       ? 
_cell.reciprocal_angle_beta        ? 
_cell.reciprocal_angle_gamma       ? 
_cell.reciprocal_angle_alpha_esd   ? 
_cell.reciprocal_angle_beta_esd    ? 
_cell.reciprocal_angle_gamma_esd   ? 
_cell.reciprocal_length_a          ? 
_cell.reciprocal_length_b          ? 
_cell.reciprocal_length_c          ? 
_cell.reciprocal_length_a_esd      ? 
_cell.reciprocal_length_b_esd      ? 
_cell.reciprocal_length_c_esd      ? 
_cell.pdbx_unique_axis             ? 
# 
_symmetry.entry_id                         4ZXM 
_symmetry.cell_setting                     ? 
_symmetry.Int_Tables_number                154 
_symmetry.space_group_name_Hall            ? 
_symmetry.space_group_name_H-M             'P 32 2 1' 
_symmetry.pdbx_full_space_group_name_H-M   ? 
# 
_exptl.absorpt_coefficient_mu     ? 
_exptl.absorpt_correction_T_max   ? 
_exptl.absorpt_correction_T_min   ? 
_exptl.absorpt_correction_type    ? 
_exptl.absorpt_process_details    ? 
_exptl.entry_id                   4ZXM 
_exptl.crystals_number            ? 
_exptl.details                    ? 
_exptl.method                     'X-RAY DIFFRACTION' 
_exptl.method_details             ? 
# 
_exptl_crystal.colour                      ? 
_exptl_crystal.density_diffrn              ? 
_exptl_crystal.density_Matthews            2.73 
_exptl_crystal.density_method              ? 
_exptl_crystal.density_percent_sol         54.92 
_exptl_crystal.description                 'the entry contains Friedel pairs in F_Plus/Minus columns' 
_exptl_crystal.F_000                       ? 
_exptl_crystal.id                          1 
_exptl_crystal.preparation                 ? 
_exptl_crystal.size_max                    ? 
_exptl_crystal.size_mid                    ? 
_exptl_crystal.size_min                    ? 
_exptl_crystal.size_rad                    ? 
_exptl_crystal.colour_lustre               ? 
_exptl_crystal.colour_modifier             ? 
_exptl_crystal.colour_primary              ? 
_exptl_crystal.density_meas                ? 
_exptl_crystal.density_meas_esd            ? 
_exptl_crystal.density_meas_gt             ? 
_exptl_crystal.density_meas_lt             ? 
_exptl_crystal.density_meas_temp           ? 
_exptl_crystal.density_meas_temp_esd       ? 
_exptl_crystal.density_meas_temp_gt        ? 
_exptl_crystal.density_meas_temp_lt        ? 
_exptl_crystal.pdbx_crystal_image_url      ? 
_exptl_crystal.pdbx_crystal_image_format   ? 
_exptl_crystal.pdbx_mosaicity              ? 
_exptl_crystal.pdbx_mosaicity_esd          ? 
# 
_exptl_crystal_grow.apparatus       ? 
_exptl_crystal_grow.atmosphere      ? 
_exptl_crystal_grow.crystal_id      1 
_exptl_crystal_grow.details         ? 
_exptl_crystal_grow.method          'VAPOR DIFFUSION, HANGING DROP' 
_exptl_crystal_grow.method_ref      ? 
_exptl_crystal_grow.pH              5.6 
_exptl_crystal_grow.pressure        ? 
_exptl_crystal_grow.pressure_esd    ? 
_exptl_crystal_grow.seeding         ? 
_exptl_crystal_grow.seeding_ref     ? 
_exptl_crystal_grow.temp            289 
_exptl_crystal_grow.temp_details    ? 
_exptl_crystal_grow.temp_esd        ? 
_exptl_crystal_grow.time            ? 
_exptl_crystal_grow.pdbx_details    '1.8 M Sodium Chloride, 0.1 M citric acid' 
_exptl_crystal_grow.pdbx_pH_range   ? 
# 
_diffrn.ambient_environment    ? 
_diffrn.ambient_temp           100 
_diffrn.ambient_temp_details   ? 
_diffrn.ambient_temp_esd       ? 
_diffrn.crystal_id             1 
_diffrn.crystal_support        ? 
_diffrn.crystal_treatment      ? 
_diffrn.details                ? 
_diffrn.id                     1 
_diffrn.ambient_pressure       ? 
_diffrn.ambient_pressure_esd   ? 
_diffrn.ambient_pressure_gt    ? 
_diffrn.ambient_pressure_lt    ? 
_diffrn.ambient_temp_gt        ? 
_diffrn.ambient_temp_lt        ? 
# 
_diffrn_detector.details                      ? 
_diffrn_detector.detector                     CCD 
_diffrn_detector.diffrn_id                    1 
_diffrn_detector.type                         'ADSC QUANTUM 315r' 
_diffrn_detector.area_resol_mean              ? 
_diffrn_detector.dtime                        ? 
_diffrn_detector.pdbx_frames_total            ? 
_diffrn_detector.pdbx_collection_time_total   ? 
_diffrn_detector.pdbx_collection_date         2012-06-27 
# 
_diffrn_radiation.collimation                      ? 
_diffrn_radiation.diffrn_id                        1 
_diffrn_radiation.filter_edge                      ? 
_diffrn_radiation.inhomogeneity                    ? 
_diffrn_radiation.monochromator                    ? 
_diffrn_radiation.polarisn_norm                    ? 
_diffrn_radiation.polarisn_ratio                   ? 
_diffrn_radiation.probe                            ? 
_diffrn_radiation.type                             ? 
_diffrn_radiation.xray_symbol                      ? 
_diffrn_radiation.wavelength_id                    1 
_diffrn_radiation.pdbx_monochromatic_or_laue_m_l   M 
_diffrn_radiation.pdbx_wavelength_list             ? 
_diffrn_radiation.pdbx_wavelength                  ? 
_diffrn_radiation.pdbx_diffrn_protocol             'SINGLE WAVELENGTH' 
_diffrn_radiation.pdbx_analyzer                    ? 
_diffrn_radiation.pdbx_scattering_type             x-ray 
# 
_diffrn_radiation_wavelength.id           1 
_diffrn_radiation_wavelength.wavelength   0.97886 
_diffrn_radiation_wavelength.wt           1.0 
# 
_diffrn_source.current                     ? 
_diffrn_source.details                     ? 
_diffrn_source.diffrn_id                   1 
_diffrn_source.power                       ? 
_diffrn_source.size                        ? 
_diffrn_source.source                      SYNCHROTRON 
_diffrn_source.target                      ? 
_diffrn_source.type                        'SSRF BEAMLINE BL17U' 
_diffrn_source.voltage                     ? 
_diffrn_source.take-off_angle              ? 
_diffrn_source.pdbx_wavelength_list        0.97886 
_diffrn_source.pdbx_wavelength             ? 
_diffrn_source.pdbx_synchrotron_beamline   BL17U 
_diffrn_source.pdbx_synchrotron_site       SSRF 
# 
_reflns.B_iso_Wilson_estimate            ? 
_reflns.entry_id                         4ZXM 
_reflns.data_reduction_details           ? 
_reflns.data_reduction_method            ? 
_reflns.d_resolution_high                2.8 
_reflns.d_resolution_low                 50.0 
_reflns.details                          ? 
_reflns.limit_h_max                      ? 
_reflns.limit_h_min                      ? 
_reflns.limit_k_max                      ? 
_reflns.limit_k_min                      ? 
_reflns.limit_l_max                      ? 
_reflns.limit_l_min                      ? 
_reflns.number_all                       ? 
_reflns.number_obs                       7646 
_reflns.observed_criterion               ? 
_reflns.observed_criterion_F_max         ? 
_reflns.observed_criterion_F_min         ? 
_reflns.observed_criterion_I_max         ? 
_reflns.observed_criterion_I_min         ? 
_reflns.observed_criterion_sigma_F       ? 
_reflns.observed_criterion_sigma_I       ? 
_reflns.percent_possible_obs             98.7 
_reflns.R_free_details                   ? 
_reflns.Rmerge_F_all                     ? 
_reflns.Rmerge_F_obs                     ? 
_reflns.Friedel_coverage                 ? 
_reflns.number_gt                        ? 
_reflns.threshold_expression             ? 
_reflns.pdbx_redundancy                  3.1 
_reflns.pdbx_Rmerge_I_obs                ? 
_reflns.pdbx_Rmerge_I_all                ? 
_reflns.pdbx_Rsym_value                  ? 
_reflns.pdbx_netI_over_av_sigmaI         ? 
_reflns.pdbx_netI_over_sigmaI            8.4 
_reflns.pdbx_res_netI_over_av_sigmaI_2   ? 
_reflns.pdbx_res_netI_over_sigmaI_2      ? 
_reflns.pdbx_chi_squared                 ? 
_reflns.pdbx_scaling_rejects             ? 
_reflns.pdbx_d_res_high_opt              ? 
_reflns.pdbx_d_res_low_opt               ? 
_reflns.pdbx_d_res_opt_method            ? 
_reflns.phase_calculation_details        ? 
_reflns.pdbx_Rrim_I_all                  ? 
_reflns.pdbx_Rpim_I_all                  ? 
_reflns.pdbx_d_opt                       ? 
_reflns.pdbx_number_measured_all         ? 
_reflns.pdbx_diffrn_id                   1 
_reflns.pdbx_ordinal                     1 
_reflns.pdbx_CC_half                     ? 
_reflns.pdbx_R_split                     ? 
# 
_reflns_shell.d_res_high                  2.8 
_reflns_shell.d_res_low                   2.9 
_reflns_shell.meanI_over_sigI_all         ? 
_reflns_shell.meanI_over_sigI_obs         3.1 
_reflns_shell.number_measured_all         ? 
_reflns_shell.number_measured_obs         ? 
_reflns_shell.number_possible             ? 
_reflns_shell.number_unique_all           ? 
_reflns_shell.number_unique_obs           ? 
_reflns_shell.percent_possible_all        98.5 
_reflns_shell.percent_possible_obs        ? 
_reflns_shell.Rmerge_F_all                ? 
_reflns_shell.Rmerge_F_obs                ? 
_reflns_shell.Rmerge_I_all                ? 
_reflns_shell.Rmerge_I_obs                ? 
_reflns_shell.meanI_over_sigI_gt          ? 
_reflns_shell.meanI_over_uI_all           ? 
_reflns_shell.meanI_over_uI_gt            ? 
_reflns_shell.number_measured_gt          ? 
_reflns_shell.number_unique_gt            ? 
_reflns_shell.percent_possible_gt         ? 
_reflns_shell.Rmerge_F_gt                 ? 
_reflns_shell.Rmerge_I_gt                 ? 
_reflns_shell.pdbx_redundancy             3.2 
_reflns_shell.pdbx_Rsym_value             ? 
_reflns_shell.pdbx_chi_squared            ? 
_reflns_shell.pdbx_netI_over_sigmaI_all   ? 
_reflns_shell.pdbx_netI_over_sigmaI_obs   ? 
_reflns_shell.pdbx_Rrim_I_all             ? 
_reflns_shell.pdbx_Rpim_I_all             ? 
_reflns_shell.pdbx_rejects                ? 
_reflns_shell.pdbx_ordinal                1 
_reflns_shell.pdbx_diffrn_id              1 
_reflns_shell.pdbx_CC_half                ? 
_reflns_shell.pdbx_R_split                ? 
# 
_refine.aniso_B[1][1]                            1.31 
_refine.aniso_B[1][2]                            0.65 
_refine.aniso_B[1][3]                            0.00 
_refine.aniso_B[2][2]                            1.31 
_refine.aniso_B[2][3]                            -0.00 
_refine.aniso_B[3][3]                            -4.25 
_refine.B_iso_max                                ? 
_refine.B_iso_mean                               56.890 
_refine.B_iso_min                                ? 
_refine.correlation_coeff_Fo_to_Fc               0.939 
_refine.correlation_coeff_Fo_to_Fc_free          0.933 
_refine.details                                  'HYDROGENS HAVE BEEN ADDED IN THE RIDING POSITIONS' 
_refine.diff_density_max                         ? 
_refine.diff_density_max_esd                     ? 
_refine.diff_density_min                         ? 
_refine.diff_density_min_esd                     ? 
_refine.diff_density_rms                         ? 
_refine.diff_density_rms_esd                     ? 
_refine.entry_id                                 4ZXM 
_refine.pdbx_refine_id                           'X-RAY DIFFRACTION' 
_refine.ls_abs_structure_details                 ? 
_refine.ls_abs_structure_Flack                   ? 
_refine.ls_abs_structure_Flack_esd               ? 
_refine.ls_abs_structure_Rogers                  ? 
_refine.ls_abs_structure_Rogers_esd              ? 
_refine.ls_d_res_high                            2.80 
_refine.ls_d_res_low                             50.0 
_refine.ls_extinction_coef                       ? 
_refine.ls_extinction_coef_esd                   ? 
_refine.ls_extinction_expression                 ? 
_refine.ls_extinction_method                     ? 
_refine.ls_goodness_of_fit_all                   ? 
_refine.ls_goodness_of_fit_all_esd               ? 
_refine.ls_goodness_of_fit_obs                   ? 
_refine.ls_goodness_of_fit_obs_esd               ? 
_refine.ls_hydrogen_treatment                    ? 
_refine.ls_matrix_type                           ? 
_refine.ls_number_constraints                    ? 
_refine.ls_number_parameters                     ? 
_refine.ls_number_reflns_all                     ? 
_refine.ls_number_reflns_obs                     7285 
_refine.ls_number_reflns_R_free                  350 
_refine.ls_number_reflns_R_work                  ? 
_refine.ls_number_restraints                     ? 
_refine.ls_percent_reflns_obs                    98.73 
_refine.ls_percent_reflns_R_free                 4.6 
_refine.ls_R_factor_all                          ? 
_refine.ls_R_factor_obs                          0.19767 
_refine.ls_R_factor_R_free                       0.21948 
_refine.ls_R_factor_R_free_error                 ? 
_refine.ls_R_factor_R_free_error_details         ? 
_refine.ls_R_factor_R_work                       0.19653 
_refine.ls_R_Fsqd_factor_obs                     ? 
_refine.ls_R_I_factor_obs                        ? 
_refine.ls_redundancy_reflns_all                 ? 
_refine.ls_redundancy_reflns_obs                 ? 
_refine.ls_restrained_S_all                      ? 
_refine.ls_restrained_S_obs                      ? 
_refine.ls_shift_over_esd_max                    ? 
_refine.ls_shift_over_esd_mean                   ? 
_refine.ls_structure_factor_coef                 ? 
_refine.ls_weighting_details                     ? 
_refine.ls_weighting_scheme                      ? 
_refine.ls_wR_factor_all                         ? 
_refine.ls_wR_factor_obs                         ? 
_refine.ls_wR_factor_R_free                      ? 
_refine.ls_wR_factor_R_work                      ? 
_refine.occupancy_max                            ? 
_refine.occupancy_min                            ? 
_refine.solvent_model_details                    MASK 
_refine.solvent_model_param_bsol                 ? 
_refine.solvent_model_param_ksol                 ? 
_refine.ls_R_factor_gt                           ? 
_refine.ls_goodness_of_fit_gt                    ? 
_refine.ls_goodness_of_fit_ref                   ? 
_refine.ls_shift_over_su_max                     ? 
_refine.ls_shift_over_su_max_lt                  ? 
_refine.ls_shift_over_su_mean                    ? 
_refine.ls_shift_over_su_mean_lt                 ? 
_refine.pdbx_ls_sigma_I                          ? 
_refine.pdbx_ls_sigma_F                          ? 
_refine.pdbx_ls_sigma_Fsqd                       ? 
_refine.pdbx_data_cutoff_high_absF               ? 
_refine.pdbx_data_cutoff_high_rms_absF           ? 
_refine.pdbx_data_cutoff_low_absF                ? 
_refine.pdbx_isotropic_thermal_model             ? 
_refine.pdbx_ls_cross_valid_method               THROUGHOUT 
_refine.pdbx_method_to_determine_struct          'MOLECULAR REPLACEMENT' 
_refine.pdbx_starting_model                      1OHT 
_refine.pdbx_stereochemistry_target_values       'MAXIMUM LIKELIHOOD' 
_refine.pdbx_R_Free_selection_details            RANDOM 
_refine.pdbx_stereochem_target_val_spec_case     ? 
_refine.pdbx_overall_ESU_R                       0.429 
_refine.pdbx_overall_ESU_R_Free                  0.262 
_refine.pdbx_solvent_vdw_probe_radii             1.20 
_refine.pdbx_solvent_ion_probe_radii             0.80 
_refine.pdbx_solvent_shrinkage_radii             0.80 
_refine.pdbx_real_space_R                        ? 
_refine.pdbx_density_correlation                 ? 
_refine.pdbx_pd_number_of_powder_patterns        ? 
_refine.pdbx_pd_number_of_points                 ? 
_refine.pdbx_pd_meas_number_of_points            ? 
_refine.pdbx_pd_proc_ls_prof_R_factor            ? 
_refine.pdbx_pd_proc_ls_prof_wR_factor           ? 
_refine.pdbx_pd_Marquardt_correlation_coeff      ? 
_refine.pdbx_pd_Fsqrd_R_factor                   ? 
_refine.pdbx_pd_ls_matrix_band_width             ? 
_refine.pdbx_overall_phase_error                 ? 
_refine.pdbx_overall_SU_R_free_Cruickshank_DPI   ? 
_refine.pdbx_overall_SU_R_free_Blow_DPI          ? 
_refine.pdbx_overall_SU_R_Blow_DPI               ? 
_refine.pdbx_TLS_residual_ADP_flag               ? 
_refine.pdbx_diffrn_id                           1 
_refine.overall_SU_B                             12.028 
_refine.overall_SU_ML                            0.221 
_refine.overall_SU_R_Cruickshank_DPI             ? 
_refine.overall_SU_R_free                        ? 
_refine.overall_FOM_free_R_set                   ? 
_refine.overall_FOM_work_R_set                   ? 
_refine.pdbx_average_fsc_overall                 ? 
_refine.pdbx_average_fsc_work                    ? 
_refine.pdbx_average_fsc_free                    ? 
# 
_refine_hist.pdbx_refine_id                   'X-RAY DIFFRACTION' 
_refine_hist.cycle_id                         LAST 
_refine_hist.pdbx_number_atoms_protein        1252 
_refine_hist.pdbx_number_atoms_nucleic_acid   0 
_refine_hist.pdbx_number_atoms_ligand         0 
_refine_hist.number_atoms_solvent             19 
_refine_hist.number_atoms_total               1271 
_refine_hist.d_res_high                       2.80 
_refine_hist.d_res_low                        50.0 
# 
loop_
_refine_ls_restr.pdbx_refine_id 
_refine_ls_restr.criterion 
_refine_ls_restr.dev_ideal 
_refine_ls_restr.dev_ideal_target 
_refine_ls_restr.number 
_refine_ls_restr.rejects 
_refine_ls_restr.type 
_refine_ls_restr.weight 
_refine_ls_restr.pdbx_restraint_function 
'X-RAY DIFFRACTION' ? 0.007  0.019  1282 ? r_bond_refined_d             ? ? 
'X-RAY DIFFRACTION' ? 0.001  0.020  1172 ? r_bond_other_d               ? ? 
'X-RAY DIFFRACTION' ? 1.114  1.926  1737 ? r_angle_refined_deg          ? ? 
'X-RAY DIFFRACTION' ? 0.729  3.000  2686 ? r_angle_other_deg            ? ? 
'X-RAY DIFFRACTION' ? 6.477  5.000  164  ? r_dihedral_angle_1_deg       ? ? 
'X-RAY DIFFRACTION' ? 38.211 22.679 56   ? r_dihedral_angle_2_deg       ? ? 
'X-RAY DIFFRACTION' ? 15.595 15.000 198  ? r_dihedral_angle_3_deg       ? ? 
'X-RAY DIFFRACTION' ? 15.869 15.000 10   ? r_dihedral_angle_4_deg       ? ? 
'X-RAY DIFFRACTION' ? 0.068  0.200  185  ? r_chiral_restr               ? ? 
'X-RAY DIFFRACTION' ? 0.003  0.020  1491 ? r_gen_planes_refined         ? ? 
'X-RAY DIFFRACTION' ? 0.001  0.020  321  ? r_gen_planes_other           ? ? 
'X-RAY DIFFRACTION' ? ?      ?      ?    ? r_nbd_refined                ? ? 
'X-RAY DIFFRACTION' ? ?      ?      ?    ? r_nbd_other                  ? ? 
'X-RAY DIFFRACTION' ? ?      ?      ?    ? r_nbtor_refined              ? ? 
'X-RAY DIFFRACTION' ? ?      ?      ?    ? r_nbtor_other                ? ? 
'X-RAY DIFFRACTION' ? ?      ?      ?    ? r_xyhbond_nbd_refined        ? ? 
'X-RAY DIFFRACTION' ? ?      ?      ?    ? r_xyhbond_nbd_other          ? ? 
'X-RAY DIFFRACTION' ? ?      ?      ?    ? r_metal_ion_refined          ? ? 
'X-RAY DIFFRACTION' ? ?      ?      ?    ? r_metal_ion_other            ? ? 
'X-RAY DIFFRACTION' ? ?      ?      ?    ? r_symmetry_vdw_refined       ? ? 
'X-RAY DIFFRACTION' ? ?      ?      ?    ? r_symmetry_vdw_other         ? ? 
'X-RAY DIFFRACTION' ? ?      ?      ?    ? r_symmetry_hbond_refined     ? ? 
'X-RAY DIFFRACTION' ? ?      ?      ?    ? r_symmetry_hbond_other       ? ? 
'X-RAY DIFFRACTION' ? ?      ?      ?    ? r_symmetry_metal_ion_refined ? ? 
'X-RAY DIFFRACTION' ? ?      ?      ?    ? r_symmetry_metal_ion_other   ? ? 
'X-RAY DIFFRACTION' ? 2.389  5.670  659  ? r_mcbond_it                  ? ? 
'X-RAY DIFFRACTION' ? 2.388  5.671  658  ? r_mcbond_other               ? ? 
'X-RAY DIFFRACTION' ? 4.192  8.504  822  ? r_mcangle_it                 ? ? 
'X-RAY DIFFRACTION' ? 4.189  8.502  823  ? r_mcangle_other              ? ? 
'X-RAY DIFFRACTION' ? 2.686  5.848  623  ? r_scbond_it                  ? ? 
'X-RAY DIFFRACTION' ? 2.684  5.846  624  ? r_scbond_other               ? ? 
'X-RAY DIFFRACTION' ? ?      ?      ?    ? r_scangle_it                 ? ? 
'X-RAY DIFFRACTION' ? 4.380  8.701  916  ? r_scangle_other              ? ? 
'X-RAY DIFFRACTION' ? 7.924  44.524 1457 ? r_long_range_B_refined       ? ? 
'X-RAY DIFFRACTION' ? 7.921  44.526 1458 ? r_long_range_B_other         ? ? 
'X-RAY DIFFRACTION' ? ?      ?      ?    ? r_rigid_bond_restr           ? ? 
'X-RAY DIFFRACTION' ? ?      ?      ?    ? r_sphericity_free            ? ? 
'X-RAY DIFFRACTION' ? ?      ?      ?    ? r_sphericity_bonded          ? ? 
# 
_refine_ls_shell.pdbx_refine_id                   'X-RAY DIFFRACTION' 
_refine_ls_shell.d_res_high                       2.801 
_refine_ls_shell.d_res_low                        2.874 
_refine_ls_shell.number_reflns_all                ? 
_refine_ls_shell.number_reflns_obs                ? 
_refine_ls_shell.number_reflns_R_free             21 
_refine_ls_shell.number_reflns_R_work             534 
_refine_ls_shell.percent_reflns_obs               98.40 
_refine_ls_shell.percent_reflns_R_free            ? 
_refine_ls_shell.R_factor_all                     ? 
_refine_ls_shell.R_factor_obs                     ? 
_refine_ls_shell.R_factor_R_free                  0.249 
_refine_ls_shell.R_factor_R_free_error            ? 
_refine_ls_shell.R_factor_R_work                  0.267 
_refine_ls_shell.redundancy_reflns_all            ? 
_refine_ls_shell.redundancy_reflns_obs            ? 
_refine_ls_shell.wR_factor_all                    ? 
_refine_ls_shell.wR_factor_obs                    ? 
_refine_ls_shell.wR_factor_R_free                 ? 
_refine_ls_shell.wR_factor_R_work                 ? 
_refine_ls_shell.pdbx_total_number_of_bins_used   20 
_refine_ls_shell.pdbx_phase_error                 ? 
_refine_ls_shell.pdbx_fsc_work                    ? 
_refine_ls_shell.pdbx_fsc_free                    ? 
# 
_struct.entry_id                     4ZXM 
_struct.title                        
'Crystal structure of PGRP domain from Branchiostoma belcheri tsingtauense peptidoglycan recognition protein 3' 
_struct.pdbx_model_details           ? 
_struct.pdbx_formula_weight          ? 
_struct.pdbx_formula_weight_method   ? 
_struct.pdbx_model_type_details      ? 
_struct.pdbx_CASP_flag               ? 
# 
_struct_keywords.entry_id        4ZXM 
_struct_keywords.text            'peptidoglycan recognition protein, amidase, HYDROLASE' 
_struct_keywords.pdbx_keywords   HYDROLASE 
# 
loop_
_struct_asym.id 
_struct_asym.pdbx_blank_PDB_chainid_flag 
_struct_asym.pdbx_modified 
_struct_asym.entity_id 
_struct_asym.details 
A N N 1 ? 
B N N 2 ? 
# 
_struct_ref.id                         1 
_struct_ref.db_name                    PDB 
_struct_ref.db_code                    4ZXM 
_struct_ref.pdbx_db_accession          4ZXM 
_struct_ref.pdbx_db_isoform            ? 
_struct_ref.entity_id                  1 
_struct_ref.pdbx_seq_one_letter_code   ? 
_struct_ref.pdbx_align_begin           1 
# 
_struct_ref_seq.align_id                      1 
_struct_ref_seq.ref_id                        1 
_struct_ref_seq.pdbx_PDB_id_code              4ZXM 
_struct_ref_seq.pdbx_strand_id                A 
_struct_ref_seq.seq_align_beg                 1 
_struct_ref_seq.pdbx_seq_align_beg_ins_code   ? 
_struct_ref_seq.seq_align_end                 256 
_struct_ref_seq.pdbx_seq_align_end_ins_code   ? 
_struct_ref_seq.pdbx_db_accession             4ZXM 
_struct_ref_seq.db_align_beg                  -89 
_struct_ref_seq.pdbx_db_align_beg_ins_code    ? 
_struct_ref_seq.db_align_end                  166 
_struct_ref_seq.pdbx_db_align_end_ins_code    ? 
_struct_ref_seq.pdbx_auth_seq_align_beg       -89 
_struct_ref_seq.pdbx_auth_seq_align_end       166 
# 
_pdbx_struct_assembly.id                   1 
_pdbx_struct_assembly.details              author_defined_assembly 
_pdbx_struct_assembly.method_details       ? 
_pdbx_struct_assembly.oligomeric_details   monomeric 
_pdbx_struct_assembly.oligomeric_count     1 
# 
loop_
_pdbx_struct_assembly_prop.biol_id 
_pdbx_struct_assembly_prop.type 
_pdbx_struct_assembly_prop.value 
_pdbx_struct_assembly_prop.details 
1 'ABSA (A^2)' 0    ? 
1 MORE         0    ? 
1 'SSA (A^2)'  7420 ? 
# 
_pdbx_struct_assembly_gen.assembly_id       1 
_pdbx_struct_assembly_gen.oper_expression   1 
_pdbx_struct_assembly_gen.asym_id_list      A,B 
# 
_pdbx_struct_oper_list.id                   1 
_pdbx_struct_oper_list.type                 'identity operation' 
_pdbx_struct_oper_list.name                 1_555 
_pdbx_struct_oper_list.symmetry_operation   x,y,z 
_pdbx_struct_oper_list.matrix[1][1]         1.0000000000 
_pdbx_struct_oper_list.matrix[1][2]         0.0000000000 
_pdbx_struct_oper_list.matrix[1][3]         0.0000000000 
_pdbx_struct_oper_list.vector[1]            0.0000000000 
_pdbx_struct_oper_list.matrix[2][1]         0.0000000000 
_pdbx_struct_oper_list.matrix[2][2]         1.0000000000 
_pdbx_struct_oper_list.matrix[2][3]         0.0000000000 
_pdbx_struct_oper_list.vector[2]            0.0000000000 
_pdbx_struct_oper_list.matrix[3][1]         0.0000000000 
_pdbx_struct_oper_list.matrix[3][2]         0.0000000000 
_pdbx_struct_oper_list.matrix[3][3]         1.0000000000 
_pdbx_struct_oper_list.vector[3]            0.0000000000 
# 
loop_
_struct_conf.conf_type_id 
_struct_conf.id 
_struct_conf.pdbx_PDB_helix_id 
_struct_conf.beg_label_comp_id 
_struct_conf.beg_label_asym_id 
_struct_conf.beg_label_seq_id 
_struct_conf.pdbx_beg_PDB_ins_code 
_struct_conf.end_label_comp_id 
_struct_conf.end_label_asym_id 
_struct_conf.end_label_seq_id 
_struct_conf.pdbx_end_PDB_ins_code 
_struct_conf.beg_auth_comp_id 
_struct_conf.beg_auth_asym_id 
_struct_conf.beg_auth_seq_id 
_struct_conf.end_auth_comp_id 
_struct_conf.end_auth_asym_id 
_struct_conf.end_auth_seq_id 
_struct_conf.pdbx_PDB_helix_class 
_struct_conf.details 
_struct_conf.pdbx_PDB_helix_length 
HELX_P HELX_P1 AA1 SER A 97  ? GLY A 102 ? SER A 7   GLY A 12  1 ? 6  
HELX_P HELX_P2 AA2 THR A 131 ? GLY A 149 ? THR A 41  GLY A 59  1 ? 19 
HELX_P HELX_P3 AA3 VAL A 183 ? THR A 185 ? VAL A 93  THR A 95  5 ? 3  
HELX_P HELX_P4 AA4 THR A 202 ? LEU A 219 ? THR A 112 LEU A 129 1 ? 18 
HELX_P HELX_P5 AA5 HIS A 231 ? GLY A 235 ? HIS A 141 GLY A 145 1 ? 5  
HELX_P HELX_P6 AA6 ASN A 242 ? ILE A 248 ? ASN A 152 ILE A 158 1 ? 7  
HELX_P HELX_P7 AA7 LYS A 249 ? TRP A 251 ? LYS A 159 TRP A 161 5 ? 3  
# 
_struct_conf_type.id          HELX_P 
_struct_conf_type.criteria    ? 
_struct_conf_type.reference   ? 
# 
loop_
_struct_conn.id 
_struct_conn.conn_type_id 
_struct_conn.pdbx_leaving_atom_flag 
_struct_conn.pdbx_PDB_id 
_struct_conn.ptnr1_label_asym_id 
_struct_conn.ptnr1_label_comp_id 
_struct_conn.ptnr1_label_seq_id 
_struct_conn.ptnr1_label_atom_id 
_struct_conn.pdbx_ptnr1_label_alt_id 
_struct_conn.pdbx_ptnr1_PDB_ins_code 
_struct_conn.pdbx_ptnr1_standard_comp_id 
_struct_conn.ptnr1_symmetry 
_struct_conn.ptnr2_label_asym_id 
_struct_conn.ptnr2_label_comp_id 
_struct_conn.ptnr2_label_seq_id 
_struct_conn.ptnr2_label_atom_id 
_struct_conn.pdbx_ptnr2_label_alt_id 
_struct_conn.pdbx_ptnr2_PDB_ins_code 
_struct_conn.ptnr1_auth_asym_id 
_struct_conn.ptnr1_auth_comp_id 
_struct_conn.ptnr1_auth_seq_id 
_struct_conn.ptnr2_auth_asym_id 
_struct_conn.ptnr2_auth_comp_id 
_struct_conn.ptnr2_auth_seq_id 
_struct_conn.ptnr2_symmetry 
_struct_conn.pdbx_ptnr3_label_atom_id 
_struct_conn.pdbx_ptnr3_label_seq_id 
_struct_conn.pdbx_ptnr3_label_comp_id 
_struct_conn.pdbx_ptnr3_label_asym_id 
_struct_conn.pdbx_ptnr3_label_alt_id 
_struct_conn.pdbx_ptnr3_PDB_ins_code 
_struct_conn.details 
_struct_conn.pdbx_dist_value 
_struct_conn.pdbx_value_order 
_struct_conn.pdbx_role 
disulf1 disulf ? ? A CYS 92  SG ? ? ? 1_555 A CYS 215 SG ? ? A CYS 2  A CYS 125 1_555 ? ? ? ? ? ? ? 2.063 ? ? 
disulf2 disulf ? ? A CYS 129 SG ? ? ? 1_555 A CYS 135 SG ? ? A CYS 39 A CYS 45  1_555 ? ? ? ? ? ? ? 2.075 ? ? 
# 
_struct_conn_type.id          disulf 
_struct_conn_type.criteria    ? 
_struct_conn_type.reference   ? 
# 
loop_
_pdbx_modification_feature.ordinal 
_pdbx_modification_feature.label_comp_id 
_pdbx_modification_feature.label_asym_id 
_pdbx_modification_feature.label_seq_id 
_pdbx_modification_feature.label_alt_id 
_pdbx_modification_feature.modified_residue_label_comp_id 
_pdbx_modification_feature.modified_residue_label_asym_id 
_pdbx_modification_feature.modified_residue_label_seq_id 
_pdbx_modification_feature.modified_residue_label_alt_id 
_pdbx_modification_feature.auth_comp_id 
_pdbx_modification_feature.auth_asym_id 
_pdbx_modification_feature.auth_seq_id 
_pdbx_modification_feature.PDB_ins_code 
_pdbx_modification_feature.symmetry 
_pdbx_modification_feature.modified_residue_auth_comp_id 
_pdbx_modification_feature.modified_residue_auth_asym_id 
_pdbx_modification_feature.modified_residue_auth_seq_id 
_pdbx_modification_feature.modified_residue_PDB_ins_code 
_pdbx_modification_feature.modified_residue_symmetry 
_pdbx_modification_feature.comp_id_linking_atom 
_pdbx_modification_feature.modified_residue_id_linking_atom 
_pdbx_modification_feature.modified_residue_id 
_pdbx_modification_feature.ref_pcm_id 
_pdbx_modification_feature.ref_comp_id 
_pdbx_modification_feature.type 
_pdbx_modification_feature.category 
1 CYS A 92  ? CYS A 215 ? CYS A 2  ? 1_555 CYS A 125 ? 1_555 SG SG . . . None 'Disulfide bridge' 
2 CYS A 129 ? CYS A 135 ? CYS A 39 ? 1_555 CYS A 45  ? 1_555 SG SG . . . None 'Disulfide bridge' 
# 
loop_
_struct_mon_prot_cis.pdbx_id 
_struct_mon_prot_cis.label_comp_id 
_struct_mon_prot_cis.label_seq_id 
_struct_mon_prot_cis.label_asym_id 
_struct_mon_prot_cis.label_alt_id 
_struct_mon_prot_cis.pdbx_PDB_ins_code 
_struct_mon_prot_cis.auth_comp_id 
_struct_mon_prot_cis.auth_seq_id 
_struct_mon_prot_cis.auth_asym_id 
_struct_mon_prot_cis.pdbx_label_comp_id_2 
_struct_mon_prot_cis.pdbx_label_seq_id_2 
_struct_mon_prot_cis.pdbx_label_asym_id_2 
_struct_mon_prot_cis.pdbx_PDB_ins_code_2 
_struct_mon_prot_cis.pdbx_auth_comp_id_2 
_struct_mon_prot_cis.pdbx_auth_seq_id_2 
_struct_mon_prot_cis.pdbx_auth_asym_id_2 
_struct_mon_prot_cis.pdbx_PDB_model_num 
_struct_mon_prot_cis.pdbx_omega_angle 
1 LEU 114 A . ? LEU 24 A PRO 115 A ? PRO 25 A 1 -4.56  
2 LEU 181 A . ? LEU 91 A ASN 182 A ? ASN 92 A 1 -18.38 
# 
_struct_sheet.id               AA1 
_struct_sheet.type             ? 
_struct_sheet.number_strands   6 
_struct_sheet.details          ? 
# 
loop_
_struct_sheet_order.sheet_id 
_struct_sheet_order.range_id_1 
_struct_sheet_order.range_id_2 
_struct_sheet_order.offset 
_struct_sheet_order.sense 
AA1 1 2 ? parallel      
AA1 2 3 ? anti-parallel 
AA1 3 4 ? parallel      
AA1 4 5 ? parallel      
AA1 5 6 ? parallel      
# 
loop_
_struct_sheet_range.sheet_id 
_struct_sheet_range.id 
_struct_sheet_range.beg_label_comp_id 
_struct_sheet_range.beg_label_asym_id 
_struct_sheet_range.beg_label_seq_id 
_struct_sheet_range.pdbx_beg_PDB_ins_code 
_struct_sheet_range.end_label_comp_id 
_struct_sheet_range.end_label_asym_id 
_struct_sheet_range.end_label_seq_id 
_struct_sheet_range.pdbx_end_PDB_ins_code 
_struct_sheet_range.beg_auth_comp_id 
_struct_sheet_range.beg_auth_asym_id 
_struct_sheet_range.beg_auth_seq_id 
_struct_sheet_range.end_auth_comp_id 
_struct_sheet_range.end_auth_asym_id 
_struct_sheet_range.end_auth_seq_id 
AA1 1 ILE A 95  ? VAL A 96  ? ILE A 5   VAL A 6   
AA1 2 VAL A 167 ? GLU A 169 ? VAL A 77  GLU A 79  
AA1 3 PHE A 159 ? VAL A 161 ? PHE A 69  VAL A 71  
AA1 4 SER A 187 ? PHE A 192 ? SER A 97  PHE A 102 
AA1 5 VAL A 116 ? HIS A 123 ? VAL A 26  HIS A 33  
AA1 6 ILE A 222 ? GLY A 230 ? ILE A 132 GLY A 140 
# 
loop_
_pdbx_struct_sheet_hbond.sheet_id 
_pdbx_struct_sheet_hbond.range_id_1 
_pdbx_struct_sheet_hbond.range_id_2 
_pdbx_struct_sheet_hbond.range_1_label_atom_id 
_pdbx_struct_sheet_hbond.range_1_label_comp_id 
_pdbx_struct_sheet_hbond.range_1_label_asym_id 
_pdbx_struct_sheet_hbond.range_1_label_seq_id 
_pdbx_struct_sheet_hbond.range_1_PDB_ins_code 
_pdbx_struct_sheet_hbond.range_1_auth_atom_id 
_pdbx_struct_sheet_hbond.range_1_auth_comp_id 
_pdbx_struct_sheet_hbond.range_1_auth_asym_id 
_pdbx_struct_sheet_hbond.range_1_auth_seq_id 
_pdbx_struct_sheet_hbond.range_2_label_atom_id 
_pdbx_struct_sheet_hbond.range_2_label_comp_id 
_pdbx_struct_sheet_hbond.range_2_label_asym_id 
_pdbx_struct_sheet_hbond.range_2_label_seq_id 
_pdbx_struct_sheet_hbond.range_2_PDB_ins_code 
_pdbx_struct_sheet_hbond.range_2_auth_atom_id 
_pdbx_struct_sheet_hbond.range_2_auth_comp_id 
_pdbx_struct_sheet_hbond.range_2_auth_asym_id 
_pdbx_struct_sheet_hbond.range_2_auth_seq_id 
AA1 1 2 N VAL A 96  ? N VAL A 6   O VAL A 167 ? O VAL A 77  
AA1 2 3 O TYR A 168 ? O TYR A 78  N LEU A 160 ? N LEU A 70  
AA1 3 4 N VAL A 161 ? N VAL A 71  O CYS A 191 ? O CYS A 101 
AA1 4 5 O ILE A 190 ? O ILE A 100 N HIS A 122 ? N HIS A 32  
AA1 5 6 N VAL A 119 ? N VAL A 29  O TYR A 229 ? O TYR A 139 
# 
_pdbx_entry_details.compound_details           ? 
_pdbx_entry_details.entry_id                   4ZXM 
_pdbx_entry_details.nonpolymer_details         ? 
_pdbx_entry_details.sequence_details           
'This sequence has already been submitted to GenBank and accession number is KR136228.' 
_pdbx_entry_details.source_details             ? 
_pdbx_entry_details.has_ligand_of_interest     ? 
_pdbx_entry_details.has_protein_modification   Y 
# 
loop_
_pdbx_validate_close_contact.id 
_pdbx_validate_close_contact.PDB_model_num 
_pdbx_validate_close_contact.auth_atom_id_1 
_pdbx_validate_close_contact.auth_asym_id_1 
_pdbx_validate_close_contact.auth_comp_id_1 
_pdbx_validate_close_contact.auth_seq_id_1 
_pdbx_validate_close_contact.PDB_ins_code_1 
_pdbx_validate_close_contact.label_alt_id_1 
_pdbx_validate_close_contact.auth_atom_id_2 
_pdbx_validate_close_contact.auth_asym_id_2 
_pdbx_validate_close_contact.auth_comp_id_2 
_pdbx_validate_close_contact.auth_seq_id_2 
_pdbx_validate_close_contact.PDB_ins_code_2 
_pdbx_validate_close_contact.label_alt_id_2 
_pdbx_validate_close_contact.dist 
1 1 OH  A TYR 155 ? ? O A HOH 201 ? ? 1.45 
2 1 O   A SER 97  ? ? O A HOH 202 ? ? 1.63 
3 1 O   A ASP 105 ? ? O A HOH 203 ? ? 2.02 
4 1 ND2 A ASN 152 ? ? O A HOH 204 ? ? 2.15 
# 
loop_
_pdbx_validate_torsion.id 
_pdbx_validate_torsion.PDB_model_num 
_pdbx_validate_torsion.auth_comp_id 
_pdbx_validate_torsion.auth_asym_id 
_pdbx_validate_torsion.auth_seq_id 
_pdbx_validate_torsion.PDB_ins_code 
_pdbx_validate_torsion.label_alt_id 
_pdbx_validate_torsion.phi 
_pdbx_validate_torsion.psi 
1 1 ASN A 17 ? ? -147.20 52.52 
2 1 ASN A 92 ? ? -101.17 56.16 
3 1 GLU A 96 ? ? -143.51 44.20 
# 
_pdbx_struct_special_symmetry.id              1 
_pdbx_struct_special_symmetry.PDB_model_num   1 
_pdbx_struct_special_symmetry.auth_asym_id    A 
_pdbx_struct_special_symmetry.auth_comp_id    HOH 
_pdbx_struct_special_symmetry.auth_seq_id     206 
_pdbx_struct_special_symmetry.PDB_ins_code    ? 
_pdbx_struct_special_symmetry.label_asym_id   B 
_pdbx_struct_special_symmetry.label_comp_id   HOH 
_pdbx_struct_special_symmetry.label_seq_id    . 
# 
loop_
_pdbx_unobs_or_zero_occ_residues.id 
_pdbx_unobs_or_zero_occ_residues.PDB_model_num 
_pdbx_unobs_or_zero_occ_residues.polymer_flag 
_pdbx_unobs_or_zero_occ_residues.occupancy_flag 
_pdbx_unobs_or_zero_occ_residues.auth_asym_id 
_pdbx_unobs_or_zero_occ_residues.auth_comp_id 
_pdbx_unobs_or_zero_occ_residues.auth_seq_id 
_pdbx_unobs_or_zero_occ_residues.PDB_ins_code 
_pdbx_unobs_or_zero_occ_residues.label_asym_id 
_pdbx_unobs_or_zero_occ_residues.label_comp_id 
_pdbx_unobs_or_zero_occ_residues.label_seq_id 
1  1 Y 1 A MET -89 ? A MET 1   
2  1 Y 1 A LYS -88 ? A LYS 2   
3  1 Y 1 A SER -87 ? A SER 3   
4  1 Y 1 A SER -86 ? A SER 4   
5  1 Y 1 A HIS -85 ? A HIS 5   
6  1 Y 1 A HIS -84 ? A HIS 6   
7  1 Y 1 A HIS -83 ? A HIS 7   
8  1 Y 1 A HIS -82 ? A HIS 8   
9  1 Y 1 A HIS -81 ? A HIS 9   
10 1 Y 1 A HIS -80 ? A HIS 10  
11 1 Y 1 A GLU -79 ? A GLU 11  
12 1 Y 1 A ASN -78 ? A ASN 12  
13 1 Y 1 A LEU -77 ? A LEU 13  
14 1 Y 1 A TYR -76 ? A TYR 14  
15 1 Y 1 A PHE -75 ? A PHE 15  
16 1 Y 1 A GLN -74 ? A GLN 16  
17 1 Y 1 A SER -73 ? A SER 17  
18 1 Y 1 A ASN -72 ? A ASN 18  
19 1 Y 1 A ALA -71 ? A ALA 19  
20 1 Y 1 A GLN -70 ? A GLN 20  
21 1 Y 1 A ARG -69 ? A ARG 21  
22 1 Y 1 A TRP -68 ? A TRP 22  
23 1 Y 1 A ARG -67 ? A ARG 23  
24 1 Y 1 A SER -66 ? A SER 24  
25 1 Y 1 A ASP -65 ? A ASP 25  
26 1 Y 1 A GLY -64 ? A GLY 26  
27 1 Y 1 A ARG -63 ? A ARG 27  
28 1 Y 1 A CYS -62 ? A CYS 28  
29 1 Y 1 A GLY -61 ? A GLY 29  
30 1 Y 1 A PRO -60 ? A PRO 30  
31 1 Y 1 A ASN -59 ? A ASN 31  
32 1 Y 1 A TYR -58 ? A TYR 32  
33 1 Y 1 A PRO -57 ? A PRO 33  
34 1 Y 1 A ALA -56 ? A ALA 34  
35 1 Y 1 A PRO -55 ? A PRO 35  
36 1 Y 1 A ASP -54 ? A ASP 36  
37 1 Y 1 A ALA -53 ? A ALA 37  
38 1 Y 1 A ASN -52 ? A ASN 38  
39 1 Y 1 A PRO -51 ? A PRO 39  
40 1 Y 1 A GLY -50 ? A GLY 40  
41 1 Y 1 A GLU -49 ? A GLU 41  
42 1 Y 1 A CYS -48 ? A CYS 42  
43 1 Y 1 A ASN -47 ? A ASN 43  
44 1 Y 1 A PRO -46 ? A PRO 44  
45 1 Y 1 A HIS -45 ? A HIS 45  
46 1 Y 1 A ALA -44 ? A ALA 46  
47 1 Y 1 A VAL -43 ? A VAL 47  
48 1 Y 1 A ASP -42 ? A ASP 48  
49 1 Y 1 A HIS -41 ? A HIS 49  
50 1 Y 1 A CYS -40 ? A CYS 50  
51 1 Y 1 A CYS -39 ? A CYS 51  
52 1 Y 1 A SER -38 ? A SER 52  
53 1 Y 1 A GLU -37 ? A GLU 53  
54 1 Y 1 A TRP -36 ? A TRP 54  
55 1 Y 1 A GLY -35 ? A GLY 55  
56 1 Y 1 A TRP -34 ? A TRP 56  
57 1 Y 1 A CYS -33 ? A CYS 57  
58 1 Y 1 A GLY -32 ? A GLY 58  
59 1 Y 1 A ARG -31 ? A ARG 59  
60 1 Y 1 A GLU -30 ? A GLU 60  
61 1 Y 1 A THR -29 ? A THR 61  
62 1 Y 1 A SER -28 ? A SER 62  
63 1 Y 1 A HIS -27 ? A HIS 63  
64 1 Y 1 A CYS -26 ? A CYS 64  
65 1 Y 1 A THR -25 ? A THR 65  
66 1 Y 1 A CYS -24 ? A CYS 66  
67 1 Y 1 A SER -23 ? A SER 67  
68 1 Y 1 A SER -22 ? A SER 68  
69 1 Y 1 A CYS -21 ? A CYS 69  
70 1 Y 1 A VAL -20 ? A VAL 70  
71 1 Y 1 A ASP -19 ? A ASP 71  
72 1 Y 1 A TYR -18 ? A TYR 72  
73 1 Y 1 A SER -17 ? A SER 73  
74 1 Y 1 A ALA -16 ? A ALA 74  
75 1 Y 1 A GLY -15 ? A GLY 75  
76 1 Y 1 A GLY -14 ? A GLY 76  
77 1 Y 1 A GLY -13 ? A GLY 77  
78 1 Y 1 A SER -12 ? A SER 78  
79 1 Y 1 A SER -11 ? A SER 79  
80 1 Y 1 A GLY -10 ? A GLY 80  
81 1 Y 1 A GLY -9  ? A GLY 81  
82 1 Y 1 A SER -8  ? A SER 82  
83 1 Y 1 A THR -7  ? A THR 83  
84 1 Y 1 A VAL -6  ? A VAL 84  
85 1 Y 1 A VAL -5  ? A VAL 85  
86 1 Y 1 A VAL -4  ? A VAL 86  
87 1 Y 1 A SER -3  ? A SER 87  
88 1 Y 1 A SER -2  ? A SER 88  
89 1 Y 1 A SER -1  ? A SER 89  
90 1 Y 1 A GLY 0   ? A GLY 90  
91 1 Y 1 A GLY 166 ? A GLY 256 
# 
loop_
_chem_comp_atom.comp_id 
_chem_comp_atom.atom_id 
_chem_comp_atom.type_symbol 
_chem_comp_atom.pdbx_aromatic_flag 
_chem_comp_atom.pdbx_stereo_config 
_chem_comp_atom.pdbx_ordinal 
ALA N    N N N 1   
ALA CA   C N S 2   
ALA C    C N N 3   
ALA O    O N N 4   
ALA CB   C N N 5   
ALA OXT  O N N 6   
ALA H    H N N 7   
ALA H2   H N N 8   
ALA HA   H N N 9   
ALA HB1  H N N 10  
ALA HB2  H N N 11  
ALA HB3  H N N 12  
ALA HXT  H N N 13  
ARG N    N N N 14  
ARG CA   C N S 15  
ARG C    C N N 16  
ARG O    O N N 17  
ARG CB   C N N 18  
ARG CG   C N N 19  
ARG CD   C N N 20  
ARG NE   N N N 21  
ARG CZ   C N N 22  
ARG NH1  N N N 23  
ARG NH2  N N N 24  
ARG OXT  O N N 25  
ARG H    H N N 26  
ARG H2   H N N 27  
ARG HA   H N N 28  
ARG HB2  H N N 29  
ARG HB3  H N N 30  
ARG HG2  H N N 31  
ARG HG3  H N N 32  
ARG HD2  H N N 33  
ARG HD3  H N N 34  
ARG HE   H N N 35  
ARG HH11 H N N 36  
ARG HH12 H N N 37  
ARG HH21 H N N 38  
ARG HH22 H N N 39  
ARG HXT  H N N 40  
ASN N    N N N 41  
ASN CA   C N S 42  
ASN C    C N N 43  
ASN O    O N N 44  
ASN CB   C N N 45  
ASN CG   C N N 46  
ASN OD1  O N N 47  
ASN ND2  N N N 48  
ASN OXT  O N N 49  
ASN H    H N N 50  
ASN H2   H N N 51  
ASN HA   H N N 52  
ASN HB2  H N N 53  
ASN HB3  H N N 54  
ASN HD21 H N N 55  
ASN HD22 H N N 56  
ASN HXT  H N N 57  
ASP N    N N N 58  
ASP CA   C N S 59  
ASP C    C N N 60  
ASP O    O N N 61  
ASP CB   C N N 62  
ASP CG   C N N 63  
ASP OD1  O N N 64  
ASP OD2  O N N 65  
ASP OXT  O N N 66  
ASP H    H N N 67  
ASP H2   H N N 68  
ASP HA   H N N 69  
ASP HB2  H N N 70  
ASP HB3  H N N 71  
ASP HD2  H N N 72  
ASP HXT  H N N 73  
CYS N    N N N 74  
CYS CA   C N R 75  
CYS C    C N N 76  
CYS O    O N N 77  
CYS CB   C N N 78  
CYS SG   S N N 79  
CYS OXT  O N N 80  
CYS H    H N N 81  
CYS H2   H N N 82  
CYS HA   H N N 83  
CYS HB2  H N N 84  
CYS HB3  H N N 85  
CYS HG   H N N 86  
CYS HXT  H N N 87  
GLN N    N N N 88  
GLN CA   C N S 89  
GLN C    C N N 90  
GLN O    O N N 91  
GLN CB   C N N 92  
GLN CG   C N N 93  
GLN CD   C N N 94  
GLN OE1  O N N 95  
GLN NE2  N N N 96  
GLN OXT  O N N 97  
GLN H    H N N 98  
GLN H2   H N N 99  
GLN HA   H N N 100 
GLN HB2  H N N 101 
GLN HB3  H N N 102 
GLN HG2  H N N 103 
GLN HG3  H N N 104 
GLN HE21 H N N 105 
GLN HE22 H N N 106 
GLN HXT  H N N 107 
GLU N    N N N 108 
GLU CA   C N S 109 
GLU C    C N N 110 
GLU O    O N N 111 
GLU CB   C N N 112 
GLU CG   C N N 113 
GLU CD   C N N 114 
GLU OE1  O N N 115 
GLU OE2  O N N 116 
GLU OXT  O N N 117 
GLU H    H N N 118 
GLU H2   H N N 119 
GLU HA   H N N 120 
GLU HB2  H N N 121 
GLU HB3  H N N 122 
GLU HG2  H N N 123 
GLU HG3  H N N 124 
GLU HE2  H N N 125 
GLU HXT  H N N 126 
GLY N    N N N 127 
GLY CA   C N N 128 
GLY C    C N N 129 
GLY O    O N N 130 
GLY OXT  O N N 131 
GLY H    H N N 132 
GLY H2   H N N 133 
GLY HA2  H N N 134 
GLY HA3  H N N 135 
GLY HXT  H N N 136 
HIS N    N N N 137 
HIS CA   C N S 138 
HIS C    C N N 139 
HIS O    O N N 140 
HIS CB   C N N 141 
HIS CG   C Y N 142 
HIS ND1  N Y N 143 
HIS CD2  C Y N 144 
HIS CE1  C Y N 145 
HIS NE2  N Y N 146 
HIS OXT  O N N 147 
HIS H    H N N 148 
HIS H2   H N N 149 
HIS HA   H N N 150 
HIS HB2  H N N 151 
HIS HB3  H N N 152 
HIS HD1  H N N 153 
HIS HD2  H N N 154 
HIS HE1  H N N 155 
HIS HE2  H N N 156 
HIS HXT  H N N 157 
HOH O    O N N 158 
HOH H1   H N N 159 
HOH H2   H N N 160 
ILE N    N N N 161 
ILE CA   C N S 162 
ILE C    C N N 163 
ILE O    O N N 164 
ILE CB   C N S 165 
ILE CG1  C N N 166 
ILE CG2  C N N 167 
ILE CD1  C N N 168 
ILE OXT  O N N 169 
ILE H    H N N 170 
ILE H2   H N N 171 
ILE HA   H N N 172 
ILE HB   H N N 173 
ILE HG12 H N N 174 
ILE HG13 H N N 175 
ILE HG21 H N N 176 
ILE HG22 H N N 177 
ILE HG23 H N N 178 
ILE HD11 H N N 179 
ILE HD12 H N N 180 
ILE HD13 H N N 181 
ILE HXT  H N N 182 
LEU N    N N N 183 
LEU CA   C N S 184 
LEU C    C N N 185 
LEU O    O N N 186 
LEU CB   C N N 187 
LEU CG   C N N 188 
LEU CD1  C N N 189 
LEU CD2  C N N 190 
LEU OXT  O N N 191 
LEU H    H N N 192 
LEU H2   H N N 193 
LEU HA   H N N 194 
LEU HB2  H N N 195 
LEU HB3  H N N 196 
LEU HG   H N N 197 
LEU HD11 H N N 198 
LEU HD12 H N N 199 
LEU HD13 H N N 200 
LEU HD21 H N N 201 
LEU HD22 H N N 202 
LEU HD23 H N N 203 
LEU HXT  H N N 204 
LYS N    N N N 205 
LYS CA   C N S 206 
LYS C    C N N 207 
LYS O    O N N 208 
LYS CB   C N N 209 
LYS CG   C N N 210 
LYS CD   C N N 211 
LYS CE   C N N 212 
LYS NZ   N N N 213 
LYS OXT  O N N 214 
LYS H    H N N 215 
LYS H2   H N N 216 
LYS HA   H N N 217 
LYS HB2  H N N 218 
LYS HB3  H N N 219 
LYS HG2  H N N 220 
LYS HG3  H N N 221 
LYS HD2  H N N 222 
LYS HD3  H N N 223 
LYS HE2  H N N 224 
LYS HE3  H N N 225 
LYS HZ1  H N N 226 
LYS HZ2  H N N 227 
LYS HZ3  H N N 228 
LYS HXT  H N N 229 
MET N    N N N 230 
MET CA   C N S 231 
MET C    C N N 232 
MET O    O N N 233 
MET CB   C N N 234 
MET CG   C N N 235 
MET SD   S N N 236 
MET CE   C N N 237 
MET OXT  O N N 238 
MET H    H N N 239 
MET H2   H N N 240 
MET HA   H N N 241 
MET HB2  H N N 242 
MET HB3  H N N 243 
MET HG2  H N N 244 
MET HG3  H N N 245 
MET HE1  H N N 246 
MET HE2  H N N 247 
MET HE3  H N N 248 
MET HXT  H N N 249 
PHE N    N N N 250 
PHE CA   C N S 251 
PHE C    C N N 252 
PHE O    O N N 253 
PHE CB   C N N 254 
PHE CG   C Y N 255 
PHE CD1  C Y N 256 
PHE CD2  C Y N 257 
PHE CE1  C Y N 258 
PHE CE2  C Y N 259 
PHE CZ   C Y N 260 
PHE OXT  O N N 261 
PHE H    H N N 262 
PHE H2   H N N 263 
PHE HA   H N N 264 
PHE HB2  H N N 265 
PHE HB3  H N N 266 
PHE HD1  H N N 267 
PHE HD2  H N N 268 
PHE HE1  H N N 269 
PHE HE2  H N N 270 
PHE HZ   H N N 271 
PHE HXT  H N N 272 
PRO N    N N N 273 
PRO CA   C N S 274 
PRO C    C N N 275 
PRO O    O N N 276 
PRO CB   C N N 277 
PRO CG   C N N 278 
PRO CD   C N N 279 
PRO OXT  O N N 280 
PRO H    H N N 281 
PRO HA   H N N 282 
PRO HB2  H N N 283 
PRO HB3  H N N 284 
PRO HG2  H N N 285 
PRO HG3  H N N 286 
PRO HD2  H N N 287 
PRO HD3  H N N 288 
PRO HXT  H N N 289 
SER N    N N N 290 
SER CA   C N S 291 
SER C    C N N 292 
SER O    O N N 293 
SER CB   C N N 294 
SER OG   O N N 295 
SER OXT  O N N 296 
SER H    H N N 297 
SER H2   H N N 298 
SER HA   H N N 299 
SER HB2  H N N 300 
SER HB3  H N N 301 
SER HG   H N N 302 
SER HXT  H N N 303 
THR N    N N N 304 
THR CA   C N S 305 
THR C    C N N 306 
THR O    O N N 307 
THR CB   C N R 308 
THR OG1  O N N 309 
THR CG2  C N N 310 
THR OXT  O N N 311 
THR H    H N N 312 
THR H2   H N N 313 
THR HA   H N N 314 
THR HB   H N N 315 
THR HG1  H N N 316 
THR HG21 H N N 317 
THR HG22 H N N 318 
THR HG23 H N N 319 
THR HXT  H N N 320 
TRP N    N N N 321 
TRP CA   C N S 322 
TRP C    C N N 323 
TRP O    O N N 324 
TRP CB   C N N 325 
TRP CG   C Y N 326 
TRP CD1  C Y N 327 
TRP CD2  C Y N 328 
TRP NE1  N Y N 329 
TRP CE2  C Y N 330 
TRP CE3  C Y N 331 
TRP CZ2  C Y N 332 
TRP CZ3  C Y N 333 
TRP CH2  C Y N 334 
TRP OXT  O N N 335 
TRP H    H N N 336 
TRP H2   H N N 337 
TRP HA   H N N 338 
TRP HB2  H N N 339 
TRP HB3  H N N 340 
TRP HD1  H N N 341 
TRP HE1  H N N 342 
TRP HE3  H N N 343 
TRP HZ2  H N N 344 
TRP HZ3  H N N 345 
TRP HH2  H N N 346 
TRP HXT  H N N 347 
TYR N    N N N 348 
TYR CA   C N S 349 
TYR C    C N N 350 
TYR O    O N N 351 
TYR CB   C N N 352 
TYR CG   C Y N 353 
TYR CD1  C Y N 354 
TYR CD2  C Y N 355 
TYR CE1  C Y N 356 
TYR CE2  C Y N 357 
TYR CZ   C Y N 358 
TYR OH   O N N 359 
TYR OXT  O N N 360 
TYR H    H N N 361 
TYR H2   H N N 362 
TYR HA   H N N 363 
TYR HB2  H N N 364 
TYR HB3  H N N 365 
TYR HD1  H N N 366 
TYR HD2  H N N 367 
TYR HE1  H N N 368 
TYR HE2  H N N 369 
TYR HH   H N N 370 
TYR HXT  H N N 371 
VAL N    N N N 372 
VAL CA   C N S 373 
VAL C    C N N 374 
VAL O    O N N 375 
VAL CB   C N N 376 
VAL CG1  C N N 377 
VAL CG2  C N N 378 
VAL OXT  O N N 379 
VAL H    H N N 380 
VAL H2   H N N 381 
VAL HA   H N N 382 
VAL HB   H N N 383 
VAL HG11 H N N 384 
VAL HG12 H N N 385 
VAL HG13 H N N 386 
VAL HG21 H N N 387 
VAL HG22 H N N 388 
VAL HG23 H N N 389 
VAL HXT  H N N 390 
# 
loop_
_chem_comp_bond.comp_id 
_chem_comp_bond.atom_id_1 
_chem_comp_bond.atom_id_2 
_chem_comp_bond.value_order 
_chem_comp_bond.pdbx_aromatic_flag 
_chem_comp_bond.pdbx_stereo_config 
_chem_comp_bond.pdbx_ordinal 
ALA N   CA   sing N N 1   
ALA N   H    sing N N 2   
ALA N   H2   sing N N 3   
ALA CA  C    sing N N 4   
ALA CA  CB   sing N N 5   
ALA CA  HA   sing N N 6   
ALA C   O    doub N N 7   
ALA C   OXT  sing N N 8   
ALA CB  HB1  sing N N 9   
ALA CB  HB2  sing N N 10  
ALA CB  HB3  sing N N 11  
ALA OXT HXT  sing N N 12  
ARG N   CA   sing N N 13  
ARG N   H    sing N N 14  
ARG N   H2   sing N N 15  
ARG CA  C    sing N N 16  
ARG CA  CB   sing N N 17  
ARG CA  HA   sing N N 18  
ARG C   O    doub N N 19  
ARG C   OXT  sing N N 20  
ARG CB  CG   sing N N 21  
ARG CB  HB2  sing N N 22  
ARG CB  HB3  sing N N 23  
ARG CG  CD   sing N N 24  
ARG CG  HG2  sing N N 25  
ARG CG  HG3  sing N N 26  
ARG CD  NE   sing N N 27  
ARG CD  HD2  sing N N 28  
ARG CD  HD3  sing N N 29  
ARG NE  CZ   sing N N 30  
ARG NE  HE   sing N N 31  
ARG CZ  NH1  sing N N 32  
ARG CZ  NH2  doub N N 33  
ARG NH1 HH11 sing N N 34  
ARG NH1 HH12 sing N N 35  
ARG NH2 HH21 sing N N 36  
ARG NH2 HH22 sing N N 37  
ARG OXT HXT  sing N N 38  
ASN N   CA   sing N N 39  
ASN N   H    sing N N 40  
ASN N   H2   sing N N 41  
ASN CA  C    sing N N 42  
ASN CA  CB   sing N N 43  
ASN CA  HA   sing N N 44  
ASN C   O    doub N N 45  
ASN C   OXT  sing N N 46  
ASN CB  CG   sing N N 47  
ASN CB  HB2  sing N N 48  
ASN CB  HB3  sing N N 49  
ASN CG  OD1  doub N N 50  
ASN CG  ND2  sing N N 51  
ASN ND2 HD21 sing N N 52  
ASN ND2 HD22 sing N N 53  
ASN OXT HXT  sing N N 54  
ASP N   CA   sing N N 55  
ASP N   H    sing N N 56  
ASP N   H2   sing N N 57  
ASP CA  C    sing N N 58  
ASP CA  CB   sing N N 59  
ASP CA  HA   sing N N 60  
ASP C   O    doub N N 61  
ASP C   OXT  sing N N 62  
ASP CB  CG   sing N N 63  
ASP CB  HB2  sing N N 64  
ASP CB  HB3  sing N N 65  
ASP CG  OD1  doub N N 66  
ASP CG  OD2  sing N N 67  
ASP OD2 HD2  sing N N 68  
ASP OXT HXT  sing N N 69  
CYS N   CA   sing N N 70  
CYS N   H    sing N N 71  
CYS N   H2   sing N N 72  
CYS CA  C    sing N N 73  
CYS CA  CB   sing N N 74  
CYS CA  HA   sing N N 75  
CYS C   O    doub N N 76  
CYS C   OXT  sing N N 77  
CYS CB  SG   sing N N 78  
CYS CB  HB2  sing N N 79  
CYS CB  HB3  sing N N 80  
CYS SG  HG   sing N N 81  
CYS OXT HXT  sing N N 82  
GLN N   CA   sing N N 83  
GLN N   H    sing N N 84  
GLN N   H2   sing N N 85  
GLN CA  C    sing N N 86  
GLN CA  CB   sing N N 87  
GLN CA  HA   sing N N 88  
GLN C   O    doub N N 89  
GLN C   OXT  sing N N 90  
GLN CB  CG   sing N N 91  
GLN CB  HB2  sing N N 92  
GLN CB  HB3  sing N N 93  
GLN CG  CD   sing N N 94  
GLN CG  HG2  sing N N 95  
GLN CG  HG3  sing N N 96  
GLN CD  OE1  doub N N 97  
GLN CD  NE2  sing N N 98  
GLN NE2 HE21 sing N N 99  
GLN NE2 HE22 sing N N 100 
GLN OXT HXT  sing N N 101 
GLU N   CA   sing N N 102 
GLU N   H    sing N N 103 
GLU N   H2   sing N N 104 
GLU CA  C    sing N N 105 
GLU CA  CB   sing N N 106 
GLU CA  HA   sing N N 107 
GLU C   O    doub N N 108 
GLU C   OXT  sing N N 109 
GLU CB  CG   sing N N 110 
GLU CB  HB2  sing N N 111 
GLU CB  HB3  sing N N 112 
GLU CG  CD   sing N N 113 
GLU CG  HG2  sing N N 114 
GLU CG  HG3  sing N N 115 
GLU CD  OE1  doub N N 116 
GLU CD  OE2  sing N N 117 
GLU OE2 HE2  sing N N 118 
GLU OXT HXT  sing N N 119 
GLY N   CA   sing N N 120 
GLY N   H    sing N N 121 
GLY N   H2   sing N N 122 
GLY CA  C    sing N N 123 
GLY CA  HA2  sing N N 124 
GLY CA  HA3  sing N N 125 
GLY C   O    doub N N 126 
GLY C   OXT  sing N N 127 
GLY OXT HXT  sing N N 128 
HIS N   CA   sing N N 129 
HIS N   H    sing N N 130 
HIS N   H2   sing N N 131 
HIS CA  C    sing N N 132 
HIS CA  CB   sing N N 133 
HIS CA  HA   sing N N 134 
HIS C   O    doub N N 135 
HIS C   OXT  sing N N 136 
HIS CB  CG   sing N N 137 
HIS CB  HB2  sing N N 138 
HIS CB  HB3  sing N N 139 
HIS CG  ND1  sing Y N 140 
HIS CG  CD2  doub Y N 141 
HIS ND1 CE1  doub Y N 142 
HIS ND1 HD1  sing N N 143 
HIS CD2 NE2  sing Y N 144 
HIS CD2 HD2  sing N N 145 
HIS CE1 NE2  sing Y N 146 
HIS CE1 HE1  sing N N 147 
HIS NE2 HE2  sing N N 148 
HIS OXT HXT  sing N N 149 
HOH O   H1   sing N N 150 
HOH O   H2   sing N N 151 
ILE N   CA   sing N N 152 
ILE N   H    sing N N 153 
ILE N   H2   sing N N 154 
ILE CA  C    sing N N 155 
ILE CA  CB   sing N N 156 
ILE CA  HA   sing N N 157 
ILE C   O    doub N N 158 
ILE C   OXT  sing N N 159 
ILE CB  CG1  sing N N 160 
ILE CB  CG2  sing N N 161 
ILE CB  HB   sing N N 162 
ILE CG1 CD1  sing N N 163 
ILE CG1 HG12 sing N N 164 
ILE CG1 HG13 sing N N 165 
ILE CG2 HG21 sing N N 166 
ILE CG2 HG22 sing N N 167 
ILE CG2 HG23 sing N N 168 
ILE CD1 HD11 sing N N 169 
ILE CD1 HD12 sing N N 170 
ILE CD1 HD13 sing N N 171 
ILE OXT HXT  sing N N 172 
LEU N   CA   sing N N 173 
LEU N   H    sing N N 174 
LEU N   H2   sing N N 175 
LEU CA  C    sing N N 176 
LEU CA  CB   sing N N 177 
LEU CA  HA   sing N N 178 
LEU C   O    doub N N 179 
LEU C   OXT  sing N N 180 
LEU CB  CG   sing N N 181 
LEU CB  HB2  sing N N 182 
LEU CB  HB3  sing N N 183 
LEU CG  CD1  sing N N 184 
LEU CG  CD2  sing N N 185 
LEU CG  HG   sing N N 186 
LEU CD1 HD11 sing N N 187 
LEU CD1 HD12 sing N N 188 
LEU CD1 HD13 sing N N 189 
LEU CD2 HD21 sing N N 190 
LEU CD2 HD22 sing N N 191 
LEU CD2 HD23 sing N N 192 
LEU OXT HXT  sing N N 193 
LYS N   CA   sing N N 194 
LYS N   H    sing N N 195 
LYS N   H2   sing N N 196 
LYS CA  C    sing N N 197 
LYS CA  CB   sing N N 198 
LYS CA  HA   sing N N 199 
LYS C   O    doub N N 200 
LYS C   OXT  sing N N 201 
LYS CB  CG   sing N N 202 
LYS CB  HB2  sing N N 203 
LYS CB  HB3  sing N N 204 
LYS CG  CD   sing N N 205 
LYS CG  HG2  sing N N 206 
LYS CG  HG3  sing N N 207 
LYS CD  CE   sing N N 208 
LYS CD  HD2  sing N N 209 
LYS CD  HD3  sing N N 210 
LYS CE  NZ   sing N N 211 
LYS CE  HE2  sing N N 212 
LYS CE  HE3  sing N N 213 
LYS NZ  HZ1  sing N N 214 
LYS NZ  HZ2  sing N N 215 
LYS NZ  HZ3  sing N N 216 
LYS OXT HXT  sing N N 217 
MET N   CA   sing N N 218 
MET N   H    sing N N 219 
MET N   H2   sing N N 220 
MET CA  C    sing N N 221 
MET CA  CB   sing N N 222 
MET CA  HA   sing N N 223 
MET C   O    doub N N 224 
MET C   OXT  sing N N 225 
MET CB  CG   sing N N 226 
MET CB  HB2  sing N N 227 
MET CB  HB3  sing N N 228 
MET CG  SD   sing N N 229 
MET CG  HG2  sing N N 230 
MET CG  HG3  sing N N 231 
MET SD  CE   sing N N 232 
MET CE  HE1  sing N N 233 
MET CE  HE2  sing N N 234 
MET CE  HE3  sing N N 235 
MET OXT HXT  sing N N 236 
PHE N   CA   sing N N 237 
PHE N   H    sing N N 238 
PHE N   H2   sing N N 239 
PHE CA  C    sing N N 240 
PHE CA  CB   sing N N 241 
PHE CA  HA   sing N N 242 
PHE C   O    doub N N 243 
PHE C   OXT  sing N N 244 
PHE CB  CG   sing N N 245 
PHE CB  HB2  sing N N 246 
PHE CB  HB3  sing N N 247 
PHE CG  CD1  doub Y N 248 
PHE CG  CD2  sing Y N 249 
PHE CD1 CE1  sing Y N 250 
PHE CD1 HD1  sing N N 251 
PHE CD2 CE2  doub Y N 252 
PHE CD2 HD2  sing N N 253 
PHE CE1 CZ   doub Y N 254 
PHE CE1 HE1  sing N N 255 
PHE CE2 CZ   sing Y N 256 
PHE CE2 HE2  sing N N 257 
PHE CZ  HZ   sing N N 258 
PHE OXT HXT  sing N N 259 
PRO N   CA   sing N N 260 
PRO N   CD   sing N N 261 
PRO N   H    sing N N 262 
PRO CA  C    sing N N 263 
PRO CA  CB   sing N N 264 
PRO CA  HA   sing N N 265 
PRO C   O    doub N N 266 
PRO C   OXT  sing N N 267 
PRO CB  CG   sing N N 268 
PRO CB  HB2  sing N N 269 
PRO CB  HB3  sing N N 270 
PRO CG  CD   sing N N 271 
PRO CG  HG2  sing N N 272 
PRO CG  HG3  sing N N 273 
PRO CD  HD2  sing N N 274 
PRO CD  HD3  sing N N 275 
PRO OXT HXT  sing N N 276 
SER N   CA   sing N N 277 
SER N   H    sing N N 278 
SER N   H2   sing N N 279 
SER CA  C    sing N N 280 
SER CA  CB   sing N N 281 
SER CA  HA   sing N N 282 
SER C   O    doub N N 283 
SER C   OXT  sing N N 284 
SER CB  OG   sing N N 285 
SER CB  HB2  sing N N 286 
SER CB  HB3  sing N N 287 
SER OG  HG   sing N N 288 
SER OXT HXT  sing N N 289 
THR N   CA   sing N N 290 
THR N   H    sing N N 291 
THR N   H2   sing N N 292 
THR CA  C    sing N N 293 
THR CA  CB   sing N N 294 
THR CA  HA   sing N N 295 
THR C   O    doub N N 296 
THR C   OXT  sing N N 297 
THR CB  OG1  sing N N 298 
THR CB  CG2  sing N N 299 
THR CB  HB   sing N N 300 
THR OG1 HG1  sing N N 301 
THR CG2 HG21 sing N N 302 
THR CG2 HG22 sing N N 303 
THR CG2 HG23 sing N N 304 
THR OXT HXT  sing N N 305 
TRP N   CA   sing N N 306 
TRP N   H    sing N N 307 
TRP N   H2   sing N N 308 
TRP CA  C    sing N N 309 
TRP CA  CB   sing N N 310 
TRP CA  HA   sing N N 311 
TRP C   O    doub N N 312 
TRP C   OXT  sing N N 313 
TRP CB  CG   sing N N 314 
TRP CB  HB2  sing N N 315 
TRP CB  HB3  sing N N 316 
TRP CG  CD1  doub Y N 317 
TRP CG  CD2  sing Y N 318 
TRP CD1 NE1  sing Y N 319 
TRP CD1 HD1  sing N N 320 
TRP CD2 CE2  doub Y N 321 
TRP CD2 CE3  sing Y N 322 
TRP NE1 CE2  sing Y N 323 
TRP NE1 HE1  sing N N 324 
TRP CE2 CZ2  sing Y N 325 
TRP CE3 CZ3  doub Y N 326 
TRP CE3 HE3  sing N N 327 
TRP CZ2 CH2  doub Y N 328 
TRP CZ2 HZ2  sing N N 329 
TRP CZ3 CH2  sing Y N 330 
TRP CZ3 HZ3  sing N N 331 
TRP CH2 HH2  sing N N 332 
TRP OXT HXT  sing N N 333 
TYR N   CA   sing N N 334 
TYR N   H    sing N N 335 
TYR N   H2   sing N N 336 
TYR CA  C    sing N N 337 
TYR CA  CB   sing N N 338 
TYR CA  HA   sing N N 339 
TYR C   O    doub N N 340 
TYR C   OXT  sing N N 341 
TYR CB  CG   sing N N 342 
TYR CB  HB2  sing N N 343 
TYR CB  HB3  sing N N 344 
TYR CG  CD1  doub Y N 345 
TYR CG  CD2  sing Y N 346 
TYR CD1 CE1  sing Y N 347 
TYR CD1 HD1  sing N N 348 
TYR CD2 CE2  doub Y N 349 
TYR CD2 HD2  sing N N 350 
TYR CE1 CZ   doub Y N 351 
TYR CE1 HE1  sing N N 352 
TYR CE2 CZ   sing Y N 353 
TYR CE2 HE2  sing N N 354 
TYR CZ  OH   sing N N 355 
TYR OH  HH   sing N N 356 
TYR OXT HXT  sing N N 357 
VAL N   CA   sing N N 358 
VAL N   H    sing N N 359 
VAL N   H2   sing N N 360 
VAL CA  C    sing N N 361 
VAL CA  CB   sing N N 362 
VAL CA  HA   sing N N 363 
VAL C   O    doub N N 364 
VAL C   OXT  sing N N 365 
VAL CB  CG1  sing N N 366 
VAL CB  CG2  sing N N 367 
VAL CB  HB   sing N N 368 
VAL CG1 HG11 sing N N 369 
VAL CG1 HG12 sing N N 370 
VAL CG1 HG13 sing N N 371 
VAL CG2 HG21 sing N N 372 
VAL CG2 HG22 sing N N 373 
VAL CG2 HG23 sing N N 374 
VAL OXT HXT  sing N N 375 
# 
loop_
_pdbx_audit_support.funding_organization 
_pdbx_audit_support.country 
_pdbx_audit_support.grant_number 
_pdbx_audit_support.ordinal 
'Ministry of Science and Technology of China' China 2013CB835300 1 
'Ministry of Science and Technology of China' China 2014CB910100 2 
# 
_pdbx_initial_refinement_model.id               1 
_pdbx_initial_refinement_model.entity_id_list   ? 
_pdbx_initial_refinement_model.type             'experimental model' 
_pdbx_initial_refinement_model.source_name      PDB 
_pdbx_initial_refinement_model.accession_code   1OHT 
_pdbx_initial_refinement_model.details          ? 
# 
_atom_sites.entry_id                    4ZXM 
_atom_sites.fract_transf_matrix[1][1]   -0.00875110 
_atom_sites.fract_transf_matrix[1][2]   -0.01150905 
_atom_sites.fract_transf_matrix[1][3]   0.00118729 
_atom_sites.fract_transf_matrix[2][1]   -0.01069289 
_atom_sites.fract_transf_matrix[2][2]   -0.00200310 
_atom_sites.fract_transf_matrix[2][3]   -0.00959702 
_atom_sites.fract_transf_matrix[3][1]   0.00752571 
_atom_sites.fract_transf_matrix[3][2]   -0.00644847 
_atom_sites.fract_transf_matrix[3][3]   -0.00703913 
_atom_sites.fract_transf_vector[1]      0.267382 
_atom_sites.fract_transf_vector[2]      -0.299134 
_atom_sites.fract_transf_vector[3]      -0.103000 
# 
loop_
_atom_type.symbol 
C 
N 
O 
S 
# 
loop_
_atom_site.group_PDB 
_atom_site.id 
_atom_site.type_symbol 
_atom_site.label_atom_id 
_atom_site.label_alt_id 
_atom_site.label_comp_id 
_atom_site.label_asym_id 
_atom_site.label_entity_id 
_atom_site.label_seq_id 
_atom_site.pdbx_PDB_ins_code 
_atom_site.Cartn_x 
_atom_site.Cartn_y 
_atom_site.Cartn_z 
_atom_site.occupancy 
_atom_site.B_iso_or_equiv 
_atom_site.pdbx_formal_charge 
_atom_site.auth_seq_id 
_atom_site.auth_comp_id 
_atom_site.auth_asym_id 
_atom_site.auth_atom_id 
_atom_site.pdbx_PDB_model_num 
ATOM   1    N N   . THR A 1 91  ? -13.735 13.068  4.215   1.00 87.08  ? 1   THR A N   1 
ATOM   2    C CA  . THR A 1 91  ? -12.747 13.103  3.086   1.00 87.20  ? 1   THR A CA  1 
ATOM   3    C C   . THR A 1 91  ? -11.830 11.867  3.077   1.00 85.54  ? 1   THR A C   1 
ATOM   4    O O   . THR A 1 91  ? -11.214 11.565  2.047   1.00 85.01  ? 1   THR A O   1 
ATOM   5    C CB  . THR A 1 91  ? -11.885 14.396  3.092   1.00 88.05  ? 1   THR A CB  1 
ATOM   6    O OG1 . THR A 1 91  ? -11.085 14.453  4.280   1.00 88.60  ? 1   THR A OG1 1 
ATOM   7    C CG2 . THR A 1 91  ? -12.762 15.651  3.014   1.00 88.05  ? 1   THR A CG2 1 
ATOM   8    N N   . CYS A 1 92  ? -11.728 11.169  4.217   1.00 79.72  ? 2   CYS A N   1 
ATOM   9    C CA  . CYS A 1 92  ? -11.062 9.863   4.268   1.00 74.33  ? 2   CYS A CA  1 
ATOM   10   C C   . CYS A 1 92  ? -11.800 8.878   3.363   1.00 65.74  ? 2   CYS A C   1 
ATOM   11   O O   . CYS A 1 92  ? -13.023 8.935   3.252   1.00 63.68  ? 2   CYS A O   1 
ATOM   12   C CB  . CYS A 1 92  ? -11.007 9.294   5.699   1.00 75.46  ? 2   CYS A CB  1 
ATOM   13   S SG  . CYS A 1 92  ? -9.933  10.188  6.859   1.00 84.70  ? 2   CYS A SG  1 
ATOM   14   N N   . PRO A 1 93  ? -11.059 7.969   2.711   1.00 58.81  ? 3   PRO A N   1 
ATOM   15   C CA  . PRO A 1 93  ? -11.705 6.977   1.874   1.00 54.71  ? 3   PRO A CA  1 
ATOM   16   C C   . PRO A 1 93  ? -12.199 5.821   2.716   1.00 53.89  ? 3   PRO A C   1 
ATOM   17   O O   . PRO A 1 93  ? -11.634 5.537   3.772   1.00 53.11  ? 3   PRO A O   1 
ATOM   18   C CB  . PRO A 1 93  ? -10.570 6.509   0.974   1.00 53.80  ? 3   PRO A CB  1 
ATOM   19   C CG  . PRO A 1 93  ? -9.365  6.604   1.839   1.00 55.06  ? 3   PRO A CG  1 
ATOM   20   C CD  . PRO A 1 93  ? -9.610  7.719   2.822   1.00 56.83  ? 3   PRO A CD  1 
ATOM   21   N N   . ARG A 1 94  ? -13.240 5.147   2.253   1.00 53.61  ? 4   ARG A N   1 
ATOM   22   C CA  . ARG A 1 94  ? -13.730 3.984   2.960   1.00 52.57  ? 4   ARG A CA  1 
ATOM   23   C C   . ARG A 1 94  ? -12.709 2.859   2.886   1.00 50.51  ? 4   ARG A C   1 
ATOM   24   O O   . ARG A 1 94  ? -12.311 2.446   1.800   1.00 53.26  ? 4   ARG A O   1 
ATOM   25   C CB  . ARG A 1 94  ? -15.062 3.516   2.384   1.00 54.11  ? 4   ARG A CB  1 
ATOM   26   C CG  . ARG A 1 94  ? -15.645 2.284   3.069   1.00 56.26  ? 4   ARG A CG  1 
ATOM   27   C CD  . ARG A 1 94  ? -15.903 2.500   4.560   1.00 56.93  ? 4   ARG A CD  1 
ATOM   28   N NE  . ARG A 1 94  ? -15.762 1.244   5.294   1.00 57.26  ? 4   ARG A NE  1 
ATOM   29   C CZ  . ARG A 1 94  ? -16.763 0.541   5.815   1.00 57.58  ? 4   ARG A CZ  1 
ATOM   30   N NH1 . ARG A 1 94  ? -16.503 -0.591  6.446   1.00 57.59  ? 4   ARG A NH1 1 
ATOM   31   N NH2 . ARG A 1 94  ? -18.017 0.957   5.719   1.00 60.69  ? 4   ARG A NH2 1 
ATOM   32   N N   . ILE A 1 95  ? -12.304 2.375   4.054   1.00 47.92  ? 5   ILE A N   1 
ATOM   33   C CA  . ILE A 1 95  ? -11.302 1.331   4.186   1.00 46.04  ? 5   ILE A CA  1 
ATOM   34   C C   . ILE A 1 95  ? -11.950 0.008   4.567   1.00 45.49  ? 5   ILE A C   1 
ATOM   35   O O   . ILE A 1 95  ? -12.693 -0.083  5.542   1.00 48.60  ? 5   ILE A O   1 
ATOM   36   C CB  . ILE A 1 95  ? -10.283 1.694   5.274   1.00 45.68  ? 5   ILE A CB  1 
ATOM   37   C CG1 . ILE A 1 95  ? -9.444  2.883   4.814   1.00 44.84  ? 5   ILE A CG1 1 
ATOM   38   C CG2 . ILE A 1 95  ? -9.387  0.505   5.604   1.00 46.75  ? 5   ILE A CG2 1 
ATOM   39   C CD1 . ILE A 1 95  ? -8.756  3.601   5.951   1.00 45.05  ? 5   ILE A CD1 1 
ATOM   40   N N   . VAL A 1 96  ? -11.635 -1.016  3.792   1.00 43.92  ? 6   VAL A N   1 
ATOM   41   C CA  . VAL A 1 96  ? -12.119 -2.351  4.035   1.00 43.28  ? 6   VAL A CA  1 
ATOM   42   C C   . VAL A 1 96  ? -11.194 -2.928  5.088   1.00 43.99  ? 6   VAL A C   1 
ATOM   43   O O   . VAL A 1 96  ? -10.003 -3.083  4.841   1.00 46.75  ? 6   VAL A O   1 
ATOM   44   C CB  . VAL A 1 96  ? -12.036 -3.198  2.750   1.00 43.76  ? 6   VAL A CB  1 
ATOM   45   C CG1 . VAL A 1 96  ? -12.580 -4.597  2.988   1.00 44.20  ? 6   VAL A CG1 1 
ATOM   46   C CG2 . VAL A 1 96  ? -12.770 -2.513  1.603   1.00 42.64  ? 6   VAL A CG2 1 
ATOM   47   N N   . SER A 1 97  ? -11.724 -3.223  6.268   1.00 45.10  ? 7   SER A N   1 
ATOM   48   C CA  . SER A 1 97  ? -10.897 -3.732  7.365   1.00 45.59  ? 7   SER A CA  1 
ATOM   49   C C   . SER A 1 97  ? -10.503 -5.183  7.122   1.00 45.19  ? 7   SER A C   1 
ATOM   50   O O   . SER A 1 97  ? -11.053 -5.842  6.254   1.00 45.44  ? 7   SER A O   1 
ATOM   51   C CB  . SER A 1 97  ? -11.656 -3.638  8.682   1.00 44.90  ? 7   SER A CB  1 
ATOM   52   O OG  . SER A 1 97  ? -12.824 -4.443  8.629   1.00 45.92  ? 7   SER A OG  1 
ATOM   53   N N   . LYS A 1 98  ? -9.568  -5.671  7.923   1.00 46.42  ? 8   LYS A N   1 
ATOM   54   C CA  . LYS A 1 98  ? -9.126  -7.063  7.867   1.00 49.16  ? 8   LYS A CA  1 
ATOM   55   C C   . LYS A 1 98  ? -10.305 -8.038  7.897   1.00 50.16  ? 8   LYS A C   1 
ATOM   56   O O   . LYS A 1 98  ? -10.390 -8.960  7.079   1.00 51.46  ? 8   LYS A O   1 
ATOM   57   C CB  . LYS A 1 98  ? -8.215  -7.354  9.057   1.00 50.01  ? 8   LYS A CB  1 
ATOM   58   C CG  . LYS A 1 98  ? -6.927  -6.539  9.090   1.00 51.61  ? 8   LYS A CG  1 
ATOM   59   C CD  . LYS A 1 98  ? -5.699  -7.345  8.712   1.00 53.06  ? 8   LYS A CD  1 
ATOM   60   C CE  . LYS A 1 98  ? -4.659  -7.277  9.816   1.00 54.56  ? 8   LYS A CE  1 
ATOM   61   N NZ  . LYS A 1 98  ? -3.429  -8.030  9.447   1.00 55.78  ? 8   LYS A NZ  1 
ATOM   62   N N   . SER A 1 99  ? -11.214 -7.827  8.842   1.00 50.51  ? 9   SER A N   1 
ATOM   63   C CA  . SER A 1 99  ? -12.358 -8.711  9.003   1.00 51.95  ? 9   SER A CA  1 
ATOM   64   C C   . SER A 1 99  ? -13.262 -8.649  7.789   1.00 50.44  ? 9   SER A C   1 
ATOM   65   O O   . SER A 1 99  ? -13.814 -9.664  7.380   1.00 52.60  ? 9   SER A O   1 
ATOM   66   C CB  . SER A 1 99  ? -13.150 -8.337  10.244  1.00 54.51  ? 9   SER A CB  1 
ATOM   67   O OG  . SER A 1 99  ? -13.648 -7.020  10.124  1.00 64.07  ? 9   SER A OG  1 
ATOM   68   N N   . GLU A 1 100 ? -13.402 -7.465  7.206   1.00 50.77  ? 10  GLU A N   1 
ATOM   69   C CA  . GLU A 1 100 ? -14.256 -7.288  6.029   1.00 51.81  ? 10  GLU A CA  1 
ATOM   70   C C   . GLU A 1 100 ? -13.711 -7.944  4.752   1.00 50.07  ? 10  GLU A C   1 
ATOM   71   O O   . GLU A 1 100 ? -14.486 -8.286  3.869   1.00 49.69  ? 10  GLU A O   1 
ATOM   72   C CB  . GLU A 1 100 ? -14.539 -5.806  5.792   1.00 54.40  ? 10  GLU A CB  1 
ATOM   73   C CG  . GLU A 1 100 ? -15.383 -5.187  6.899   1.00 58.49  ? 10  GLU A CG  1 
ATOM   74   C CD  . GLU A 1 100 ? -15.423 -3.663  6.876   1.00 61.32  ? 10  GLU A CD  1 
ATOM   75   O OE1 . GLU A 1 100 ? -16.143 -3.090  7.720   1.00 62.45  ? 10  GLU A OE1 1 
ATOM   76   O OE2 . GLU A 1 100 ? -14.746 -3.028  6.039   1.00 63.96  ? 10  GLU A OE2 1 
ATOM   77   N N   . TRP A 1 101 ? -12.393 -8.115  4.636   1.00 50.45  ? 11  TRP A N   1 
ATOM   78   C CA  . TRP A 1 101 ? -11.836 -8.883  3.503   1.00 48.54  ? 11  TRP A CA  1 
ATOM   79   C C   . TRP A 1 101 ? -11.405 -10.292 3.901   1.00 47.03  ? 11  TRP A C   1 
ATOM   80   O O   . TRP A 1 101 ? -10.861 -11.032 3.094   1.00 45.51  ? 11  TRP A O   1 
ATOM   81   C CB  . TRP A 1 101 ? -10.727 -8.117  2.742   1.00 47.19  ? 11  TRP A CB  1 
ATOM   82   C CG  . TRP A 1 101 ? -9.467  -7.706  3.492   1.00 45.47  ? 11  TRP A CG  1 
ATOM   83   C CD1 . TRP A 1 101 ? -9.188  -6.470  3.986   1.00 44.64  ? 11  TRP A CD1 1 
ATOM   84   C CD2 . TRP A 1 101 ? -8.295  -8.506  3.739   1.00 43.90  ? 11  TRP A CD2 1 
ATOM   85   N NE1 . TRP A 1 101 ? -7.939  -6.455  4.556   1.00 44.40  ? 11  TRP A NE1 1 
ATOM   86   C CE2 . TRP A 1 101 ? -7.369  -7.692  4.414   1.00 42.94  ? 11  TRP A CE2 1 
ATOM   87   C CE3 . TRP A 1 101 ? -7.946  -9.834  3.465   1.00 44.25  ? 11  TRP A CE3 1 
ATOM   88   C CZ2 . TRP A 1 101 ? -6.120  -8.156  4.819   1.00 42.96  ? 11  TRP A CZ2 1 
ATOM   89   C CZ3 . TRP A 1 101 ? -6.700  -10.296 3.871   1.00 43.39  ? 11  TRP A CZ3 1 
ATOM   90   C CH2 . TRP A 1 101 ? -5.806  -9.459  4.540   1.00 42.57  ? 11  TRP A CH2 1 
ATOM   91   N N   . GLY A 1 102 ? -11.681 -10.663 5.144   1.00 48.44  ? 12  GLY A N   1 
ATOM   92   C CA  . GLY A 1 102 ? -11.470 -12.022 5.598   1.00 49.59  ? 12  GLY A CA  1 
ATOM   93   C C   . GLY A 1 102 ? -10.017 -12.337 5.863   1.00 51.54  ? 12  GLY A C   1 
ATOM   94   O O   . GLY A 1 102 ? -9.587  -13.471 5.666   1.00 53.88  ? 12  GLY A O   1 
ATOM   95   N N   . SER A 1 103 ? -9.250  -11.347 6.309   1.00 51.95  ? 13  SER A N   1 
ATOM   96   C CA  . SER A 1 103 ? -7.891  -11.609 6.759   1.00 53.57  ? 13  SER A CA  1 
ATOM   97   C C   . SER A 1 103 ? -7.929  -12.749 7.737   1.00 55.28  ? 13  SER A C   1 
ATOM   98   O O   . SER A 1 103 ? -8.872  -12.870 8.504   1.00 59.42  ? 13  SER A O   1 
ATOM   99   C CB  . SER A 1 103 ? -7.303  -10.406 7.484   1.00 54.21  ? 13  SER A CB  1 
ATOM   100  O OG  . SER A 1 103 ? -6.097  -10.755 8.152   1.00 51.90  ? 13  SER A OG  1 
ATOM   101  N N   . ARG A 1 104 ? -6.904  -13.585 7.722   1.00 57.82  ? 14  ARG A N   1 
ATOM   102  C CA  . ARG A 1 104 ? -6.792  -14.605 8.746   1.00 60.11  ? 14  ARG A CA  1 
ATOM   103  C C   . ARG A 1 104 ? -6.075  -14.014 9.948   1.00 59.97  ? 14  ARG A C   1 
ATOM   104  O O   . ARG A 1 104 ? -5.540  -12.906 9.870   1.00 61.52  ? 14  ARG A O   1 
ATOM   105  C CB  . ARG A 1 104 ? -6.115  -15.868 8.224   1.00 62.46  ? 14  ARG A CB  1 
ATOM   106  C CG  . ARG A 1 104 ? -4.708  -15.710 7.696   1.00 63.55  ? 14  ARG A CG  1 
ATOM   107  C CD  . ARG A 1 104 ? -4.201  -17.081 7.290   1.00 65.59  ? 14  ARG A CD  1 
ATOM   108  N NE  . ARG A 1 104 ? -2.898  -17.007 6.656   1.00 67.52  ? 14  ARG A NE  1 
ATOM   109  C CZ  . ARG A 1 104 ? -2.188  -18.061 6.277   1.00 66.68  ? 14  ARG A CZ  1 
ATOM   110  N NH1 . ARG A 1 104 ? -1.013  -17.880 5.716   1.00 70.20  ? 14  ARG A NH1 1 
ATOM   111  N NH2 . ARG A 1 104 ? -2.650  -19.285 6.437   1.00 71.92  ? 14  ARG A NH2 1 
ATOM   112  N N   . ALA A 1 105 ? -6.096  -14.744 11.059  1.00 59.51  ? 15  ALA A N   1 
ATOM   113  C CA  . ALA A 1 105 ? -5.661  -14.206 12.347  1.00 60.86  ? 15  ALA A CA  1 
ATOM   114  C C   . ALA A 1 105 ? -4.152  -14.022 12.380  1.00 61.36  ? 15  ALA A C   1 
ATOM   115  O O   . ALA A 1 105 ? -3.403  -14.940 12.055  1.00 61.37  ? 15  ALA A O   1 
ATOM   116  C CB  . ALA A 1 105 ? -6.110  -15.111 13.488  1.00 60.19  ? 15  ALA A CB  1 
ATOM   117  N N   . THR A 1 106 ? -3.715  -12.826 12.762  1.00 62.20  ? 16  THR A N   1 
ATOM   118  C CA  . THR A 1 106 ? -2.292  -12.517 12.851  1.00 62.36  ? 16  THR A CA  1 
ATOM   119  C C   . THR A 1 106 ? -1.977  -11.993 14.237  1.00 60.59  ? 16  THR A C   1 
ATOM   120  O O   . THR A 1 106 ? -2.875  -11.678 15.013  1.00 59.49  ? 16  THR A O   1 
ATOM   121  C CB  . THR A 1 106 ? -1.862  -11.471 11.799  1.00 61.98  ? 16  THR A CB  1 
ATOM   122  O OG1 . THR A 1 106 ? -2.501  -10.218 12.069  1.00 63.10  ? 16  THR A OG1 1 
ATOM   123  C CG2 . THR A 1 106 ? -2.234  -11.931 10.395  1.00 60.55  ? 16  THR A CG2 1 
ATOM   124  N N   . ASN A 1 107 ? -0.695  -11.924 14.552  1.00 61.42  ? 17  ASN A N   1 
ATOM   125  C CA  . ASN A 1 107 ? -0.276  -11.325 15.798  1.00 64.19  ? 17  ASN A CA  1 
ATOM   126  C C   . ASN A 1 107 ? 1.071   -10.638 15.627  1.00 62.52  ? 17  ASN A C   1 
ATOM   127  O O   . ASN A 1 107 ? 2.021   -10.882 16.375  1.00 63.42  ? 17  ASN A O   1 
ATOM   128  C CB  . ASN A 1 107 ? -0.251  -12.371 16.918  1.00 66.64  ? 17  ASN A CB  1 
ATOM   129  C CG  . ASN A 1 107 ? -0.656  -11.783 18.258  1.00 70.06  ? 17  ASN A CG  1 
ATOM   130  O OD1 . ASN A 1 107 ? -1.743  -11.210 18.385  1.00 72.77  ? 17  ASN A OD1 1 
ATOM   131  N ND2 . ASN A 1 107 ? 0.214   -11.906 19.258  1.00 68.81  ? 17  ASN A ND2 1 
ATOM   132  N N   . TYR A 1 108 ? 1.142   -9.775  14.620  1.00 59.42  ? 18  TYR A N   1 
ATOM   133  C CA  . TYR A 1 108 ? 2.340   -8.989  14.389  1.00 57.30  ? 18  TYR A CA  1 
ATOM   134  C C   . TYR A 1 108 ? 2.203   -7.699  15.169  1.00 55.96  ? 18  TYR A C   1 
ATOM   135  O O   . TYR A 1 108 ? 1.272   -6.932  14.932  1.00 54.07  ? 18  TYR A O   1 
ATOM   136  C CB  . TYR A 1 108 ? 2.524   -8.691  12.905  1.00 55.76  ? 18  TYR A CB  1 
ATOM   137  C CG  . TYR A 1 108 ? 3.807   -7.947  12.607  1.00 53.97  ? 18  TYR A CG  1 
ATOM   138  C CD1 . TYR A 1 108 ? 5.045   -8.571  12.761  1.00 52.07  ? 18  TYR A CD1 1 
ATOM   139  C CD2 . TYR A 1 108 ? 3.787   -6.621  12.178  1.00 52.04  ? 18  TYR A CD2 1 
ATOM   140  C CE1 . TYR A 1 108 ? 6.224   -7.902  12.488  1.00 51.83  ? 18  TYR A CE1 1 
ATOM   141  C CE2 . TYR A 1 108 ? 4.963   -5.944  11.908  1.00 52.06  ? 18  TYR A CE2 1 
ATOM   142  C CZ  . TYR A 1 108 ? 6.179   -6.590  12.063  1.00 52.48  ? 18  TYR A CZ  1 
ATOM   143  O OH  . TYR A 1 108 ? 7.355   -5.926  11.801  1.00 52.67  ? 18  TYR A OH  1 
ATOM   144  N N   . ASN A 1 109 ? 3.123   -7.461  16.099  1.00 54.85  ? 19  ASN A N   1 
ATOM   145  C CA  . ASN A 1 109 ? 2.995   -6.321  16.997  1.00 55.67  ? 19  ASN A CA  1 
ATOM   146  C C   . ASN A 1 109 ? 4.288   -5.518  17.148  1.00 53.70  ? 19  ASN A C   1 
ATOM   147  O O   . ASN A 1 109 ? 4.779   -5.304  18.255  1.00 53.35  ? 19  ASN A O   1 
ATOM   148  C CB  . ASN A 1 109 ? 2.431   -6.803  18.336  1.00 55.45  ? 19  ASN A CB  1 
ATOM   149  C CG  . ASN A 1 109 ? 1.035   -7.400  18.190  1.00 56.86  ? 19  ASN A CG  1 
ATOM   150  O OD1 . ASN A 1 109 ? 0.114   -6.740  17.702  1.00 54.54  ? 19  ASN A OD1 1 
ATOM   151  N ND2 . ASN A 1 109 ? 0.871   -8.647  18.611  1.00 59.16  ? 19  ASN A ND2 1 
ATOM   152  N N   . VAL A 1 110 ? 4.820   -5.080  16.006  1.00 52.37  ? 20  VAL A N   1 
ATOM   153  C CA  . VAL A 1 110 ? 5.980   -4.182  15.937  1.00 51.94  ? 20  VAL A CA  1 
ATOM   154  C C   . VAL A 1 110 ? 5.522   -2.847  15.362  1.00 51.83  ? 20  VAL A C   1 
ATOM   155  O O   . VAL A 1 110 ? 4.971   -2.790  14.260  1.00 54.84  ? 20  VAL A O   1 
ATOM   156  C CB  . VAL A 1 110 ? 7.091   -4.735  15.020  1.00 51.44  ? 20  VAL A CB  1 
ATOM   157  C CG1 . VAL A 1 110 ? 8.283   -3.782  14.978  1.00 50.95  ? 20  VAL A CG1 1 
ATOM   158  C CG2 . VAL A 1 110 ? 7.526   -6.119  15.472  1.00 51.36  ? 20  VAL A CG2 1 
ATOM   159  N N   . PHE A 1 111 ? 5.797   -1.771  16.081  1.00 49.81  ? 21  PHE A N   1 
ATOM   160  C CA  . PHE A 1 111 ? 5.164   -0.504  15.796  1.00 49.80  ? 21  PHE A CA  1 
ATOM   161  C C   . PHE A 1 111 ? 6.068   0.516   15.140  1.00 50.15  ? 21  PHE A C   1 
ATOM   162  O O   . PHE A 1 111 ? 7.285   0.508   15.321  1.00 51.58  ? 21  PHE A O   1 
ATOM   163  C CB  . PHE A 1 111 ? 4.569   0.039   17.079  1.00 50.40  ? 21  PHE A CB  1 
ATOM   164  C CG  . PHE A 1 111 ? 3.589   -0.905  17.698  1.00 52.13  ? 21  PHE A CG  1 
ATOM   165  C CD1 . PHE A 1 111 ? 4.019   -1.902  18.561  1.00 52.03  ? 21  PHE A CD1 1 
ATOM   166  C CD2 . PHE A 1 111 ? 2.238   -0.842  17.361  1.00 53.11  ? 21  PHE A CD2 1 
ATOM   167  C CE1 . PHE A 1 111 ? 3.115   -2.794  19.111  1.00 53.92  ? 21  PHE A CE1 1 
ATOM   168  C CE2 . PHE A 1 111 ? 1.329   -1.730  17.910  1.00 53.78  ? 21  PHE A CE2 1 
ATOM   169  C CZ  . PHE A 1 111 ? 1.768   -2.710  18.785  1.00 54.99  ? 21  PHE A CZ  1 
ATOM   170  N N   . LEU A 1 112 ? 5.444   1.371   14.341  1.00 49.93  ? 22  LEU A N   1 
ATOM   171  C CA  . LEU A 1 112 ? 6.109   2.508   13.748  1.00 49.78  ? 22  LEU A CA  1 
ATOM   172  C C   . LEU A 1 112 ? 6.168   3.604   14.790  1.00 50.93  ? 22  LEU A C   1 
ATOM   173  O O   . LEU A 1 112 ? 5.309   3.673   15.675  1.00 50.41  ? 22  LEU A O   1 
ATOM   174  C CB  . LEU A 1 112 ? 5.315   3.004   12.538  1.00 49.82  ? 22  LEU A CB  1 
ATOM   175  C CG  . LEU A 1 112 ? 5.260   2.062   11.336  1.00 48.67  ? 22  LEU A CG  1 
ATOM   176  C CD1 . LEU A 1 112 ? 4.130   2.437   10.388  1.00 49.41  ? 22  LEU A CD1 1 
ATOM   177  C CD2 . LEU A 1 112 ? 6.589   2.068   10.607  1.00 48.65  ? 22  LEU A CD2 1 
ATOM   178  N N   . SER A 1 113 ? 7.179   4.458   14.697  1.00 53.47  ? 23  SER A N   1 
ATOM   179  C CA  . SER A 1 113 ? 7.180   5.690   15.472  1.00 56.67  ? 23  SER A CA  1 
ATOM   180  C C   . SER A 1 113 ? 6.409   6.748   14.662  1.00 55.45  ? 23  SER A C   1 
ATOM   181  O O   . SER A 1 113 ? 6.846   7.201   13.596  1.00 54.58  ? 23  SER A O   1 
ATOM   182  C CB  . SER A 1 113 ? 8.602   6.143   15.821  1.00 58.09  ? 23  SER A CB  1 
ATOM   183  O OG  . SER A 1 113 ? 9.294   6.603   14.677  1.00 66.85  ? 23  SER A OG  1 
ATOM   184  N N   . LEU A 1 114 ? 5.232   7.099   15.159  1.00 53.75  ? 24  LEU A N   1 
ATOM   185  C CA  . LEU A 1 114 ? 4.404   8.095   14.507  1.00 53.24  ? 24  LEU A CA  1 
ATOM   186  C C   . LEU A 1 114 ? 4.834   9.478   14.982  1.00 51.48  ? 24  LEU A C   1 
ATOM   187  O O   . LEU A 1 114 ? 5.373   9.609   16.079  1.00 52.02  ? 24  LEU A O   1 
ATOM   188  C CB  . LEU A 1 114 ? 2.926   7.847   14.827  1.00 54.36  ? 24  LEU A CB  1 
ATOM   189  C CG  . LEU A 1 114 ? 2.401   6.429   14.548  1.00 54.44  ? 24  LEU A CG  1 
ATOM   190  C CD1 . LEU A 1 114 ? 0.898   6.351   14.765  1.00 54.36  ? 24  LEU A CD1 1 
ATOM   191  C CD2 . LEU A 1 114 ? 2.743   5.972   13.140  1.00 55.78  ? 24  LEU A CD2 1 
ATOM   192  N N   . PRO A 1 115 ? 4.638   10.510  14.145  1.00 49.97  ? 25  PRO A N   1 
ATOM   193  C CA  . PRO A 1 115 ? 4.135   10.412  12.782  1.00 49.85  ? 25  PRO A CA  1 
ATOM   194  C C   . PRO A 1 115 ? 5.243   10.017  11.808  1.00 50.33  ? 25  PRO A C   1 
ATOM   195  O O   . PRO A 1 115 ? 6.417   10.346  12.006  1.00 49.72  ? 25  PRO A O   1 
ATOM   196  C CB  . PRO A 1 115 ? 3.636   11.823  12.498  1.00 49.75  ? 25  PRO A CB  1 
ATOM   197  C CG  . PRO A 1 115 ? 4.552   12.690  13.289  1.00 49.90  ? 25  PRO A CG  1 
ATOM   198  C CD  . PRO A 1 115 ? 4.955   11.902  14.507  1.00 49.58  ? 25  PRO A CD  1 
ATOM   199  N N   . VAL A 1 116 ? 4.842   9.332   10.750  1.00 51.60  ? 26  VAL A N   1 
ATOM   200  C CA  . VAL A 1 116 ? 5.765   8.706   9.816   1.00 50.91  ? 26  VAL A CA  1 
ATOM   201  C C   . VAL A 1 116 ? 6.224   9.698   8.743   1.00 48.92  ? 26  VAL A C   1 
ATOM   202  O O   . VAL A 1 116 ? 5.395   10.382  8.143   1.00 49.27  ? 26  VAL A O   1 
ATOM   203  C CB  . VAL A 1 116 ? 5.086   7.486   9.175   1.00 51.46  ? 26  VAL A CB  1 
ATOM   204  C CG1 . VAL A 1 116 ? 5.948   6.885   8.096   1.00 53.12  ? 26  VAL A CG1 1 
ATOM   205  C CG2 . VAL A 1 116 ? 4.809   6.443   10.244  1.00 53.01  ? 26  VAL A CG2 1 
ATOM   206  N N   . PRO A 1 117 ? 7.546   9.779   8.495   1.00 47.51  ? 27  PRO A N   1 
ATOM   207  C CA  . PRO A 1 117 ? 8.077   10.730  7.496   1.00 46.05  ? 27  PRO A CA  1 
ATOM   208  C C   . PRO A 1 117 ? 7.800   10.384  6.030   1.00 46.37  ? 27  PRO A C   1 
ATOM   209  O O   . PRO A 1 117 ? 7.607   11.290  5.227   1.00 45.72  ? 27  PRO A O   1 
ATOM   210  C CB  . PRO A 1 117 ? 9.597   10.705  7.731   1.00 45.57  ? 27  PRO A CB  1 
ATOM   211  C CG  . PRO A 1 117 ? 9.844   9.831   8.908   1.00 46.91  ? 27  PRO A CG  1 
ATOM   212  C CD  . PRO A 1 117 ? 8.617   9.017   9.162   1.00 47.52  ? 27  PRO A CD  1 
ATOM   213  N N   . LYS A 1 118 ? 7.794   9.097   5.687   1.00 46.81  ? 28  LYS A N   1 
ATOM   214  C CA  . LYS A 1 118 ? 7.768   8.660   4.288   1.00 47.59  ? 28  LYS A CA  1 
ATOM   215  C C   . LYS A 1 118 ? 6.529   7.864   3.926   1.00 45.48  ? 28  LYS A C   1 
ATOM   216  O O   . LYS A 1 118 ? 5.980   7.144   4.749   1.00 45.90  ? 28  LYS A O   1 
ATOM   217  C CB  . LYS A 1 118 ? 9.004   7.811   3.992   1.00 50.16  ? 28  LYS A CB  1 
ATOM   218  C CG  . LYS A 1 118 ? 10.278  8.616   4.111   1.00 55.43  ? 28  LYS A CG  1 
ATOM   219  C CD  . LYS A 1 118 ? 11.545  7.774   4.114   1.00 59.71  ? 28  LYS A CD  1 
ATOM   220  C CE  . LYS A 1 118 ? 12.795  8.651   4.014   1.00 62.54  ? 28  LYS A CE  1 
ATOM   221  N NZ  . LYS A 1 118 ? 12.706  9.925   4.799   1.00 64.98  ? 28  LYS A NZ  1 
ATOM   222  N N   . VAL A 1 119 ? 6.106   8.003   2.675   1.00 43.19  ? 29  VAL A N   1 
ATOM   223  C CA  . VAL A 1 119 ? 5.070   7.168   2.088   1.00 41.12  ? 29  VAL A CA  1 
ATOM   224  C C   . VAL A 1 119 ? 5.645   6.523   0.833   1.00 41.52  ? 29  VAL A C   1 
ATOM   225  O O   . VAL A 1 119 ? 6.076   7.220   -0.089  1.00 42.25  ? 29  VAL A O   1 
ATOM   226  C CB  . VAL A 1 119 ? 3.835   7.992   1.698   1.00 41.14  ? 29  VAL A CB  1 
ATOM   227  C CG1 . VAL A 1 119 ? 2.786   7.100   1.045   1.00 40.28  ? 29  VAL A CG1 1 
ATOM   228  C CG2 . VAL A 1 119 ? 3.268   8.708   2.918   1.00 41.21  ? 29  VAL A CG2 1 
ATOM   229  N N   . VAL A 1 120 ? 5.662   5.198   0.795   1.00 41.05  ? 30  VAL A N   1 
ATOM   230  C CA  . VAL A 1 120 ? 6.186   4.484   -0.354  1.00 42.23  ? 30  VAL A CA  1 
ATOM   231  C C   . VAL A 1 120 ? 5.048   3.861   -1.129  1.00 41.90  ? 30  VAL A C   1 
ATOM   232  O O   . VAL A 1 120 ? 4.133   3.309   -0.539  1.00 39.87  ? 30  VAL A O   1 
ATOM   233  C CB  . VAL A 1 120 ? 7.143   3.365   0.069   1.00 44.32  ? 30  VAL A CB  1 
ATOM   234  C CG1 . VAL A 1 120 ? 7.735   2.686   -1.161  1.00 44.83  ? 30  VAL A CG1 1 
ATOM   235  C CG2 . VAL A 1 120 ? 8.236   3.925   0.968   1.00 44.78  ? 30  VAL A CG2 1 
ATOM   236  N N   . ILE A 1 121 ? 5.115   3.940   -2.452  1.00 44.00  ? 31  ILE A N   1 
ATOM   237  C CA  . ILE A 1 121 ? 4.104   3.315   -3.288  1.00 45.68  ? 31  ILE A CA  1 
ATOM   238  C C   . ILE A 1 121 ? 4.665   2.099   -4.000  1.00 43.94  ? 31  ILE A C   1 
ATOM   239  O O   . ILE A 1 121 ? 5.742   2.144   -4.585  1.00 42.41  ? 31  ILE A O   1 
ATOM   240  C CB  . ILE A 1 121 ? 3.505   4.326   -4.260  1.00 48.30  ? 31  ILE A CB  1 
ATOM   241  C CG1 . ILE A 1 121 ? 2.652   5.299   -3.450  1.00 51.06  ? 31  ILE A CG1 1 
ATOM   242  C CG2 . ILE A 1 121 ? 2.654   3.632   -5.318  1.00 48.70  ? 31  ILE A CG2 1 
ATOM   243  C CD1 . ILE A 1 121 ? 2.264   6.524   -4.223  1.00 56.37  ? 31  ILE A CD1 1 
ATOM   244  N N   . HIS A 1 122 ? 3.914   1.008   -3.914  1.00 44.59  ? 32  HIS A N   1 
ATOM   245  C CA  . HIS A 1 122 ? 4.293   -0.274  -4.490  1.00 44.98  ? 32  HIS A CA  1 
ATOM   246  C C   . HIS A 1 122 ? 3.240   -0.695  -5.495  1.00 44.88  ? 32  HIS A C   1 
ATOM   247  O O   . HIS A 1 122 ? 2.211   -0.040  -5.642  1.00 46.02  ? 32  HIS A O   1 
ATOM   248  C CB  . HIS A 1 122 ? 4.342   -1.343  -3.404  1.00 45.38  ? 32  HIS A CB  1 
ATOM   249  C CG  . HIS A 1 122 ? 5.338   -1.067  -2.333  1.00 46.17  ? 32  HIS A CG  1 
ATOM   250  N ND1 . HIS A 1 122 ? 6.608   -1.602  -2.350  1.00 47.66  ? 32  HIS A ND1 1 
ATOM   251  C CD2 . HIS A 1 122 ? 5.256   -0.317  -1.211  1.00 47.49  ? 32  HIS A CD2 1 
ATOM   252  C CE1 . HIS A 1 122 ? 7.269   -1.185  -1.286  1.00 47.52  ? 32  HIS A CE1 1 
ATOM   253  N NE2 . HIS A 1 122 ? 6.470   -0.409  -0.575  1.00 47.97  ? 32  HIS A NE2 1 
ATOM   254  N N   . HIS A 1 123 ? 3.508   -1.804  -6.169  1.00 45.90  ? 33  HIS A N   1 
ATOM   255  C CA  . HIS A 1 123 ? 2.491   -2.520  -6.927  1.00 45.56  ? 33  HIS A CA  1 
ATOM   256  C C   . HIS A 1 123 ? 2.731   -4.013  -6.736  1.00 44.47  ? 33  HIS A C   1 
ATOM   257  O O   . HIS A 1 123 ? 3.858   -4.448  -6.507  1.00 43.83  ? 33  HIS A O   1 
ATOM   258  C CB  . HIS A 1 123 ? 2.467   -2.095  -8.405  1.00 47.85  ? 33  HIS A CB  1 
ATOM   259  C CG  . HIS A 1 123 ? 3.539   -2.711  -9.259  1.00 51.09  ? 33  HIS A CG  1 
ATOM   260  N ND1 . HIS A 1 123 ? 4.872   -2.735  -8.901  1.00 54.24  ? 33  HIS A ND1 1 
ATOM   261  C CD2 . HIS A 1 123 ? 3.473   -3.276  -10.486 1.00 53.46  ? 33  HIS A CD2 1 
ATOM   262  C CE1 . HIS A 1 123 ? 5.573   -3.323  -9.854  1.00 54.07  ? 33  HIS A CE1 1 
ATOM   263  N NE2 . HIS A 1 123 ? 4.747   -3.657  -10.829 1.00 56.17  ? 33  HIS A NE2 1 
ATOM   264  N N   . SER A 1 124 ? 1.658   -4.789  -6.788  1.00 44.64  ? 34  SER A N   1 
ATOM   265  C CA  . SER A 1 124 ? 1.733   -6.214  -6.528  1.00 43.05  ? 34  SER A CA  1 
ATOM   266  C C   . SER A 1 124 ? 2.458   -6.952  -7.648  1.00 45.08  ? 34  SER A C   1 
ATOM   267  O O   . SER A 1 124 ? 2.898   -8.084  -7.460  1.00 46.47  ? 34  SER A O   1 
ATOM   268  C CB  . SER A 1 124 ? 0.327   -6.784  -6.352  1.00 42.23  ? 34  SER A CB  1 
ATOM   269  O OG  . SER A 1 124 ? -0.460  -6.564  -7.507  1.00 42.07  ? 34  SER A OG  1 
ATOM   270  N N   . ALA A 1 125 ? 2.580   -6.313  -8.813  1.00 47.39  ? 35  ALA A N   1 
ATOM   271  C CA  . ALA A 1 125 ? 3.133   -6.953  -10.001 1.00 47.47  ? 35  ALA A CA  1 
ATOM   272  C C   . ALA A 1 125 ? 2.361   -8.252  -10.247 1.00 48.09  ? 35  ALA A C   1 
ATOM   273  O O   . ALA A 1 125 ? 2.937   -9.302  -10.505 1.00 49.16  ? 35  ALA A O   1 
ATOM   274  C CB  . ALA A 1 125 ? 4.625   -7.209  -9.830  1.00 47.04  ? 35  ALA A CB  1 
ATOM   275  N N   . GLY A 1 126 ? 1.040   -8.155  -10.141 1.00 47.44  ? 36  GLY A N   1 
ATOM   276  C CA  . GLY A 1 126 ? 0.165   -9.309  -10.208 1.00 47.50  ? 36  GLY A CA  1 
ATOM   277  C C   . GLY A 1 126 ? -1.165  -8.925  -10.814 1.00 48.43  ? 36  GLY A C   1 
ATOM   278  O O   . GLY A 1 126 ? -1.252  -7.955  -11.566 1.00 48.35  ? 36  GLY A O   1 
ATOM   279  N N   . ALA A 1 127 ? -2.200  -9.690  -10.482 1.00 49.89  ? 37  ALA A N   1 
ATOM   280  C CA  . ALA A 1 127 ? -3.531  -9.496  -11.053 1.00 50.87  ? 37  ALA A CA  1 
ATOM   281  C C   . ALA A 1 127 ? -4.167  -8.209  -10.569 1.00 52.42  ? 37  ALA A C   1 
ATOM   282  O O   . ALA A 1 127 ? -3.911  -7.754  -9.446  1.00 54.13  ? 37  ALA A O   1 
ATOM   283  C CB  . ALA A 1 127 ? -4.436  -10.672 -10.706 1.00 51.80  ? 37  ALA A CB  1 
ATOM   284  N N   . THR A 1 128 ? -4.993  -7.632  -11.437 1.00 53.77  ? 38  THR A N   1 
ATOM   285  C CA  . THR A 1 128 ? -5.889  -6.549  -11.064 1.00 54.56  ? 38  THR A CA  1 
ATOM   286  C C   . THR A 1 128 ? -7.251  -7.131  -10.664 1.00 56.25  ? 38  THR A C   1 
ATOM   287  O O   . THR A 1 128 ? -7.489  -8.343  -10.739 1.00 53.09  ? 38  THR A O   1 
ATOM   288  C CB  . THR A 1 128 ? -6.064  -5.532  -12.211 1.00 53.78  ? 38  THR A CB  1 
ATOM   289  O OG1 . THR A 1 128 ? -6.530  -6.204  -13.385 1.00 56.52  ? 38  THR A OG1 1 
ATOM   290  C CG2 . THR A 1 128 ? -4.755  -4.839  -12.528 1.00 52.57  ? 38  THR A CG2 1 
ATOM   291  N N   . CYS A 1 129 ? -8.129  -6.251  -10.211 1.00 58.82  ? 39  CYS A N   1 
ATOM   292  C CA  . CYS A 1 129 ? -9.438  -6.641  -9.732  1.00 61.25  ? 39  CYS A CA  1 
ATOM   293  C C   . CYS A 1 129 ? -10.336 -5.404  -9.744  1.00 58.82  ? 39  CYS A C   1 
ATOM   294  O O   . CYS A 1 129 ? -9.898  -4.317  -9.394  1.00 59.71  ? 39  CYS A O   1 
ATOM   295  C CB  . CYS A 1 129 ? -9.316  -7.241  -8.324  1.00 63.85  ? 39  CYS A CB  1 
ATOM   296  S SG  . CYS A 1 129 ? -8.484  -6.191  -7.097  1.00 71.14  ? 39  CYS A SG  1 
ATOM   297  N N   . SER A 1 130 ? -11.578 -5.556  -10.178 1.00 59.45  ? 40  SER A N   1 
ATOM   298  C CA  . SER A 1 130 ? -12.485 -4.412  -10.281 1.00 62.13  ? 40  SER A CA  1 
ATOM   299  C C   . SER A 1 130 ? -13.723 -4.527  -9.371  1.00 59.92  ? 40  SER A C   1 
ATOM   300  O O   . SER A 1 130 ? -14.552 -3.622  -9.342  1.00 59.28  ? 40  SER A O   1 
ATOM   301  C CB  . SER A 1 130 ? -12.890 -4.212  -11.743 1.00 63.08  ? 40  SER A CB  1 
ATOM   302  O OG  . SER A 1 130 ? -13.356 -5.426  -12.300 1.00 65.85  ? 40  SER A OG  1 
ATOM   303  N N   . THR A 1 131 ? -13.822 -5.618  -8.612  1.00 59.84  ? 41  THR A N   1 
ATOM   304  C CA  . THR A 1 131 ? -14.948 -5.871  -7.709  1.00 60.13  ? 41  THR A CA  1 
ATOM   305  C C   . THR A 1 131 ? -14.418 -5.930  -6.295  1.00 58.06  ? 41  THR A C   1 
ATOM   306  O O   . THR A 1 131 ? -13.318 -6.424  -6.064  1.00 58.68  ? 41  THR A O   1 
ATOM   307  C CB  . THR A 1 131 ? -15.608 -7.237  -8.009  1.00 62.30  ? 41  THR A CB  1 
ATOM   308  O OG1 . THR A 1 131 ? -15.966 -7.313  -9.389  1.00 64.34  ? 41  THR A OG1 1 
ATOM   309  C CG2 . THR A 1 131 ? -16.855 -7.446  -7.177  1.00 64.38  ? 41  THR A CG2 1 
ATOM   310  N N   . GLN A 1 132 ? -15.198 -5.456  -5.336  1.00 56.40  ? 42  GLN A N   1 
ATOM   311  C CA  . GLN A 1 132 ? -14.783 -5.561  -3.943  1.00 55.39  ? 42  GLN A CA  1 
ATOM   312  C C   . GLN A 1 132 ? -14.513 -7.002  -3.512  1.00 55.80  ? 42  GLN A C   1 
ATOM   313  O O   . GLN A 1 132 ? -13.530 -7.270  -2.832  1.00 56.35  ? 42  GLN A O   1 
ATOM   314  C CB  . GLN A 1 132 ? -15.820 -4.949  -3.020  1.00 54.02  ? 42  GLN A CB  1 
ATOM   315  C CG  . GLN A 1 132 ? -15.419 -5.026  -1.558  1.00 54.89  ? 42  GLN A CG  1 
ATOM   316  C CD  . GLN A 1 132 ? -16.225 -4.093  -0.684  1.00 57.33  ? 42  GLN A CD  1 
ATOM   317  O OE1 . GLN A 1 132 ? -17.139 -3.410  -1.150  1.00 62.87  ? 42  GLN A OE1 1 
ATOM   318  N NE2 . GLN A 1 132 ? -15.889 -4.054  0.593   1.00 56.92  ? 42  GLN A NE2 1 
ATOM   319  N N   . SER A 1 133 ? -15.400 -7.918  -3.884  1.00 57.94  ? 43  SER A N   1 
ATOM   320  C CA  . SER A 1 133 ? -15.231 -9.328  -3.532  1.00 58.76  ? 43  SER A CA  1 
ATOM   321  C C   . SER A 1 133 ? -14.038 -9.955  -4.250  1.00 56.48  ? 43  SER A C   1 
ATOM   322  O O   . SER A 1 133 ? -13.343 -10.781 -3.667  1.00 58.51  ? 43  SER A O   1 
ATOM   323  C CB  . SER A 1 133 ? -16.505 -10.128 -3.820  1.00 59.88  ? 43  SER A CB  1 
ATOM   324  O OG  . SER A 1 133 ? -16.690 -10.303 -5.209  1.00 60.86  ? 43  SER A OG  1 
ATOM   325  N N   . SER A 1 134 ? -13.800 -9.561  -5.501  1.00 53.85  ? 44  SER A N   1 
ATOM   326  C CA  . SER A 1 134 ? -12.633 -10.053 -6.249  1.00 52.88  ? 44  SER A CA  1 
ATOM   327  C C   . SER A 1 134 ? -11.325 -9.380  -5.798  1.00 53.05  ? 44  SER A C   1 
ATOM   328  O O   . SER A 1 134 ? -10.251 -9.972  -5.888  1.00 54.03  ? 44  SER A O   1 
ATOM   329  C CB  . SER A 1 134 ? -12.830 -9.892  -7.762  1.00 51.66  ? 44  SER A CB  1 
ATOM   330  O OG  . SER A 1 134 ? -12.670 -8.550  -8.176  1.00 51.14  ? 44  SER A OG  1 
ATOM   331  N N   . CYS A 1 135 ? -11.400 -8.148  -5.317  1.00 52.21  ? 45  CYS A N   1 
ATOM   332  C CA  . CYS A 1 135 ? -10.219 -7.519  -4.739  1.00 52.15  ? 45  CYS A CA  1 
ATOM   333  C C   . CYS A 1 135 ? -9.923  -8.112  -3.367  1.00 49.77  ? 45  CYS A C   1 
ATOM   334  O O   . CYS A 1 135 ? -8.761  -8.304  -3.011  1.00 48.91  ? 45  CYS A O   1 
ATOM   335  C CB  . CYS A 1 135 ? -10.381 -5.997  -4.662  1.00 55.39  ? 45  CYS A CB  1 
ATOM   336  S SG  . CYS A 1 135 ? -10.031 -5.125  -6.214  1.00 61.14  ? 45  CYS A SG  1 
ATOM   337  N N   . SER A 1 136 ? -10.955 -8.453  -2.634  1.00 46.61  ? 46  SER A N   1 
ATOM   338  C CA  . SER A 1 136 ? -10.791 -9.081  -1.356  1.00 46.48  ? 46  SER A CA  1 
ATOM   339  C C   . SER A 1 136 ? -10.117 -10.419 -1.479  1.00 48.02  ? 46  SER A C   1 
ATOM   340  O O   . SER A 1 136 ? -9.347  -10.788 -0.647  1.00 48.31  ? 46  SER A O   1 
ATOM   341  C CB  . SER A 1 136 ? -12.129 -9.228  -0.692  1.00 45.29  ? 46  SER A CB  1 
ATOM   342  O OG  . SER A 1 136 ? -12.674 -7.975  -0.455  1.00 43.71  ? 46  SER A OG  1 
ATOM   343  N N   . LEU A 1 137 ? -10.438 -11.161 -2.512  1.00 49.05  ? 47  LEU A N   1 
ATOM   344  C CA  . LEU A 1 137 ? -9.787  -12.416 -2.763  1.00 49.65  ? 47  LEU A CA  1 
ATOM   345  C C   . LEU A 1 137 ? -8.348  -12.185 -3.003  1.00 46.63  ? 47  LEU A C   1 
ATOM   346  O O   . LEU A 1 137 ? -7.517  -12.890 -2.519  1.00 45.26  ? 47  LEU A O   1 
ATOM   347  C CB  . LEU A 1 137 ? -10.365 -13.023 -4.024  1.00 20.00  ? 47  LEU A CB  1 
ATOM   348  C CG  . LEU A 1 137 ? -9.828  -14.324 -4.583  1.00 20.00  ? 47  LEU A CG  1 
ATOM   349  C CD1 . LEU A 1 137 ? -10.066 -15.417 -3.591  1.00 20.00  ? 47  LEU A CD1 1 
ATOM   350  C CD2 . LEU A 1 137 ? -10.478 -14.660 -5.893  1.00 20.00  ? 47  LEU A CD2 1 
ATOM   351  N N   . GLN A 1 138 ? -8.051  -11.168 -3.768  1.00 45.82  ? 48  GLN A N   1 
ATOM   352  C CA  . GLN A 1 138 ? -6.688  -10.887 -4.135  1.00 47.46  ? 48  GLN A CA  1 
ATOM   353  C C   . GLN A 1 138 ? -5.846  -10.539 -2.954  1.00 44.94  ? 48  GLN A C   1 
ATOM   354  O O   . GLN A 1 138 ? -4.713  -10.884 -2.871  1.00 45.00  ? 48  GLN A O   1 
ATOM   355  C CB  . GLN A 1 138 ? -6.638  -9.782  -5.161  1.00 49.66  ? 48  GLN A CB  1 
ATOM   356  C CG  . GLN A 1 138 ? -5.360  -9.773  -5.951  1.00 51.64  ? 48  GLN A CG  1 
ATOM   357  C CD  . GLN A 1 138 ? -5.062  -11.091 -6.596  1.00 53.21  ? 48  GLN A CD  1 
ATOM   358  O OE1 . GLN A 1 138 ? -5.920  -11.699 -7.186  1.00 54.76  ? 48  GLN A OE1 1 
ATOM   359  N NE2 . GLN A 1 138 ? -3.832  -11.523 -6.499  1.00 53.23  ? 48  GLN A NE2 1 
ATOM   360  N N   . VAL A 1 139 ? -6.419  -9.817  -2.035  1.00 43.10  ? 49  VAL A N   1 
ATOM   361  C CA  . VAL A 1 139 ? -5.710  -9.471  -0.812  1.00 43.13  ? 49  VAL A CA  1 
ATOM   362  C C   . VAL A 1 139 ? -5.419  -10.737 -0.002  1.00 43.60  ? 49  VAL A C   1 
ATOM   363  O O   . VAL A 1 139 ? -4.322  -10.905 0.532   1.00 45.09  ? 49  VAL A O   1 
ATOM   364  C CB  . VAL A 1 139 ? -6.491  -8.462  0.048   1.00 42.70  ? 49  VAL A CB  1 
ATOM   365  C CG1 . VAL A 1 139 ? -5.688  -8.099  1.278   1.00 43.03  ? 49  VAL A CG1 1 
ATOM   366  C CG2 . VAL A 1 139 ? -6.785  -7.194  -0.738  1.00 43.16  ? 49  VAL A CG2 1 
ATOM   367  N N   . ARG A 1 140 ? -6.399  -11.627 0.085   1.00 43.46  ? 50  ARG A N   1 
ATOM   368  C CA  . ARG A 1 140 ? -6.202  -12.898 0.767   1.00 43.86  ? 50  ARG A CA  1 
ATOM   369  C C   . ARG A 1 140 ? -5.121  -13.736 0.092   1.00 43.00  ? 50  ARG A C   1 
ATOM   370  O O   . ARG A 1 140 ? -4.299  -14.351 0.769   1.00 42.42  ? 50  ARG A O   1 
ATOM   371  C CB  . ARG A 1 140 ? -7.515  -13.683 0.841   1.00 45.22  ? 50  ARG A CB  1 
ATOM   372  C CG  . ARG A 1 140 ? -8.514  -13.087 1.822   1.00 45.99  ? 50  ARG A CG  1 
ATOM   373  C CD  . ARG A 1 140 ? -9.579  -14.092 2.238   1.00 45.43  ? 50  ARG A CD  1 
ATOM   374  N NE  . ARG A 1 140 ? -10.398 -14.543 1.114   1.00 45.30  ? 50  ARG A NE  1 
ATOM   375  C CZ  . ARG A 1 140 ? -11.351 -13.821 0.524   1.00 45.05  ? 50  ARG A CZ  1 
ATOM   376  N NH1 . ARG A 1 140 ? -11.622 -12.578 0.913   1.00 45.59  ? 50  ARG A NH1 1 
ATOM   377  N NH2 . ARG A 1 140 ? -12.032 -14.344 -0.487  1.00 44.59  ? 50  ARG A NH2 1 
ATOM   378  N N   . ASN A 1 141 ? -5.112  -13.757 -1.236  1.00 42.29  ? 51  ASN A N   1 
ATOM   379  C CA  . ASN A 1 141 ? -4.087  -14.502 -1.959  1.00 43.87  ? 51  ASN A CA  1 
ATOM   380  C C   . ASN A 1 141 ? -2.700  -13.963 -1.678  1.00 44.54  ? 51  ASN A C   1 
ATOM   381  O O   . ASN A 1 141 ? -1.753  -14.735 -1.498  1.00 46.56  ? 51  ASN A O   1 
ATOM   382  C CB  . ASN A 1 141 ? -4.335  -14.466 -3.462  1.00 44.91  ? 51  ASN A CB  1 
ATOM   383  C CG  . ASN A 1 141 ? -5.582  -15.217 -3.864  1.00 45.34  ? 51  ASN A CG  1 
ATOM   384  O OD1 . ASN A 1 141 ? -6.041  -16.116 -3.158  1.00 43.07  ? 51  ASN A OD1 1 
ATOM   385  N ND2 . ASN A 1 141 ? -6.143  -14.848 -5.009  1.00 47.24  ? 51  ASN A ND2 1 
ATOM   386  N N   . ILE A 1 142 ? -2.586  -12.637 -1.643  1.00 43.39  ? 52  ILE A N   1 
ATOM   387  C CA  . ILE A 1 142 ? -1.316  -11.987 -1.359  1.00 43.94  ? 52  ILE A CA  1 
ATOM   388  C C   . ILE A 1 142 ? -0.885  -12.262 0.086   1.00 42.83  ? 52  ILE A C   1 
ATOM   389  O O   . ILE A 1 142 ? 0.287   -12.533 0.358   1.00 41.94  ? 52  ILE A O   1 
ATOM   390  C CB  . ILE A 1 142 ? -1.403  -10.464 -1.606  1.00 45.43  ? 52  ILE A CB  1 
ATOM   391  C CG1 . ILE A 1 142 ? -1.601  -10.188 -3.099  1.00 46.38  ? 52  ILE A CG1 1 
ATOM   392  C CG2 . ILE A 1 142 ? -0.139  -9.752  -1.117  1.00 45.71  ? 52  ILE A CG2 1 
ATOM   393  C CD1 . ILE A 1 142 ? -1.882  -8.736  -3.437  1.00 46.50  ? 52  ILE A CD1 1 
ATOM   394  N N   . GLN A 1 143 ? -1.836  -12.177 1.008   1.00 42.19  ? 53  GLN A N   1 
ATOM   395  C CA  . GLN A 1 143 ? -1.560  -12.440 2.410   1.00 41.89  ? 53  GLN A CA  1 
ATOM   396  C C   . GLN A 1 143 ? -1.021  -13.850 2.600   1.00 42.04  ? 53  GLN A C   1 
ATOM   397  O O   . GLN A 1 143 ? -0.021  -14.057 3.281   1.00 42.41  ? 53  GLN A O   1 
ATOM   398  C CB  . GLN A 1 143 ? -2.817  -12.245 3.260   1.00 41.98  ? 53  GLN A CB  1 
ATOM   399  C CG  . GLN A 1 143 ? -2.502  -12.305 4.743   1.00 41.63  ? 53  GLN A CG  1 
ATOM   400  C CD  . GLN A 1 143 ? -3.716  -12.237 5.644   1.00 41.56  ? 53  GLN A CD  1 
ATOM   401  O OE1 . GLN A 1 143 ? -4.735  -12.873 5.387   1.00 40.94  ? 53  GLN A OE1 1 
ATOM   402  N NE2 . GLN A 1 143 ? -3.598  -11.487 6.735   1.00 43.15  ? 53  GLN A NE2 1 
ATOM   403  N N   . ASN A 1 144 ? -1.687  -14.813 1.981   1.00 43.52  ? 54  ASN A N   1 
ATOM   404  C CA  . ASN A 1 144 ? -1.260  -16.199 2.053   1.00 46.34  ? 54  ASN A CA  1 
ATOM   405  C C   . ASN A 1 144 ? 0.107   -16.424 1.426   1.00 45.34  ? 54  ASN A C   1 
ATOM   406  O O   . ASN A 1 144 ? 0.951   -17.118 1.999   1.00 45.91  ? 54  ASN A O   1 
ATOM   407  C CB  . ASN A 1 144 ? -2.308  -17.103 1.412   1.00 48.71  ? 54  ASN A CB  1 
ATOM   408  C CG  . ASN A 1 144 ? -3.616  -17.098 2.189   1.00 50.85  ? 54  ASN A CG  1 
ATOM   409  O OD1 . ASN A 1 144 ? -3.621  -17.205 3.428   1.00 50.36  ? 54  ASN A OD1 1 
ATOM   410  N ND2 . ASN A 1 144 ? -4.732  -16.959 1.475   1.00 51.29  ? 54  ASN A ND2 1 
ATOM   411  N N   . TYR A 1 145 ? 0.339   -15.820 0.270   1.00 43.10  ? 55  TYR A N   1 
ATOM   412  C CA  . TYR A 1 145 ? 1.663   -15.870 -0.322  1.00 44.50  ? 55  TYR A CA  1 
ATOM   413  C C   . TYR A 1 145 ? 2.714   -15.368 0.669   1.00 44.47  ? 55  TYR A C   1 
ATOM   414  O O   . TYR A 1 145 ? 3.738   -16.017 0.873   1.00 44.68  ? 55  TYR A O   1 
ATOM   415  C CB  . TYR A 1 145 ? 1.716   -15.068 -1.626  1.00 44.87  ? 55  TYR A CB  1 
ATOM   416  C CG  . TYR A 1 145 ? 3.117   -14.869 -2.187  1.00 45.71  ? 55  TYR A CG  1 
ATOM   417  C CD1 . TYR A 1 145 ? 3.943   -15.957 -2.471  1.00 45.91  ? 55  TYR A CD1 1 
ATOM   418  C CD2 . TYR A 1 145 ? 3.610   -13.589 -2.443  1.00 47.04  ? 55  TYR A CD2 1 
ATOM   419  C CE1 . TYR A 1 145 ? 5.219   -15.774 -2.991  1.00 47.89  ? 55  TYR A CE1 1 
ATOM   420  C CE2 . TYR A 1 145 ? 4.884   -13.395 -2.962  1.00 48.27  ? 55  TYR A CE2 1 
ATOM   421  C CZ  . TYR A 1 145 ? 5.686   -14.487 -3.238  1.00 49.91  ? 55  TYR A CZ  1 
ATOM   422  O OH  . TYR A 1 145 ? 6.953   -14.278 -3.753  1.00 52.28  ? 55  TYR A OH  1 
ATOM   423  N N   . HIS A 1 146 ? 2.451   -14.231 1.302   1.00 43.78  ? 56  HIS A N   1 
ATOM   424  C CA  . HIS A 1 146 ? 3.430   -13.633 2.196   1.00 43.38  ? 56  HIS A CA  1 
ATOM   425  C C   . HIS A 1 146 ? 3.676   -14.424 3.458   1.00 42.96  ? 56  HIS A C   1 
ATOM   426  O O   . HIS A 1 146 ? 4.797   -14.456 3.960   1.00 42.06  ? 56  HIS A O   1 
ATOM   427  C CB  . HIS A 1 146 ? 3.010   -12.226 2.582   1.00 44.27  ? 56  HIS A CB  1 
ATOM   428  C CG  . HIS A 1 146 ? 3.264   -11.219 1.514   1.00 45.20  ? 56  HIS A CG  1 
ATOM   429  N ND1 . HIS A 1 146 ? 2.733   -9.953  1.555   1.00 46.06  ? 56  HIS A ND1 1 
ATOM   430  C CD2 . HIS A 1 146 ? 3.973   -11.292 0.364   1.00 46.44  ? 56  HIS A CD2 1 
ATOM   431  C CE1 . HIS A 1 146 ? 3.113   -9.280  0.483   1.00 46.21  ? 56  HIS A CE1 1 
ATOM   432  N NE2 . HIS A 1 146 ? 3.864   -10.073 -0.258  1.00 45.79  ? 56  HIS A NE2 1 
ATOM   433  N N   . MET A 1 147 ? 2.634   -15.050 3.978   1.00 44.57  ? 57  MET A N   1 
ATOM   434  C CA  . MET A 1 147 ? 2.750   -15.737 5.248   1.00 47.65  ? 57  MET A CA  1 
ATOM   435  C C   . MET A 1 147 ? 3.147   -17.189 5.053   1.00 49.34  ? 57  MET A C   1 
ATOM   436  O O   . MET A 1 147 ? 4.062   -17.663 5.717   1.00 48.57  ? 57  MET A O   1 
ATOM   437  C CB  . MET A 1 147 ? 1.446   -15.640 6.015   1.00 49.47  ? 57  MET A CB  1 
ATOM   438  C CG  . MET A 1 147 ? 1.114   -14.241 6.495   1.00 51.04  ? 57  MET A CG  1 
ATOM   439  S SD  . MET A 1 147 ? 0.029   -14.327 7.928   1.00 53.87  ? 57  MET A SD  1 
ATOM   440  C CE  . MET A 1 147 ? -1.541  -14.059 7.158   1.00 53.38  ? 57  MET A CE  1 
ATOM   441  N N   . ASP A 1 148 ? 2.463   -17.888 4.150   1.00 50.47  ? 58  ASP A N   1 
ATOM   442  C CA  . ASP A 1 148 ? 2.798   -19.287 3.855   1.00 52.43  ? 58  ASP A CA  1 
ATOM   443  C C   . ASP A 1 148 ? 4.011   -19.413 2.942   1.00 52.99  ? 58  ASP A C   1 
ATOM   444  O O   . ASP A 1 148 ? 4.876   -20.257 3.168   1.00 53.87  ? 58  ASP A O   1 
ATOM   445  C CB  . ASP A 1 148 ? 1.629   -20.007 3.191   1.00 55.44  ? 58  ASP A CB  1 
ATOM   446  C CG  . ASP A 1 148 ? 0.451   -20.200 4.117   1.00 57.84  ? 58  ASP A CG  1 
ATOM   447  O OD1 . ASP A 1 148 ? 0.658   -20.307 5.351   1.00 55.58  ? 58  ASP A OD1 1 
ATOM   448  O OD2 . ASP A 1 148 ? -0.690  -20.243 3.598   1.00 62.87  ? 58  ASP A OD2 1 
ATOM   449  N N   . GLY A 1 149 ? 4.054   -18.596 1.893   1.00 51.93  ? 59  GLY A N   1 
ATOM   450  C CA  . GLY A 1 149 ? 5.158   -18.625 0.947   1.00 50.27  ? 59  GLY A CA  1 
ATOM   451  C C   . GLY A 1 149 ? 6.459   -18.059 1.490   1.00 49.51  ? 59  GLY A C   1 
ATOM   452  O O   . GLY A 1 149 ? 7.502   -18.694 1.380   1.00 48.15  ? 59  GLY A O   1 
ATOM   453  N N   . ARG A 1 150 ? 6.412   -16.865 2.067   1.00 50.26  ? 60  ARG A N   1 
ATOM   454  C CA  . ARG A 1 150 ? 7.633   -16.174 2.477   1.00 51.34  ? 60  ARG A CA  1 
ATOM   455  C C   . ARG A 1 150 ? 7.866   -16.156 3.970   1.00 50.03  ? 60  ARG A C   1 
ATOM   456  O O   . ARG A 1 150 ? 8.913   -15.692 4.414   1.00 49.95  ? 60  ARG A O   1 
ATOM   457  C CB  . ARG A 1 150 ? 7.629   -14.750 1.942   1.00 56.26  ? 60  ARG A CB  1 
ATOM   458  C CG  . ARG A 1 150 ? 7.617   -14.715 0.426   1.00 61.91  ? 60  ARG A CG  1 
ATOM   459  C CD  . ARG A 1 150 ? 8.537   -13.652 -0.145  1.00 68.97  ? 60  ARG A CD  1 
ATOM   460  N NE  . ARG A 1 150 ? 7.822   -12.399 -0.386  1.00 77.57  ? 60  ARG A NE  1 
ATOM   461  C CZ  . ARG A 1 150 ? 8.194   -11.469 -1.264  1.00 82.44  ? 60  ARG A CZ  1 
ATOM   462  N NH1 . ARG A 1 150 ? 9.290   -11.631 -2.002  1.00 86.41  ? 60  ARG A NH1 1 
ATOM   463  N NH2 . ARG A 1 150 ? 7.464   -10.368 -1.416  1.00 80.63  ? 60  ARG A NH2 1 
ATOM   464  N N   . GLY A 1 151 ? 6.909   -16.657 4.744   1.00 48.50  ? 61  GLY A N   1 
ATOM   465  C CA  . GLY A 1 151 ? 7.059   -16.717 6.193   1.00 48.34  ? 61  GLY A CA  1 
ATOM   466  C C   . GLY A 1 151 ? 6.899   -15.392 6.916   1.00 48.31  ? 61  GLY A C   1 
ATOM   467  O O   . GLY A 1 151 ? 7.403   -15.237 8.024   1.00 48.24  ? 61  GLY A O   1 
ATOM   468  N N   . TYR A 1 152 ? 6.204   -14.430 6.309   1.00 49.93  ? 62  TYR A N   1 
ATOM   469  C CA  . TYR A 1 152 ? 5.903   -13.174 7.002   1.00 51.20  ? 62  TYR A CA  1 
ATOM   470  C C   . TYR A 1 152 ? 4.852   -13.420 8.059   1.00 52.15  ? 62  TYR A C   1 
ATOM   471  O O   . TYR A 1 152 ? 4.035   -14.329 7.937   1.00 52.17  ? 62  TYR A O   1 
ATOM   472  C CB  . TYR A 1 152 ? 5.399   -12.085 6.053   1.00 52.03  ? 62  TYR A CB  1 
ATOM   473  C CG  . TYR A 1 152 ? 6.383   -11.631 4.996   1.00 53.96  ? 62  TYR A CG  1 
ATOM   474  C CD1 . TYR A 1 152 ? 7.714   -12.042 5.014   1.00 54.33  ? 62  TYR A CD1 1 
ATOM   475  C CD2 . TYR A 1 152 ? 5.985   -10.756 3.987   1.00 55.34  ? 62  TYR A CD2 1 
ATOM   476  C CE1 . TYR A 1 152 ? 8.605   -11.619 4.043   1.00 57.17  ? 62  TYR A CE1 1 
ATOM   477  C CE2 . TYR A 1 152 ? 6.872   -10.324 3.017   1.00 56.63  ? 62  TYR A CE2 1 
ATOM   478  C CZ  . TYR A 1 152 ? 8.182   -10.760 3.048   1.00 57.69  ? 62  TYR A CZ  1 
ATOM   479  O OH  . TYR A 1 152 ? 9.072   -10.346 2.083   1.00 58.55  ? 62  TYR A OH  1 
ATOM   480  N N   . SER A 1 153 ? 4.879   -12.595 9.099   1.00 55.40  ? 63  SER A N   1 
ATOM   481  C CA  . SER A 1 153 ? 3.932   -12.707 10.206  1.00 56.58  ? 63  SER A CA  1 
ATOM   482  C C   . SER A 1 153 ? 2.605   -11.999 9.893   1.00 55.77  ? 63  SER A C   1 
ATOM   483  O O   . SER A 1 153 ? 1.661   -12.073 10.679  1.00 58.90  ? 63  SER A O   1 
ATOM   484  C CB  . SER A 1 153 ? 4.569   -12.166 11.482  1.00 56.81  ? 63  SER A CB  1 
ATOM   485  O OG  . SER A 1 153 ? 5.475   -11.118 11.169  1.00 62.55  ? 63  SER A OG  1 
ATOM   486  N N   . ASP A 1 154 ? 2.543   -11.321 8.746   1.00 54.56  ? 64  ASP A N   1 
ATOM   487  C CA  . ASP A 1 154 ? 1.307   -10.730 8.225   1.00 53.42  ? 64  ASP A CA  1 
ATOM   488  C C   . ASP A 1 154 ? 1.563   -10.300 6.786   1.00 50.24  ? 64  ASP A C   1 
ATOM   489  O O   . ASP A 1 154 ? 2.715   -10.278 6.347   1.00 48.38  ? 64  ASP A O   1 
ATOM   490  C CB  . ASP A 1 154 ? 0.899   -9.509  9.068   1.00 55.27  ? 64  ASP A CB  1 
ATOM   491  C CG  . ASP A 1 154 ? -0.492  -8.972  8.718   1.00 56.33  ? 64  ASP A CG  1 
ATOM   492  O OD1 . ASP A 1 154 ? -1.276  -9.661  8.017   1.00 54.55  ? 64  ASP A OD1 1 
ATOM   493  O OD2 . ASP A 1 154 ? -0.802  -7.842  9.158   1.00 59.18  ? 64  ASP A OD2 1 
ATOM   494  N N   . ILE A 1 155 ? 0.504   -9.957  6.053   1.00 47.77  ? 65  ILE A N   1 
ATOM   495  C CA  . ILE A 1 155 ? 0.657   -9.287  4.765   1.00 47.70  ? 65  ILE A CA  1 
ATOM   496  C C   . ILE A 1 155 ? 1.583   -8.064  4.906   1.00 48.61  ? 65  ILE A C   1 
ATOM   497  O O   . ILE A 1 155 ? 1.453   -7.277  5.844   1.00 52.93  ? 65  ILE A O   1 
ATOM   498  C CB  . ILE A 1 155 ? -0.707  -8.886  4.165   1.00 48.68  ? 65  ILE A CB  1 
ATOM   499  C CG1 . ILE A 1 155 ? -0.550  -8.494  2.700   1.00 49.88  ? 65  ILE A CG1 1 
ATOM   500  C CG2 . ILE A 1 155 ? -1.371  -7.761  4.953   1.00 49.00  ? 65  ILE A CG2 1 
ATOM   501  C CD1 . ILE A 1 155 ? -1.863  -8.441  1.957   1.00 50.63  ? 65  ILE A CD1 1 
ATOM   502  N N   . GLY A 1 156 ? 2.500   -7.900  3.961   1.00 46.61  ? 66  GLY A N   1 
ATOM   503  C CA  . GLY A 1 156 ? 3.671   -7.054  4.142   1.00 46.56  ? 66  GLY A CA  1 
ATOM   504  C C   . GLY A 1 156 ? 3.401   -5.565  4.058   1.00 46.11  ? 66  GLY A C   1 
ATOM   505  O O   . GLY A 1 156 ? 4.156   -4.764  4.606   1.00 49.52  ? 66  GLY A O   1 
ATOM   506  N N   . TYR A 1 157 ? 2.321   -5.196  3.381   1.00 43.63  ? 67  TYR A N   1 
ATOM   507  C CA  . TYR A 1 157 ? 1.970   -3.799  3.172   1.00 42.75  ? 67  TYR A CA  1 
ATOM   508  C C   . TYR A 1 157 ? 0.998   -3.275  4.219   1.00 39.68  ? 67  TYR A C   1 
ATOM   509  O O   . TYR A 1 157 ? 0.133   -3.999  4.705   1.00 37.59  ? 67  TYR A O   1 
ATOM   510  C CB  . TYR A 1 157 ? 1.341   -3.635  1.800   1.00 43.45  ? 67  TYR A CB  1 
ATOM   511  C CG  . TYR A 1 157 ? 2.199   -4.174  0.695   1.00 45.87  ? 67  TYR A CG  1 
ATOM   512  C CD1 . TYR A 1 157 ? 3.400   -3.552  0.363   1.00 48.12  ? 67  TYR A CD1 1 
ATOM   513  C CD2 . TYR A 1 157 ? 1.814   -5.301  -0.032  1.00 47.29  ? 67  TYR A CD2 1 
ATOM   514  C CE1 . TYR A 1 157 ? 4.200   -4.031  -0.661  1.00 48.10  ? 67  TYR A CE1 1 
ATOM   515  C CE2 . TYR A 1 157 ? 2.606   -5.790  -1.061  1.00 47.66  ? 67  TYR A CE2 1 
ATOM   516  C CZ  . TYR A 1 157 ? 3.799   -5.151  -1.364  1.00 48.07  ? 67  TYR A CZ  1 
ATOM   517  O OH  . TYR A 1 157 ? 4.592   -5.614  -2.377  1.00 49.65  ? 67  TYR A OH  1 
ATOM   518  N N   . ASN A 1 158 ? 1.132   -1.995  4.526   1.00 38.11  ? 68  ASN A N   1 
ATOM   519  C CA  . ASN A 1 158 ? 0.262   -1.347  5.480   1.00 37.93  ? 68  ASN A CA  1 
ATOM   520  C C   . ASN A 1 158 ? -1.127  -1.259  4.900   1.00 37.88  ? 68  ASN A C   1 
ATOM   521  O O   . ASN A 1 158 ? -2.107  -1.491  5.605   1.00 37.35  ? 68  ASN A O   1 
ATOM   522  C CB  . ASN A 1 158 ? 0.760   0.051   5.798   1.00 38.27  ? 68  ASN A CB  1 
ATOM   523  C CG  . ASN A 1 158 ? 2.020   0.037   6.609   1.00 39.40  ? 68  ASN A CG  1 
ATOM   524  O OD1 . ASN A 1 158 ? 1.973   0.128   7.825   1.00 41.92  ? 68  ASN A OD1 1 
ATOM   525  N ND2 . ASN A 1 158 ? 3.157   -0.090  5.951   1.00 40.73  ? 68  ASN A ND2 1 
ATOM   526  N N   . PHE A 1 159 ? -1.194  -0.929  3.612   1.00 37.68  ? 69  PHE A N   1 
ATOM   527  C CA  . PHE A 1 159 ? -2.454  -0.770  2.908   1.00 39.55  ? 69  PHE A CA  1 
ATOM   528  C C   . PHE A 1 159 ? -2.358  -1.232  1.457   1.00 40.96  ? 69  PHE A C   1 
ATOM   529  O O   . PHE A 1 159 ? -1.296  -1.138  0.842   1.00 41.98  ? 69  PHE A O   1 
ATOM   530  C CB  . PHE A 1 159 ? -2.865  0.700   2.922   1.00 41.20  ? 69  PHE A CB  1 
ATOM   531  C CG  . PHE A 1 159 ? -3.248  1.216   4.284   1.00 42.58  ? 69  PHE A CG  1 
ATOM   532  C CD1 . PHE A 1 159 ? -4.521  0.990   4.792   1.00 41.85  ? 69  PHE A CD1 1 
ATOM   533  C CD2 . PHE A 1 159 ? -2.338  1.939   5.059   1.00 42.79  ? 69  PHE A CD2 1 
ATOM   534  C CE1 . PHE A 1 159 ? -4.878  1.465   6.040   1.00 42.21  ? 69  PHE A CE1 1 
ATOM   535  C CE2 . PHE A 1 159 ? -2.692  2.414   6.309   1.00 42.49  ? 69  PHE A CE2 1 
ATOM   536  C CZ  . PHE A 1 159 ? -3.966  2.181   6.799   1.00 42.11  ? 69  PHE A CZ  1 
ATOM   537  N N   . LEU A 1 160 ? -3.476  -1.712  0.912   1.00 41.84  ? 70  LEU A N   1 
ATOM   538  C CA  . LEU A 1 160 ? -3.566  -2.062  -0.505  1.00 43.24  ? 70  LEU A CA  1 
ATOM   539  C C   . LEU A 1 160 ? -4.696  -1.332  -1.204  1.00 44.28  ? 70  LEU A C   1 
ATOM   540  O O   . LEU A 1 160 ? -5.718  -1.033  -0.600  1.00 45.44  ? 70  LEU A O   1 
ATOM   541  C CB  . LEU A 1 160 ? -3.768  -3.558  -0.688  1.00 43.74  ? 70  LEU A CB  1 
ATOM   542  C CG  . LEU A 1 160 ? -2.615  -4.408  -0.167  1.00 45.88  ? 70  LEU A CG  1 
ATOM   543  C CD1 . LEU A 1 160 ? -2.933  -4.926  1.228   1.00 47.63  ? 70  LEU A CD1 1 
ATOM   544  C CD2 . LEU A 1 160 ? -2.328  -5.568  -1.107  1.00 46.48  ? 70  LEU A CD2 1 
ATOM   545  N N   . VAL A 1 161 ? -4.513  -1.072  -2.493  1.00 46.40  ? 71  VAL A N   1 
ATOM   546  C CA  . VAL A 1 161 ? -5.491  -0.334  -3.277  1.00 47.88  ? 71  VAL A CA  1 
ATOM   547  C C   . VAL A 1 161 ? -5.908  -1.156  -4.484  1.00 48.47  ? 71  VAL A C   1 
ATOM   548  O O   . VAL A 1 161 ? -5.064  -1.635  -5.237  1.00 50.01  ? 71  VAL A O   1 
ATOM   549  C CB  . VAL A 1 161 ? -4.913  1.008   -3.747  1.00 49.27  ? 71  VAL A CB  1 
ATOM   550  C CG1 . VAL A 1 161 ? -5.973  1.819   -4.474  1.00 51.52  ? 71  VAL A CG1 1 
ATOM   551  C CG2 . VAL A 1 161 ? -4.387  1.796   -2.558  1.00 49.80  ? 71  VAL A CG2 1 
ATOM   552  N N   . GLY A 1 162 ? -7.216  -1.318  -4.656  1.00 49.55  ? 72  GLY A N   1 
ATOM   553  C CA  . GLY A 1 162 ? -7.764  -2.066  -5.782  1.00 50.52  ? 72  GLY A CA  1 
ATOM   554  C C   . GLY A 1 162 ? -8.176  -1.150  -6.917  1.00 51.04  ? 72  GLY A C   1 
ATOM   555  O O   . GLY A 1 162 ? -8.412  0.045   -6.708  1.00 50.54  ? 72  GLY A O   1 
ATOM   556  N N   . ASN A 1 163 ? -8.260  -1.711  -8.121  1.00 51.29  ? 73  ASN A N   1 
ATOM   557  C CA  . ASN A 1 163 ? -8.808  -0.983  -9.268  1.00 51.15  ? 73  ASN A CA  1 
ATOM   558  C C   . ASN A 1 163 ? -10.315 -0.775  -9.133  1.00 50.97  ? 73  ASN A C   1 
ATOM   559  O O   . ASN A 1 163 ? -10.889 0.012   -9.879  1.00 51.87  ? 73  ASN A O   1 
ATOM   560  C CB  . ASN A 1 163 ? -8.473  -1.678  -10.597 1.00 51.10  ? 73  ASN A CB  1 
ATOM   561  C CG  . ASN A 1 163 ? -7.124  -1.253  -11.165 1.00 52.68  ? 73  ASN A CG  1 
ATOM   562  O OD1 . ASN A 1 163 ? -6.404  -0.430  -10.585 1.00 53.85  ? 73  ASN A OD1 1 
ATOM   563  N ND2 . ASN A 1 163 ? -6.777  -1.814  -12.312 1.00 53.54  ? 73  ASN A ND2 1 
ATOM   564  N N   . ASP A 1 164 ? -10.943 -1.473  -8.183  1.00 51.17  ? 74  ASP A N   1 
ATOM   565  C CA  . ASP A 1 164 ? -12.332 -1.191  -7.773  1.00 52.72  ? 74  ASP A CA  1 
ATOM   566  C C   . ASP A 1 164 ? -12.519 0.193   -7.116  1.00 52.46  ? 74  ASP A C   1 
ATOM   567  O O   . ASP A 1 164 ? -13.650 0.663   -6.967  1.00 48.98  ? 74  ASP A O   1 
ATOM   568  C CB  . ASP A 1 164 ? -12.876 -2.296  -6.840  1.00 54.55  ? 74  ASP A CB  1 
ATOM   569  C CG  . ASP A 1 164 ? -12.130 -2.390  -5.490  1.00 57.77  ? 74  ASP A CG  1 
ATOM   570  O OD1 . ASP A 1 164 ? -11.099 -1.713  -5.280  1.00 60.96  ? 74  ASP A OD1 1 
ATOM   571  O OD2 . ASP A 1 164 ? -12.575 -3.174  -4.627  1.00 56.44  ? 74  ASP A OD2 1 
ATOM   572  N N   . GLY A 1 165 ? -11.411 0.822   -6.719  1.00 52.49  ? 75  GLY A N   1 
ATOM   573  C CA  . GLY A 1 165 ? -11.429 2.134   -6.081  1.00 51.10  ? 75  GLY A CA  1 
ATOM   574  C C   . GLY A 1 165 ? -11.395 2.076   -4.566  1.00 50.27  ? 75  GLY A C   1 
ATOM   575  O O   . GLY A 1 165 ? -11.517 3.104   -3.910  1.00 53.99  ? 75  GLY A O   1 
ATOM   576  N N   . ASN A 1 166 ? -11.215 0.884   -4.003  1.00 50.45  ? 76  ASN A N   1 
ATOM   577  C CA  . ASN A 1 166 ? -11.245 0.701   -2.549  1.00 50.08  ? 76  ASN A CA  1 
ATOM   578  C C   . ASN A 1 166 ? -9.877  0.580   -1.937  1.00 45.85  ? 76  ASN A C   1 
ATOM   579  O O   . ASN A 1 166 ? -8.918  0.218   -2.601  1.00 45.42  ? 76  ASN A O   1 
ATOM   580  C CB  . ASN A 1 166 ? -12.032 -0.551  -2.189  1.00 53.06  ? 76  ASN A CB  1 
ATOM   581  C CG  . ASN A 1 166 ? -13.508 -0.395  -2.450  1.00 55.57  ? 76  ASN A CG  1 
ATOM   582  O OD1 . ASN A 1 166 ? -14.128 0.581   -2.024  1.00 56.73  ? 76  ASN A OD1 1 
ATOM   583  N ND2 . ASN A 1 166 ? -14.084 -1.359  -3.151  1.00 58.45  ? 76  ASN A ND2 1 
ATOM   584  N N   . VAL A 1 167 ? -9.807  0.876   -0.650  1.00 44.53  ? 77  VAL A N   1 
ATOM   585  C CA  . VAL A 1 167 ? -8.588  0.700   0.117   1.00 43.61  ? 77  VAL A CA  1 
ATOM   586  C C   . VAL A 1 167 ? -8.798  -0.456  1.074   1.00 43.65  ? 77  VAL A C   1 
ATOM   587  O O   . VAL A 1 167 ? -9.863  -0.590  1.675   1.00 44.44  ? 77  VAL A O   1 
ATOM   588  C CB  . VAL A 1 167 ? -8.233  1.973   0.900   1.00 43.80  ? 77  VAL A CB  1 
ATOM   589  C CG1 . VAL A 1 167 ? -7.040  1.741   1.815   1.00 44.03  ? 77  VAL A CG1 1 
ATOM   590  C CG2 . VAL A 1 167 ? -7.946  3.107   -0.068  1.00 43.88  ? 77  VAL A CG2 1 
ATOM   591  N N   . TYR A 1 168 ? -7.771  -1.288  1.199   1.00 44.60  ? 78  TYR A N   1 
ATOM   592  C CA  . TYR A 1 168 ? -7.809  -2.475  2.033   1.00 44.90  ? 78  TYR A CA  1 
ATOM   593  C C   . TYR A 1 168 ? -6.724  -2.365  3.086   1.00 47.10  ? 78  TYR A C   1 
ATOM   594  O O   . TYR A 1 168 ? -5.583  -2.025  2.780   1.00 49.06  ? 78  TYR A O   1 
ATOM   595  C CB  . TYR A 1 168 ? -7.593  -3.722  1.171   1.00 44.79  ? 78  TYR A CB  1 
ATOM   596  C CG  . TYR A 1 168 ? -8.710  -3.936  0.185   1.00 44.42  ? 78  TYR A CG  1 
ATOM   597  C CD1 . TYR A 1 168 ? -8.745  -3.224  -1.005  1.00 44.49  ? 78  TYR A CD1 1 
ATOM   598  C CD2 . TYR A 1 168 ? -9.751  -4.825  0.457   1.00 43.82  ? 78  TYR A CD2 1 
ATOM   599  C CE1 . TYR A 1 168 ? -9.777  -3.393  -1.908  1.00 46.13  ? 78  TYR A CE1 1 
ATOM   600  C CE2 . TYR A 1 168 ? -10.789 -5.001  -0.440  1.00 44.19  ? 78  TYR A CE2 1 
ATOM   601  C CZ  . TYR A 1 168 ? -10.798 -4.283  -1.622  1.00 45.00  ? 78  TYR A CZ  1 
ATOM   602  O OH  . TYR A 1 168 ? -11.821 -4.433  -2.526  1.00 43.55  ? 78  TYR A OH  1 
ATOM   603  N N   . GLU A 1 169 ? -7.086  -2.656  4.327   1.00 48.08  ? 79  GLU A N   1 
ATOM   604  C CA  . GLU A 1 169 ? -6.171  -2.555  5.444   1.00 49.30  ? 79  GLU A CA  1 
ATOM   605  C C   . GLU A 1 169 ? -5.309  -3.798  5.482   1.00 48.30  ? 79  GLU A C   1 
ATOM   606  O O   . GLU A 1 169 ? -5.821  -4.911  5.384   1.00 50.10  ? 79  GLU A O   1 
ATOM   607  C CB  . GLU A 1 169 ? -6.976  -2.440  6.738   1.00 53.79  ? 79  GLU A CB  1 
ATOM   608  C CG  . GLU A 1 169 ? -6.155  -2.181  7.990   1.00 57.82  ? 79  GLU A CG  1 
ATOM   609  C CD  . GLU A 1 169 ? -6.821  -2.707  9.256   1.00 61.82  ? 79  GLU A CD  1 
ATOM   610  O OE1 . GLU A 1 169 ? -8.040  -3.003  9.238   1.00 61.56  ? 79  GLU A OE1 1 
ATOM   611  O OE2 . GLU A 1 169 ? -6.112  -2.833  10.279  1.00 68.20  ? 79  GLU A OE2 1 
ATOM   612  N N   . GLY A 1 170 ? -4.000  -3.609  5.606   1.00 47.85  ? 80  GLY A N   1 
ATOM   613  C CA  . GLY A 1 170 ? -3.081  -4.708  5.866   1.00 47.15  ? 80  GLY A CA  1 
ATOM   614  C C   . GLY A 1 170 ? -2.593  -4.570  7.289   1.00 46.89  ? 80  GLY A C   1 
ATOM   615  O O   . GLY A 1 170 ? -3.318  -4.876  8.236   1.00 48.41  ? 80  GLY A O   1 
ATOM   616  N N   . ARG A 1 171 ? -1.373  -4.067  7.437   1.00 46.45  ? 81  ARG A N   1 
ATOM   617  C CA  . ARG A 1 171 ? -0.811  -3.782  8.752   1.00 46.54  ? 81  ARG A CA  1 
ATOM   618  C C   . ARG A 1 171 ? -1.350  -2.460  9.296   1.00 44.59  ? 81  ARG A C   1 
ATOM   619  O O   . ARG A 1 171 ? -1.253  -2.188  10.485  1.00 43.45  ? 81  ARG A O   1 
ATOM   620  C CB  . ARG A 1 171 ? 0.712   -3.762  8.677   1.00 47.63  ? 81  ARG A CB  1 
ATOM   621  C CG  . ARG A 1 171 ? 1.268   -5.002  7.991   1.00 48.54  ? 81  ARG A CG  1 
ATOM   622  C CD  . ARG A 1 171 ? 2.703   -5.317  8.384   1.00 48.93  ? 81  ARG A CD  1 
ATOM   623  N NE  . ARG A 1 171 ? 3.085   -6.674  7.975   1.00 48.68  ? 81  ARG A NE  1 
ATOM   624  C CZ  . ARG A 1 171 ? 4.289   -7.219  8.156   1.00 48.43  ? 81  ARG A CZ  1 
ATOM   625  N NH1 . ARG A 1 171 ? 5.266   -6.532  8.739   1.00 48.32  ? 81  ARG A NH1 1 
ATOM   626  N NH2 . ARG A 1 171 ? 4.521   -8.461  7.747   1.00 48.13  ? 81  ARG A NH2 1 
ATOM   627  N N   . GLY A 1 172 ? -1.930  -1.646  8.421   1.00 42.76  ? 82  GLY A N   1 
ATOM   628  C CA  . GLY A 1 172 ? -2.591  -0.431  8.844   1.00 41.65  ? 82  GLY A CA  1 
ATOM   629  C C   . GLY A 1 172 ? -1.613  0.631   9.296   1.00 42.33  ? 82  GLY A C   1 
ATOM   630  O O   . GLY A 1 172 ? -0.422  0.576   8.997   1.00 41.31  ? 82  GLY A O   1 
ATOM   631  N N   . TRP A 1 173 ? -2.130  1.591   10.048  1.00 43.52  ? 83  TRP A N   1 
ATOM   632  C CA  . TRP A 1 173 ? -1.408  2.823   10.352  1.00 44.07  ? 83  TRP A CA  1 
ATOM   633  C C   . TRP A 1 173 ? -0.259  2.658   11.319  1.00 46.00  ? 83  TRP A C   1 
ATOM   634  O O   . TRP A 1 173 ? 0.752   3.346   11.203  1.00 47.00  ? 83  TRP A O   1 
ATOM   635  C CB  . TRP A 1 173 ? -2.354  3.837   10.982  1.00 43.19  ? 83  TRP A CB  1 
ATOM   636  C CG  . TRP A 1 173 ? -3.416  4.308   10.105  1.00 42.13  ? 83  TRP A CG  1 
ATOM   637  C CD1 . TRP A 1 173 ? -4.749  4.097   10.255  1.00 43.38  ? 83  TRP A CD1 1 
ATOM   638  C CD2 . TRP A 1 173 ? -3.258  5.103   8.937   1.00 42.52  ? 83  TRP A CD2 1 
ATOM   639  N NE1 . TRP A 1 173 ? -5.442  4.713   9.242   1.00 44.63  ? 83  TRP A NE1 1 
ATOM   640  C CE2 . TRP A 1 173 ? -4.548  5.334   8.413   1.00 43.28  ? 83  TRP A CE2 1 
ATOM   641  C CE3 . TRP A 1 173 ? -2.153  5.633   8.270   1.00 42.72  ? 83  TRP A CE3 1 
ATOM   642  C CZ2 . TRP A 1 173 ? -4.764  6.078   7.250   1.00 42.88  ? 83  TRP A CZ2 1 
ATOM   643  C CZ3 . TRP A 1 173 ? -2.369  6.379   7.112   1.00 43.46  ? 83  TRP A CZ3 1 
ATOM   644  C CH2 . TRP A 1 173 ? -3.665  6.593   6.616   1.00 43.06  ? 83  TRP A CH2 1 
ATOM   645  N N   . ASP A 1 174 ? -0.443  1.785   12.303  1.00 49.71  ? 84  ASP A N   1 
ATOM   646  C CA  . ASP A 1 174 ? 0.411   1.769   13.487  1.00 51.71  ? 84  ASP A CA  1 
ATOM   647  C C   . ASP A 1 174 ? 1.561   0.759   13.378  1.00 50.00  ? 84  ASP A C   1 
ATOM   648  O O   . ASP A 1 174 ? 2.550   0.863   14.104  1.00 49.32  ? 84  ASP A O   1 
ATOM   649  C CB  . ASP A 1 174 ? -0.447  1.497   14.738  1.00 54.98  ? 84  ASP A CB  1 
ATOM   650  C CG  . ASP A 1 174 ? -1.571  2.544   14.941  1.00 60.15  ? 84  ASP A CG  1 
ATOM   651  O OD1 . ASP A 1 174 ? -1.533  3.622   14.307  1.00 61.08  ? 84  ASP A OD1 1 
ATOM   652  O OD2 . ASP A 1 174 ? -2.499  2.289   15.748  1.00 63.26  ? 84  ASP A OD2 1 
ATOM   653  N N   . ARG A 1 175 ? 1.445   -0.192  12.457  1.00 48.22  ? 85  ARG A N   1 
ATOM   654  C CA  . ARG A 1 175 ? 2.394   -1.299  12.368  1.00 47.44  ? 85  ARG A CA  1 
ATOM   655  C C   . ARG A 1 175 ? 3.339   -1.209  11.189  1.00 46.21  ? 85  ARG A C   1 
ATOM   656  O O   . ARG A 1 175 ? 3.061   -0.591  10.168  1.00 43.90  ? 85  ARG A O   1 
ATOM   657  C CB  . ARG A 1 175 ? 1.653   -2.633  12.309  1.00 49.43  ? 85  ARG A CB  1 
ATOM   658  C CG  . ARG A 1 175 ? 1.410   -3.246  13.673  1.00 52.46  ? 85  ARG A CG  1 
ATOM   659  C CD  . ARG A 1 175 ? 0.200   -4.171  13.688  1.00 54.44  ? 85  ARG A CD  1 
ATOM   660  N NE  . ARG A 1 175 ? -0.164  -4.533  15.059  1.00 55.54  ? 85  ARG A NE  1 
ATOM   661  C CZ  . ARG A 1 175 ? -1.006  -3.857  15.838  1.00 55.61  ? 85  ARG A CZ  1 
ATOM   662  N NH1 . ARG A 1 175 ? -1.612  -2.758  15.407  1.00 56.16  ? 85  ARG A NH1 1 
ATOM   663  N NH2 . ARG A 1 175 ? -1.243  -4.290  17.069  1.00 57.32  ? 85  ARG A NH2 1 
ATOM   664  N N   . ARG A 1 176 ? 4.454   -1.896  11.340  1.00 48.27  ? 86  ARG A N   1 
ATOM   665  C CA  . ARG A 1 176 ? 5.564   -1.771  10.429  1.00 49.97  ? 86  ARG A CA  1 
ATOM   666  C C   . ARG A 1 176 ? 5.526   -2.830  9.327   1.00 49.43  ? 86  ARG A C   1 
ATOM   667  O O   . ARG A 1 176 ? 5.301   -4.008  9.597   1.00 47.98  ? 86  ARG A O   1 
ATOM   668  C CB  . ARG A 1 176 ? 6.838   -1.910  11.231  1.00 52.87  ? 86  ARG A CB  1 
ATOM   669  C CG  . ARG A 1 176 ? 8.090   -1.774  10.403  1.00 58.01  ? 86  ARG A CG  1 
ATOM   670  C CD  . ARG A 1 176 ? 9.243   -2.482  11.065  1.00 62.90  ? 86  ARG A CD  1 
ATOM   671  N NE  . ARG A 1 176 ? 9.639   -1.790  12.290  1.00 68.56  ? 86  ARG A NE  1 
ATOM   672  C CZ  . ARG A 1 176 ? 10.831  -1.906  12.864  1.00 71.38  ? 86  ARG A CZ  1 
ATOM   673  N NH1 . ARG A 1 176 ? 11.765  -2.686  12.327  1.00 72.66  ? 86  ARG A NH1 1 
ATOM   674  N NH2 . ARG A 1 176 ? 11.095  -1.232  13.976  1.00 71.83  ? 86  ARG A NH2 1 
ATOM   675  N N   . GLY A 1 177 ? 5.773   -2.403  8.091   1.00 49.22  ? 87  GLY A N   1 
ATOM   676  C CA  . GLY A 1 177 ? 5.767   -3.298  6.943   1.00 50.40  ? 87  GLY A CA  1 
ATOM   677  C C   . GLY A 1 177 ? 7.009   -4.147  6.845   1.00 53.62  ? 87  GLY A C   1 
ATOM   678  O O   . GLY A 1 177 ? 7.989   -3.896  7.536   1.00 52.82  ? 87  GLY A O   1 
ATOM   679  N N   . ALA A 1 178 ? 6.947   -5.178  6.007   1.00 61.50  ? 88  ALA A N   1 
ATOM   680  C CA  . ALA A 1 178 ? 8.131   -5.939  5.596   1.00 70.53  ? 88  ALA A CA  1 
ATOM   681  C C   . ALA A 1 178 ? 8.592   -5.495  4.200   1.00 80.83  ? 88  ALA A C   1 
ATOM   682  O O   . ALA A 1 178 ? 9.725   -5.779  3.780   1.00 87.84  ? 88  ALA A O   1 
ATOM   683  C CB  . ALA A 1 178 ? 7.815   -7.425  5.593   1.00 71.85  ? 88  ALA A CB  1 
ATOM   684  N N   . HIS A 1 179 ? 7.704   -4.763  3.523   1.00 90.98  ? 89  HIS A N   1 
ATOM   685  C CA  . HIS A 1 179 ? 7.807   -4.399  2.095   1.00 96.32  ? 89  HIS A CA  1 
ATOM   686  C C   . HIS A 1 179 ? 9.133   -3.791  1.579   1.00 93.19  ? 89  HIS A C   1 
ATOM   687  O O   . HIS A 1 179 ? 9.767   -4.380  0.699   1.00 92.96  ? 89  HIS A O   1 
ATOM   688  C CB  . HIS A 1 179 ? 6.616   -3.484  1.701   1.00 102.18 ? 89  HIS A CB  1 
ATOM   689  C CG  . HIS A 1 179 ? 6.443   -2.266  2.574   1.00 103.75 ? 89  HIS A CG  1 
ATOM   690  N ND1 . HIS A 1 179 ? 7.146   -1.096  2.374   1.00 103.35 ? 89  HIS A ND1 1 
ATOM   691  C CD2 . HIS A 1 179 ? 5.625   -2.030  3.628   1.00 102.33 ? 89  HIS A CD2 1 
ATOM   692  C CE1 . HIS A 1 179 ? 6.788   -0.203  3.278   1.00 101.83 ? 89  HIS A CE1 1 
ATOM   693  N NE2 . HIS A 1 179 ? 5.866   -0.745  4.053   1.00 102.68 ? 89  HIS A NE2 1 
ATOM   694  N N   . ALA A 1 180 ? 9.548   -2.644  2.125   1.00 88.84  ? 90  ALA A N   1 
ATOM   695  C CA  . ALA A 1 180 ? 10.682  -1.870  1.597   1.00 89.44  ? 90  ALA A CA  1 
ATOM   696  C C   . ALA A 1 180 ? 11.778  -1.809  2.644   1.00 92.61  ? 90  ALA A C   1 
ATOM   697  O O   . ALA A 1 180 ? 11.511  -1.524  3.802   1.00 93.48  ? 90  ALA A O   1 
ATOM   698  C CB  . ALA A 1 180 ? 10.255  -0.459  1.214   1.00 88.14  ? 90  ALA A CB  1 
ATOM   699  N N   . LEU A 1 181 ? 13.015  -2.061  2.232   1.00 100.26 ? 91  LEU A N   1 
ATOM   700  C CA  . LEU A 1 181 ? 14.134  -2.141  3.167   1.00 106.49 ? 91  LEU A CA  1 
ATOM   701  C C   . LEU A 1 181 ? 15.107  -0.972  2.931   1.00 111.57 ? 91  LEU A C   1 
ATOM   702  O O   . LEU A 1 181 ? 15.297  -0.570  1.780   1.00 110.50 ? 91  LEU A O   1 
ATOM   703  C CB  . LEU A 1 181 ? 14.871  -3.477  2.985   1.00 104.81 ? 91  LEU A CB  1 
ATOM   704  C CG  . LEU A 1 181 ? 14.102  -4.796  3.177   1.00 103.32 ? 91  LEU A CG  1 
ATOM   705  C CD1 . LEU A 1 181 ? 14.926  -5.945  2.613   1.00 99.25  ? 91  LEU A CD1 1 
ATOM   706  C CD2 . LEU A 1 181 ? 13.744  -5.061  4.635   1.00 99.88  ? 91  LEU A CD2 1 
ATOM   707  N N   . ASN A 1 182 ? 15.678  -0.374  3.984   1.00 115.47 ? 92  ASN A N   1 
ATOM   708  C CA  . ASN A 1 182 ? 15.189  -0.465  5.363   1.00 118.82 ? 92  ASN A CA  1 
ATOM   709  C C   . ASN A 1 182 ? 14.438  0.814   5.667   1.00 117.41 ? 92  ASN A C   1 
ATOM   710  O O   . ASN A 1 182 ? 14.759  1.545   6.610   1.00 116.75 ? 92  ASN A O   1 
ATOM   711  C CB  . ASN A 1 182 ? 16.334  -0.655  6.365   1.00 123.25 ? 92  ASN A CB  1 
ATOM   712  C CG  . ASN A 1 182 ? 16.839  -2.085  6.414   1.00 128.75 ? 92  ASN A CG  1 
ATOM   713  O OD1 . ASN A 1 182 ? 16.125  -3.026  6.061   1.00 136.12 ? 92  ASN A OD1 1 
ATOM   714  N ND2 . ASN A 1 182 ? 18.076  -2.256  6.869   1.00 126.70 ? 92  ASN A ND2 1 
ATOM   715  N N   . VAL A 1 183 ? 13.443  1.082   4.826   1.00 112.12 ? 93  VAL A N   1 
ATOM   716  C CA  . VAL A 1 183 ? 12.543  2.203   5.004   1.00 107.10 ? 93  VAL A CA  1 
ATOM   717  C C   . VAL A 1 183 ? 11.220  1.709   5.605   1.00 102.48 ? 93  VAL A C   1 
ATOM   718  O O   . VAL A 1 183 ? 10.365  2.515   5.968   1.00 101.52 ? 93  VAL A O   1 
ATOM   719  C CB  . VAL A 1 183 ? 12.393  2.970   3.671   1.00 106.87 ? 93  VAL A CB  1 
ATOM   720  C CG1 . VAL A 1 183 ? 11.254  3.976   3.720   1.00 108.13 ? 93  VAL A CG1 1 
ATOM   721  C CG2 . VAL A 1 183 ? 13.714  3.662   3.344   1.00 105.14 ? 93  VAL A CG2 1 
ATOM   722  N N   . ASN A 1 184 ? 11.072  0.383   5.740   1.00 102.60 ? 94  ASN A N   1 
ATOM   723  C CA  . ASN A 1 184 ? 10.019  -0.228  6.571   1.00 96.67  ? 94  ASN A CA  1 
ATOM   724  C C   . ASN A 1 184 ? 9.934   0.491   7.904   1.00 94.58  ? 94  ASN A C   1 
ATOM   725  O O   . ASN A 1 184 ? 8.850   0.760   8.422   1.00 89.72  ? 94  ASN A O   1 
ATOM   726  C CB  . ASN A 1 184 ? 10.340  -1.700  6.874   1.00 93.32  ? 94  ASN A CB  1 
ATOM   727  C CG  . ASN A 1 184 ? 10.101  -2.620  5.695   1.00 92.58  ? 94  ASN A CG  1 
ATOM   728  O OD1 . ASN A 1 184 ? 9.159   -2.429  4.923   1.00 89.89  ? 94  ASN A OD1 1 
ATOM   729  N ND2 . ASN A 1 184 ? 10.953  -3.634  5.553   1.00 93.10  ? 94  ASN A ND2 1 
ATOM   730  N N   . THR A 1 185 ? 11.114  0.792   8.437   1.00 93.93  ? 95  THR A N   1 
ATOM   731  C CA  . THR A 1 185 ? 11.285  1.365   9.766   1.00 93.50  ? 95  THR A CA  1 
ATOM   732  C C   . THR A 1 185 ? 10.656  2.774   9.943   1.00 87.55  ? 95  THR A C   1 
ATOM   733  O O   . THR A 1 185 ? 10.304  3.158   11.068  1.00 83.57  ? 95  THR A O   1 
ATOM   734  C CB  . THR A 1 185 ? 12.793  1.370   10.128  1.00 95.44  ? 95  THR A CB  1 
ATOM   735  O OG1 . THR A 1 185 ? 13.547  1.970   9.065   1.00 96.72  ? 95  THR A OG1 1 
ATOM   736  C CG2 . THR A 1 185 ? 13.305  -0.061  10.322  1.00 95.10  ? 95  THR A CG2 1 
ATOM   737  N N   . GLU A 1 186 ? 10.503  3.528   8.849   1.00 78.59  ? 96  GLU A N   1 
ATOM   738  C CA  . GLU A 1 186 ? 9.912   4.869   8.920   1.00 71.71  ? 96  GLU A CA  1 
ATOM   739  C C   . GLU A 1 186 ? 9.028   5.230   7.715   1.00 63.24  ? 96  GLU A C   1 
ATOM   740  O O   . GLU A 1 186 ? 9.099   6.343   7.210   1.00 61.23  ? 96  GLU A O   1 
ATOM   741  C CB  . GLU A 1 186 ? 11.012  5.930   9.155   1.00 76.48  ? 96  GLU A CB  1 
ATOM   742  C CG  . GLU A 1 186 ? 11.799  6.433   7.935   1.00 80.79  ? 96  GLU A CG  1 
ATOM   743  C CD  . GLU A 1 186 ? 12.899  5.499   7.459   1.00 84.76  ? 96  GLU A CD  1 
ATOM   744  O OE1 . GLU A 1 186 ? 13.731  5.951   6.640   1.00 84.48  ? 96  GLU A OE1 1 
ATOM   745  O OE2 . GLU A 1 186 ? 12.935  4.324   7.885   1.00 89.99  ? 96  GLU A OE2 1 
ATOM   746  N N   . SER A 1 187 ? 8.171   4.310   7.274   1.00 57.97  ? 97  SER A N   1 
ATOM   747  C CA  . SER A 1 187 ? 7.260   4.601   6.158   1.00 54.34  ? 97  SER A CA  1 
ATOM   748  C C   . SER A 1 187 ? 5.957   3.824   6.198   1.00 51.24  ? 97  SER A C   1 
ATOM   749  O O   . SER A 1 187 ? 5.870   2.765   6.806   1.00 48.93  ? 97  SER A O   1 
ATOM   750  C CB  . SER A 1 187 ? 7.933   4.317   4.822   1.00 55.15  ? 97  SER A CB  1 
ATOM   751  O OG  . SER A 1 187 ? 7.957   2.924   4.554   1.00 55.82  ? 97  SER A OG  1 
ATOM   752  N N   . ILE A 1 188 ? 4.947   4.378   5.535   1.00 50.32  ? 98  ILE A N   1 
ATOM   753  C CA  . ILE A 1 188 ? 3.729   3.651   5.208   1.00 51.82  ? 98  ILE A CA  1 
ATOM   754  C C   . ILE A 1 188 ? 3.858   3.169   3.771   1.00 49.40  ? 98  ILE A C   1 
ATOM   755  O O   . ILE A 1 188 ? 4.177   3.948   2.876   1.00 48.51  ? 98  ILE A O   1 
ATOM   756  C CB  . ILE A 1 188 ? 2.472   4.538   5.347   1.00 54.96  ? 98  ILE A CB  1 
ATOM   757  C CG1 . ILE A 1 188 ? 2.126   4.746   6.823   1.00 60.18  ? 98  ILE A CG1 1 
ATOM   758  C CG2 . ILE A 1 188 ? 1.277   3.936   4.618   1.00 54.64  ? 98  ILE A CG2 1 
ATOM   759  C CD1 . ILE A 1 188 ? 1.566   3.516   7.514   1.00 63.08  ? 98  ILE A CD1 1 
ATOM   760  N N   . GLY A 1 189 ? 3.596   1.884   3.562   1.00 46.55  ? 99  GLY A N   1 
ATOM   761  C CA  . GLY A 1 189 ? 3.666   1.271   2.248   1.00 45.91  ? 99  GLY A CA  1 
ATOM   762  C C   . GLY A 1 189 ? 2.271   1.067   1.703   1.00 45.18  ? 99  GLY A C   1 
ATOM   763  O O   . GLY A 1 189 ? 1.427   0.460   2.358   1.00 45.76  ? 99  GLY A O   1 
ATOM   764  N N   . ILE A 1 190 ? 2.033   1.582   0.502   1.00 43.96  ? 100 ILE A N   1 
ATOM   765  C CA  . ILE A 1 190 ? 0.749   1.453   -0.153  1.00 42.46  ? 100 ILE A CA  1 
ATOM   766  C C   . ILE A 1 190 ? 0.954   0.718   -1.447  1.00 41.61  ? 100 ILE A C   1 
ATOM   767  O O   . ILE A 1 190 ? 1.696   1.176   -2.312  1.00 38.22  ? 100 ILE A O   1 
ATOM   768  C CB  . ILE A 1 190 ? 0.126   2.817   -0.486  1.00 44.14  ? 100 ILE A CB  1 
ATOM   769  C CG1 . ILE A 1 190 ? -0.112  3.624   0.792   1.00 45.21  ? 100 ILE A CG1 1 
ATOM   770  C CG2 . ILE A 1 190 ? -1.185  2.624   -1.240  1.00 44.64  ? 100 ILE A CG2 1 
ATOM   771  C CD1 . ILE A 1 190 ? -0.585  5.042   0.533   1.00 46.00  ? 100 ILE A CD1 1 
ATOM   772  N N   . CYS A 1 191 ? 0.257   -0.404  -1.587  1.00 43.75  ? 101 CYS A N   1 
ATOM   773  C CA  . CYS A 1 191 ? 0.427   -1.282  -2.728  1.00 44.82  ? 101 CYS A CA  1 
ATOM   774  C C   . CYS A 1 191 ? -0.800  -1.294  -3.613  1.00 44.55  ? 101 CYS A C   1 
ATOM   775  O O   . CYS A 1 191 ? -1.887  -1.628  -3.160  1.00 46.58  ? 101 CYS A O   1 
ATOM   776  C CB  . CYS A 1 191 ? 0.698   -2.697  -2.249  1.00 46.59  ? 101 CYS A CB  1 
ATOM   777  S SG  . CYS A 1 191 ? 0.978   -3.848  -3.606  1.00 49.90  ? 101 CYS A SG  1 
ATOM   778  N N   . PHE A 1 192 ? -0.620  -0.938  -4.877  1.00 44.02  ? 102 PHE A N   1 
ATOM   779  C CA  . PHE A 1 192 ? -1.693  -1.034  -5.856  1.00 43.96  ? 102 PHE A CA  1 
ATOM   780  C C   . PHE A 1 192 ? -1.711  -2.437  -6.410  1.00 43.01  ? 102 PHE A C   1 
ATOM   781  O O   . PHE A 1 192 ? -0.681  -2.945  -6.847  1.00 41.54  ? 102 PHE A O   1 
ATOM   782  C CB  . PHE A 1 192 ? -1.475  -0.071  -7.013  1.00 44.65  ? 102 PHE A CB  1 
ATOM   783  C CG  . PHE A 1 192 ? -1.715  1.359   -6.662  1.00 45.34  ? 102 PHE A CG  1 
ATOM   784  C CD1 . PHE A 1 192 ? -0.804  2.058   -5.900  1.00 46.04  ? 102 PHE A CD1 1 
ATOM   785  C CD2 . PHE A 1 192 ? -2.846  2.012   -7.119  1.00 46.12  ? 102 PHE A CD2 1 
ATOM   786  C CE1 . PHE A 1 192 ? -1.021  3.383   -5.586  1.00 47.39  ? 102 PHE A CE1 1 
ATOM   787  C CE2 . PHE A 1 192 ? -3.068  3.338   -6.815  1.00 45.92  ? 102 PHE A CE2 1 
ATOM   788  C CZ  . PHE A 1 192 ? -2.155  4.024   -6.046  1.00 46.43  ? 102 PHE A CZ  1 
ATOM   789  N N   . MET A 1 193 ? -2.882  -3.056  -6.417  1.00 44.28  ? 103 MET A N   1 
ATOM   790  C CA  . MET A 1 193 ? -2.996  -4.412  -6.919  1.00 45.15  ? 103 MET A CA  1 
ATOM   791  C C   . MET A 1 193 ? -3.123  -4.421  -8.427  1.00 45.72  ? 103 MET A C   1 
ATOM   792  O O   . MET A 1 193 ? -4.174  -4.107  -8.995  1.00 45.11  ? 103 MET A O   1 
ATOM   793  C CB  . MET A 1 193 ? -4.156  -5.130  -6.270  1.00 47.17  ? 103 MET A CB  1 
ATOM   794  C CG  . MET A 1 193 ? -3.881  -5.448  -4.818  1.00 48.30  ? 103 MET A CG  1 
ATOM   795  S SD  . MET A 1 193 ? -5.231  -6.416  -4.143  1.00 53.14  ? 103 MET A SD  1 
ATOM   796  C CE  . MET A 1 193 ? -6.430  -5.106  -3.863  1.00 52.56  ? 103 MET A CE  1 
ATOM   797  N N   . GLY A 1 194 ? -2.018  -4.775  -9.067  1.00 46.86  ? 104 GLY A N   1 
ATOM   798  C CA  . GLY A 1 194 ? -1.957  -4.846  -10.506 1.00 47.92  ? 104 GLY A CA  1 
ATOM   799  C C   . GLY A 1 194 ? -0.530  -4.844  -10.992 1.00 49.05  ? 104 GLY A C   1 
ATOM   800  O O   . GLY A 1 194 ? 0.417   -4.784  -10.208 1.00 46.25  ? 104 GLY A O   1 
ATOM   801  N N   . ASP A 1 195 ? -0.398  -4.944  -12.301 1.00 52.70  ? 105 ASP A N   1 
ATOM   802  C CA  . ASP A 1 195 ? 0.873   -4.871  -12.978 1.00 58.43  ? 105 ASP A CA  1 
ATOM   803  C C   . ASP A 1 195 ? 0.683   -3.678  -13.873 1.00 57.58  ? 105 ASP A C   1 
ATOM   804  O O   . ASP A 1 195 ? -0.271  -3.646  -14.649 1.00 63.83  ? 105 ASP A O   1 
ATOM   805  C CB  . ASP A 1 195 ? 1.095   -6.146  -13.791 1.00 63.75  ? 105 ASP A CB  1 
ATOM   806  C CG  . ASP A 1 195 ? 2.115   -5.970  -14.895 1.00 69.24  ? 105 ASP A CG  1 
ATOM   807  O OD1 . ASP A 1 195 ? 3.328   -5.935  -14.597 1.00 73.74  ? 105 ASP A OD1 1 
ATOM   808  O OD2 . ASP A 1 195 ? 1.698   -5.877  -16.070 1.00 75.51  ? 105 ASP A OD2 1 
ATOM   809  N N   . PHE A 1 196 ? 1.543   -2.678  -13.761 1.00 54.64  ? 106 PHE A N   1 
ATOM   810  C CA  . PHE A 1 196 ? 1.261   -1.424  -14.449 1.00 54.82  ? 106 PHE A CA  1 
ATOM   811  C C   . PHE A 1 196 ? 2.366   -1.050  -15.418 1.00 56.79  ? 106 PHE A C   1 
ATOM   812  O O   . PHE A 1 196 ? 2.797   0.091   -15.483 1.00 56.47  ? 106 PHE A O   1 
ATOM   813  C CB  . PHE A 1 196 ? 0.973   -0.329  -13.422 1.00 53.26  ? 106 PHE A CB  1 
ATOM   814  C CG  . PHE A 1 196 ? -0.155  -0.679  -12.495 1.00 51.90  ? 106 PHE A CG  1 
ATOM   815  C CD1 . PHE A 1 196 ? -1.465  -0.666  -12.948 1.00 51.38  ? 106 PHE A CD1 1 
ATOM   816  C CD2 . PHE A 1 196 ? 0.091   -1.062  -11.188 1.00 51.25  ? 106 PHE A CD2 1 
ATOM   817  C CE1 . PHE A 1 196 ? -2.512  -1.001  -12.109 1.00 51.87  ? 106 PHE A CE1 1 
ATOM   818  C CE2 . PHE A 1 196 ? -0.953  -1.402  -10.343 1.00 51.99  ? 106 PHE A CE2 1 
ATOM   819  C CZ  . PHE A 1 196 ? -2.257  -1.370  -10.802 1.00 51.79  ? 106 PHE A CZ  1 
ATOM   820  N N   . THR A 1 197 ? 2.801   -2.035  -16.193 1.00 62.75  ? 107 THR A N   1 
ATOM   821  C CA  . THR A 1 197 ? 3.862   -1.838  -17.167 1.00 67.62  ? 107 THR A CA  1 
ATOM   822  C C   . THR A 1 197 ? 3.296   -1.356  -18.495 1.00 70.67  ? 107 THR A C   1 
ATOM   823  O O   . THR A 1 197 ? 3.963   -0.606  -19.207 1.00 72.92  ? 107 THR A O   1 
ATOM   824  C CB  . THR A 1 197 ? 4.643   -3.133  -17.398 1.00 67.19  ? 107 THR A CB  1 
ATOM   825  O OG1 . THR A 1 197 ? 3.724   -4.161  -17.768 1.00 67.71  ? 107 THR A OG1 1 
ATOM   826  C CG2 . THR A 1 197 ? 5.388   -3.542  -16.124 1.00 67.86  ? 107 THR A CG2 1 
ATOM   827  N N   . SER A 1 198 ? 2.083   -1.798  -18.832 1.00 72.56  ? 108 SER A N   1 
ATOM   828  C CA  . SER A 1 198 ? 1.390   -1.325  -20.036 1.00 74.13  ? 108 SER A CA  1 
ATOM   829  C C   . SER A 1 198 ? -0.005  -0.748  -19.769 1.00 73.23  ? 108 SER A C   1 
ATOM   830  O O   . SER A 1 198 ? -0.650  -0.260  -20.691 1.00 69.87  ? 108 SER A O   1 
ATOM   831  C CB  . SER A 1 198 ? 1.278   -2.456  -21.065 1.00 76.67  ? 108 SER A CB  1 
ATOM   832  O OG  . SER A 1 198 ? 0.090   -3.210  -20.873 1.00 77.76  ? 108 SER A OG  1 
ATOM   833  N N   . GLN A 1 199 ? -0.472  -0.794  -18.523 1.00 77.03  ? 109 GLN A N   1 
ATOM   834  C CA  . GLN A 1 199 ? -1.797  -0.275  -18.182 1.00 77.68  ? 109 GLN A CA  1 
ATOM   835  C C   . GLN A 1 199 ? -1.713  0.640   -16.966 1.00 73.64  ? 109 GLN A C   1 
ATOM   836  O O   . GLN A 1 199 ? -0.865  0.458   -16.095 1.00 74.41  ? 109 GLN A O   1 
ATOM   837  C CB  . GLN A 1 199 ? -2.755  -1.434  -17.910 1.00 82.33  ? 109 GLN A CB  1 
ATOM   838  C CG  . GLN A 1 199 ? -4.169  -1.215  -18.427 1.00 86.78  ? 109 GLN A CG  1 
ATOM   839  C CD  . GLN A 1 199 ? -4.939  -2.523  -18.565 1.00 90.77  ? 109 GLN A CD  1 
ATOM   840  O OE1 . GLN A 1 199 ? -5.451  -3.060  -17.583 1.00 92.23  ? 109 GLN A OE1 1 
ATOM   841  N NE2 . GLN A 1 199 ? -5.021  -3.043  -19.787 1.00 91.10  ? 109 GLN A NE2 1 
ATOM   842  N N   . LYS A 1 200 ? -2.591  1.631   -16.918 1.00 70.16  ? 110 LYS A N   1 
ATOM   843  C CA  . LYS A 1 200 ? -2.598  2.588   -15.824 1.00 68.00  ? 110 LYS A CA  1 
ATOM   844  C C   . LYS A 1 200 ? -3.638  2.132   -14.807 1.00 65.02  ? 110 LYS A C   1 
ATOM   845  O O   . LYS A 1 200 ? -4.620  1.487   -15.181 1.00 63.49  ? 110 LYS A O   1 
ATOM   846  C CB  . LYS A 1 200 ? -2.937  3.978   -16.367 1.00 70.73  ? 110 LYS A CB  1 
ATOM   847  C CG  . LYS A 1 200 ? -2.419  5.126   -15.518 1.00 74.59  ? 110 LYS A CG  1 
ATOM   848  C CD  . LYS A 1 200 ? -1.958  6.300   -16.375 1.00 79.66  ? 110 LYS A CD  1 
ATOM   849  C CE  . LYS A 1 200 ? -1.066  7.259   -15.590 1.00 84.13  ? 110 LYS A CE  1 
ATOM   850  N NZ  . LYS A 1 200 ? 0.152   7.681   -16.348 1.00 83.91  ? 110 LYS A NZ  1 
ATOM   851  N N   . PRO A 1 201 ? -3.430  2.442   -13.513 1.00 61.87  ? 111 PRO A N   1 
ATOM   852  C CA  . PRO A 1 201 ? -4.503  2.133   -12.566 1.00 60.14  ? 111 PRO A CA  1 
ATOM   853  C C   . PRO A 1 201 ? -5.715  3.028   -12.796 1.00 57.79  ? 111 PRO A C   1 
ATOM   854  O O   . PRO A 1 201 ? -5.598  4.110   -13.373 1.00 56.65  ? 111 PRO A O   1 
ATOM   855  C CB  . PRO A 1 201 ? -3.879  2.414   -11.191 1.00 59.43  ? 111 PRO A CB  1 
ATOM   856  C CG  . PRO A 1 201 ? -2.415  2.553   -11.427 1.00 60.77  ? 111 PRO A CG  1 
ATOM   857  C CD  . PRO A 1 201 ? -2.247  3.005   -12.842 1.00 61.64  ? 111 PRO A CD  1 
ATOM   858  N N   . THR A 1 202 ? -6.869  2.578   -12.334 1.00 56.19  ? 112 THR A N   1 
ATOM   859  C CA  . THR A 1 202 ? -8.096  3.331   -12.515 1.00 57.08  ? 112 THR A CA  1 
ATOM   860  C C   . THR A 1 202 ? -8.018  4.652   -11.739 1.00 57.27  ? 112 THR A C   1 
ATOM   861  O O   . THR A 1 202 ? -7.392  4.727   -10.683 1.00 57.53  ? 112 THR A O   1 
ATOM   862  C CB  . THR A 1 202 ? -9.332  2.514   -12.068 1.00 57.02  ? 112 THR A CB  1 
ATOM   863  O OG1 . THR A 1 202 ? -9.261  2.234   -10.662 1.00 56.01  ? 112 THR A OG1 1 
ATOM   864  C CG2 . THR A 1 202 ? -9.429  1.202   -12.854 1.00 55.53  ? 112 THR A CG2 1 
ATOM   865  N N   . ALA A 1 203 ? -8.648  5.691   -12.270 1.00 56.37  ? 113 ALA A N   1 
ATOM   866  C CA  . ALA A 1 203 ? -8.636  7.000   -11.631 1.00 55.29  ? 113 ALA A CA  1 
ATOM   867  C C   . ALA A 1 203 ? -9.164  6.943   -10.204 1.00 53.79  ? 113 ALA A C   1 
ATOM   868  O O   . ALA A 1 203 ? -8.700  7.680   -9.334  1.00 51.90  ? 113 ALA A O   1 
ATOM   869  C CB  . ALA A 1 203 ? -9.448  7.987   -12.448 1.00 55.81  ? 113 ALA A CB  1 
ATOM   870  N N   . SER A 1 204 ? -10.139 6.071   -9.965  1.00 53.56  ? 114 SER A N   1 
ATOM   871  C CA  . SER A 1 204 ? -10.674 5.896   -8.618  1.00 54.35  ? 114 SER A CA  1 
ATOM   872  C C   . SER A 1 204 ? -9.685  5.170   -7.694  1.00 53.26  ? 114 SER A C   1 
ATOM   873  O O   . SER A 1 204 ? -9.691  5.402   -6.487  1.00 56.66  ? 114 SER A O   1 
ATOM   874  C CB  . SER A 1 204 ? -12.019 5.167   -8.656  1.00 53.93  ? 114 SER A CB  1 
ATOM   875  O OG  . SER A 1 204 ? -11.863 3.797   -8.975  1.00 55.69  ? 114 SER A OG  1 
ATOM   876  N N   . ALA A 1 205 ? -8.853  4.289   -8.248  1.00 50.71  ? 115 ALA A N   1 
ATOM   877  C CA  . ALA A 1 205 ? -7.771  3.661   -7.478  1.00 50.51  ? 115 ALA A CA  1 
ATOM   878  C C   . ALA A 1 205 ? -6.723  4.695   -7.084  1.00 49.31  ? 115 ALA A C   1 
ATOM   879  O O   . ALA A 1 205 ? -6.279  4.726   -5.940  1.00 48.70  ? 115 ALA A O   1 
ATOM   880  C CB  . ALA A 1 205 ? -7.124  2.535   -8.269  1.00 51.21  ? 115 ALA A CB  1 
ATOM   881  N N   . ILE A 1 206 ? -6.347  5.536   -8.044  1.00 48.75  ? 116 ILE A N   1 
ATOM   882  C CA  . ILE A 1 206 ? -5.439  6.665   -7.813  1.00 49.04  ? 116 ILE A CA  1 
ATOM   883  C C   . ILE A 1 206 ? -5.998  7.613   -6.758  1.00 48.21  ? 116 ILE A C   1 
ATOM   884  O O   . ILE A 1 206 ? -5.282  8.053   -5.859  1.00 48.56  ? 116 ILE A O   1 
ATOM   885  C CB  . ILE A 1 206 ? -5.236  7.508   -9.095  1.00 50.77  ? 116 ILE A CB  1 
ATOM   886  C CG1 . ILE A 1 206 ? -4.669  6.664   -10.258 1.00 53.18  ? 116 ILE A CG1 1 
ATOM   887  C CG2 . ILE A 1 206 ? -4.350  8.714   -8.813  1.00 49.26  ? 116 ILE A CG2 1 
ATOM   888  C CD1 . ILE A 1 206 ? -3.283  6.100   -10.030 1.00 53.90  ? 116 ILE A CD1 1 
ATOM   889  N N   . ALA A 1 207 ? -7.279  7.943   -6.895  1.00 48.09  ? 117 ALA A N   1 
ATOM   890  C CA  . ALA A 1 207 ? -7.941  8.893   -6.004  1.00 47.56  ? 117 ALA A CA  1 
ATOM   891  C C   . ALA A 1 207 ? -8.005  8.382   -4.556  1.00 46.17  ? 117 ALA A C   1 
ATOM   892  O O   . ALA A 1 207 ? -7.786  9.140   -3.604  1.00 45.98  ? 117 ALA A O   1 
ATOM   893  C CB  . ALA A 1 207 ? -9.340  9.201   -6.522  1.00 45.76  ? 117 ALA A CB  1 
ATOM   894  N N   . ALA A 1 208 ? -8.300  7.100   -4.398  1.00 44.45  ? 118 ALA A N   1 
ATOM   895  C CA  . ALA A 1 208 ? -8.439  6.506   -3.072  1.00 45.82  ? 118 ALA A CA  1 
ATOM   896  C C   . ALA A 1 208 ? -7.117  6.551   -2.299  1.00 46.39  ? 118 ALA A C   1 
ATOM   897  O O   . ALA A 1 208 ? -7.090  6.781   -1.082  1.00 45.60  ? 118 ALA A O   1 
ATOM   898  C CB  . ALA A 1 208 ? -8.939  5.071   -3.196  1.00 45.98  ? 118 ALA A CB  1 
ATOM   899  N N   . ALA A 1 209 ? -6.024  6.324   -3.021  1.00 46.19  ? 119 ALA A N   1 
ATOM   900  C CA  . ALA A 1 209 ? -4.687  6.390   -2.450  1.00 45.16  ? 119 ALA A CA  1 
ATOM   901  C C   . ALA A 1 209 ? -4.369  7.779   -1.932  1.00 44.67  ? 119 ALA A C   1 
ATOM   902  O O   . ALA A 1 209 ? -3.826  7.930   -0.843  1.00 45.70  ? 119 ALA A O   1 
ATOM   903  C CB  . ALA A 1 209 ? -3.660  5.991   -3.493  1.00 46.27  ? 119 ALA A CB  1 
ATOM   904  N N   . LYS A 1 210 ? -4.698  8.790   -2.721  1.00 44.45  ? 120 LYS A N   1 
ATOM   905  C CA  . LYS A 1 210 ? -4.368  10.155  -2.363  1.00 44.62  ? 120 LYS A CA  1 
ATOM   906  C C   . LYS A 1 210 ? -5.138  10.597  -1.140  1.00 44.39  ? 120 LYS A C   1 
ATOM   907  O O   . LYS A 1 210 ? -4.573  11.229  -0.245  1.00 44.76  ? 120 LYS A O   1 
ATOM   908  C CB  . LYS A 1 210 ? -4.653  11.087  -3.523  1.00 45.74  ? 120 LYS A CB  1 
ATOM   909  C CG  . LYS A 1 210 ? -3.635  10.961  -4.634  1.00 48.87  ? 120 LYS A CG  1 
ATOM   910  C CD  . LYS A 1 210 ? -4.142  11.630  -5.896  1.00 52.34  ? 120 LYS A CD  1 
ATOM   911  C CE  . LYS A 1 210 ? -3.019  11.913  -6.877  1.00 54.90  ? 120 LYS A CE  1 
ATOM   912  N NZ  . LYS A 1 210 ? -3.552  12.548  -8.112  1.00 57.48  ? 120 LYS A NZ  1 
ATOM   913  N N   . SER A 1 211 ? -6.422  10.254  -1.099  1.00 44.31  ? 121 SER A N   1 
ATOM   914  C CA  . SER A 1 211 ? -7.265  10.648  0.018   1.00 45.70  ? 121 SER A CA  1 
ATOM   915  C C   . SER A 1 211 ? -6.915  9.831   1.245   1.00 44.46  ? 121 SER A C   1 
ATOM   916  O O   . SER A 1 211 ? -7.141  10.278  2.364   1.00 47.22  ? 121 SER A O   1 
ATOM   917  C CB  . SER A 1 211 ? -8.749  10.508  -0.316  1.00 47.51  ? 121 SER A CB  1 
ATOM   918  O OG  . SER A 1 211 ? -9.029  9.201   -0.755  1.00 52.71  ? 121 SER A OG  1 
ATOM   919  N N   . LEU A 1 212 ? -6.372  8.633   1.040   1.00 43.27  ? 122 LEU A N   1 
ATOM   920  C CA  . LEU A 1 212 ? -5.840  7.851   2.150   1.00 42.86  ? 122 LEU A CA  1 
ATOM   921  C C   . LEU A 1 212 ? -4.646  8.572   2.769   1.00 42.51  ? 122 LEU A C   1 
ATOM   922  O O   . LEU A 1 212 ? -4.549  8.707   3.990   1.00 40.99  ? 122 LEU A O   1 
ATOM   923  C CB  . LEU A 1 212 ? -5.421  6.457   1.688   1.00 43.46  ? 122 LEU A CB  1 
ATOM   924  C CG  . LEU A 1 212 ? -4.727  5.599   2.757   1.00 43.49  ? 122 LEU A CG  1 
ATOM   925  C CD1 . LEU A 1 212 ? -5.701  5.186   3.850   1.00 42.06  ? 122 LEU A CD1 1 
ATOM   926  C CD2 . LEU A 1 212 ? -4.097  4.384   2.103   1.00 44.56  ? 122 LEU A CD2 1 
ATOM   927  N N   . ILE A 1 213 ? -3.738  9.034   1.916   1.00 42.33  ? 123 ILE A N   1 
ATOM   928  C CA  . ILE A 1 213 ? -2.575  9.768   2.385   1.00 42.33  ? 123 ILE A CA  1 
ATOM   929  C C   . ILE A 1 213 ? -3.043  11.013  3.127   1.00 44.25  ? 123 ILE A C   1 
ATOM   930  O O   . ILE A 1 213 ? -2.541  11.316  4.209   1.00 42.98  ? 123 ILE A O   1 
ATOM   931  C CB  . ILE A 1 213 ? -1.637  10.159  1.229   1.00 41.23  ? 123 ILE A CB  1 
ATOM   932  C CG1 . ILE A 1 213 ? -1.004  8.908   0.621   1.00 41.68  ? 123 ILE A CG1 1 
ATOM   933  C CG2 . ILE A 1 213 ? -0.526  11.079  1.714   1.00 40.55  ? 123 ILE A CG2 1 
ATOM   934  C CD1 . ILE A 1 213 ? -0.224  9.168   -0.653  1.00 41.75  ? 123 ILE A CD1 1 
ATOM   935  N N   . SER A 1 214 ? -4.012  11.727  2.558   1.00 46.41  ? 124 SER A N   1 
ATOM   936  C CA  . SER A 1 214 ? -4.478  12.962  3.177   1.00 48.37  ? 124 SER A CA  1 
ATOM   937  C C   . SER A 1 214 ? -5.131  12.638  4.518   1.00 46.48  ? 124 SER A C   1 
ATOM   938  O O   . SER A 1 214 ? -4.976  13.387  5.479   1.00 44.95  ? 124 SER A O   1 
ATOM   939  C CB  . SER A 1 214 ? -5.433  13.719  2.258   1.00 50.37  ? 124 SER A CB  1 
ATOM   940  O OG  . SER A 1 214 ? -6.631  12.999  2.100   1.00 60.35  ? 124 SER A OG  1 
ATOM   941  N N   . CYS A 1 215 ? -5.829  11.508  4.580   1.00 46.95  ? 125 CYS A N   1 
ATOM   942  C CA  . CYS A 1 215 ? -6.442  11.037  5.821   1.00 51.63  ? 125 CYS A CA  1 
ATOM   943  C C   . CYS A 1 215 ? -5.400  10.825  6.921   1.00 48.57  ? 125 CYS A C   1 
ATOM   944  O O   . CYS A 1 215 ? -5.545  11.336  8.032   1.00 47.72  ? 125 CYS A O   1 
ATOM   945  C CB  . CYS A 1 215 ? -7.192  9.731   5.568   1.00 58.07  ? 125 CYS A CB  1 
ATOM   946  S SG  . CYS A 1 215 ? -8.165  9.129   6.962   1.00 72.36  ? 125 CYS A SG  1 
ATOM   947  N N   . GLY A 1 216 ? -4.349  10.078  6.599   1.00 44.85  ? 126 GLY A N   1 
ATOM   948  C CA  . GLY A 1 216 ? -3.264  9.819   7.543   1.00 43.32  ? 126 GLY A CA  1 
ATOM   949  C C   . GLY A 1 216 ? -2.619  11.084  8.062   1.00 41.73  ? 126 GLY A C   1 
ATOM   950  O O   . GLY A 1 216 ? -2.280  11.180  9.224   1.00 40.21  ? 126 GLY A O   1 
ATOM   951  N N   . VAL A 1 217 ? -2.450  12.059  7.186   1.00 43.88  ? 127 VAL A N   1 
ATOM   952  C CA  . VAL A 1 217 ? -1.906  13.352  7.574   1.00 45.76  ? 127 VAL A CA  1 
ATOM   953  C C   . VAL A 1 217 ? -2.836  14.062  8.552   1.00 46.48  ? 127 VAL A C   1 
ATOM   954  O O   . VAL A 1 217 ? -2.388  14.607  9.564   1.00 48.70  ? 127 VAL A O   1 
ATOM   955  C CB  . VAL A 1 217 ? -1.660  14.241  6.339   1.00 45.23  ? 127 VAL A CB  1 
ATOM   956  C CG1 . VAL A 1 217 ? -1.418  15.684  6.740   1.00 44.69  ? 127 VAL A CG1 1 
ATOM   957  C CG2 . VAL A 1 217 ? -0.469  13.712  5.555   1.00 46.63  ? 127 VAL A CG2 1 
ATOM   958  N N   . SER A 1 218 ? -4.128  14.044  8.250   1.00 46.49  ? 128 SER A N   1 
ATOM   959  C CA  . SER A 1 218 ? -5.109  14.741  9.072   1.00 47.24  ? 128 SER A CA  1 
ATOM   960  C C   . SER A 1 218 ? -5.228  14.097  10.456  1.00 45.93  ? 128 SER A C   1 
ATOM   961  O O   . SER A 1 218 ? -5.509  14.775  11.436  1.00 44.88  ? 128 SER A O   1 
ATOM   962  C CB  . SER A 1 218 ? -6.477  14.795  8.368   1.00 48.97  ? 128 SER A CB  1 
ATOM   963  O OG  . SER A 1 218 ? -7.301  13.689  8.712   1.00 52.46  ? 128 SER A OG  1 
ATOM   964  N N   . LEU A 1 219 ? -5.017  12.785  10.522  1.00 45.07  ? 129 LEU A N   1 
ATOM   965  C CA  . LEU A 1 219 ? -5.007  12.074  11.793  1.00 44.61  ? 129 LEU A CA  1 
ATOM   966  C C   . LEU A 1 219 ? -3.723  12.295  12.564  1.00 43.42  ? 129 LEU A C   1 
ATOM   967  O O   . LEU A 1 219 ? -3.681  12.074  13.771  1.00 42.94  ? 129 LEU A O   1 
ATOM   968  C CB  . LEU A 1 219 ? -5.163  10.573  11.568  1.00 45.66  ? 129 LEU A CB  1 
ATOM   969  C CG  . LEU A 1 219 ? -6.499  10.114  10.990  1.00 46.31  ? 129 LEU A CG  1 
ATOM   970  C CD1 . LEU A 1 219 ? -6.447  8.618   10.731  1.00 47.04  ? 129 LEU A CD1 1 
ATOM   971  C CD2 . LEU A 1 219 ? -7.640  10.464  11.929  1.00 46.09  ? 129 LEU A CD2 1 
ATOM   972  N N   . GLY A 1 220 ? -2.670  12.701  11.863  1.00 43.74  ? 130 GLY A N   1 
ATOM   973  C CA  . GLY A 1 220 ? -1.335  12.767  12.444  1.00 43.04  ? 130 GLY A CA  1 
ATOM   974  C C   . GLY A 1 220 ? -0.626  11.428  12.463  1.00 42.11  ? 130 GLY A C   1 
ATOM   975  O O   . GLY A 1 220 ? 0.274   11.213  13.258  1.00 44.07  ? 130 GLY A O   1 
ATOM   976  N N   . LYS A 1 221 ? -1.037  10.516  11.591  1.00 44.24  ? 131 LYS A N   1 
ATOM   977  C CA  . LYS A 1 221 ? -0.329  9.255   11.404  1.00 46.02  ? 131 LYS A CA  1 
ATOM   978  C C   . LYS A 1 221 ? 0.873   9.475   10.503  1.00 47.74  ? 131 LYS A C   1 
ATOM   979  O O   . LYS A 1 221 ? 1.871   8.752   10.606  1.00 45.62  ? 131 LYS A O   1 
ATOM   980  C CB  . LYS A 1 221 ? -1.243  8.211   10.771  1.00 46.57  ? 131 LYS A CB  1 
ATOM   981  C CG  . LYS A 1 221 ? -2.486  7.894   11.578  1.00 48.03  ? 131 LYS A CG  1 
ATOM   982  C CD  . LYS A 1 221 ? -2.161  7.192   12.891  1.00 49.98  ? 131 LYS A CD  1 
ATOM   983  C CE  . LYS A 1 221 ? -3.431  6.860   13.672  1.00 52.43  ? 131 LYS A CE  1 
ATOM   984  N NZ  . LYS A 1 221 ? -3.264  5.649   14.527  1.00 54.69  ? 131 LYS A NZ  1 
ATOM   985  N N   . ILE A 1 222 ? 0.750   10.471  9.619   1.00 49.12  ? 132 ILE A N   1 
ATOM   986  C CA  . ILE A 1 222 ? 1.807   10.884  8.703   1.00 50.08  ? 132 ILE A CA  1 
ATOM   987  C C   . ILE A 1 222 ? 2.135   12.347  8.926   1.00 50.75  ? 132 ILE A C   1 
ATOM   988  O O   . ILE A 1 222 ? 1.224   13.166  9.062   1.00 51.62  ? 132 ILE A O   1 
ATOM   989  C CB  . ILE A 1 222 ? 1.355   10.734  7.244   1.00 51.51  ? 132 ILE A CB  1 
ATOM   990  C CG1 . ILE A 1 222 ? 0.849   9.317   6.989   1.00 52.31  ? 132 ILE A CG1 1 
ATOM   991  C CG2 . ILE A 1 222 ? 2.498   11.053  6.292   1.00 51.72  ? 132 ILE A CG2 1 
ATOM   992  C CD1 . ILE A 1 222 ? 0.216   9.150   5.630   1.00 53.81  ? 132 ILE A CD1 1 
ATOM   993  N N   . ARG A 1 223 ? 3.428   12.674  8.945   1.00 53.67  ? 133 ARG A N   1 
ATOM   994  C CA  . ARG A 1 223 ? 3.874   14.064  9.056   1.00 55.93  ? 133 ARG A CA  1 
ATOM   995  C C   . ARG A 1 223 ? 3.252   14.895  7.952   1.00 55.99  ? 133 ARG A C   1 
ATOM   996  O O   . ARG A 1 223 ? 3.126   14.427  6.826   1.00 55.63  ? 133 ARG A O   1 
ATOM   997  C CB  . ARG A 1 223 ? 5.387   14.164  8.933   1.00 59.23  ? 133 ARG A CB  1 
ATOM   998  C CG  . ARG A 1 223 ? 6.136   13.748  10.176  1.00 66.64  ? 133 ARG A CG  1 
ATOM   999  C CD  . ARG A 1 223 ? 7.638   13.749  9.931   1.00 73.94  ? 133 ARG A CD  1 
ATOM   1000 N NE  . ARG A 1 223 ? 8.038   14.784  8.969   1.00 81.01  ? 133 ARG A NE  1 
ATOM   1001 C CZ  . ARG A 1 223 ? 8.517   15.992  9.278   1.00 86.62  ? 133 ARG A CZ  1 
ATOM   1002 N NH1 . ARG A 1 223 ? 8.841   16.833  8.298   1.00 87.81  ? 133 ARG A NH1 1 
ATOM   1003 N NH2 . ARG A 1 223 ? 8.687   16.372  10.546  1.00 87.91  ? 133 ARG A NH2 1 
ATOM   1004 N N   . SER A 1 224 ? 2.872   16.131  8.262   1.00 57.85  ? 134 SER A N   1 
ATOM   1005 C CA  . SER A 1 224 ? 2.255   17.002  7.259   1.00 59.97  ? 134 SER A CA  1 
ATOM   1006 C C   . SER A 1 224 ? 3.218   17.266  6.095   1.00 56.42  ? 134 SER A C   1 
ATOM   1007 O O   . SER A 1 224 ? 2.784   17.393  4.951   1.00 56.71  ? 134 SER A O   1 
ATOM   1008 C CB  . SER A 1 224 ? 1.761   18.317  7.881   1.00 63.26  ? 134 SER A CB  1 
ATOM   1009 O OG  . SER A 1 224 ? 2.811   19.001  8.538   1.00 75.02  ? 134 SER A OG  1 
ATOM   1010 N N   . GLY A 1 225 ? 4.517   17.319  6.383   1.00 53.34  ? 135 GLY A N   1 
ATOM   1011 C CA  . GLY A 1 225 ? 5.529   17.469  5.343   1.00 52.10  ? 135 GLY A CA  1 
ATOM   1012 C C   . GLY A 1 225 ? 6.182   16.147  4.991   1.00 50.35  ? 135 GLY A C   1 
ATOM   1013 O O   . GLY A 1 225 ? 7.402   16.028  4.982   1.00 51.40  ? 135 GLY A O   1 
ATOM   1014 N N   . TYR A 1 226 ? 5.370   15.142  4.700   1.00 47.21  ? 136 TYR A N   1 
ATOM   1015 C CA  . TYR A 1 226 ? 5.901   13.848  4.289   1.00 46.09  ? 136 TYR A CA  1 
ATOM   1016 C C   . TYR A 1 226 ? 6.591   13.924  2.933   1.00 45.33  ? 136 TYR A C   1 
ATOM   1017 O O   . TYR A 1 226 ? 6.402   14.878  2.172   1.00 45.36  ? 136 TYR A O   1 
ATOM   1018 C CB  . TYR A 1 226 ? 4.784   12.797  4.228   1.00 46.10  ? 136 TYR A CB  1 
ATOM   1019 C CG  . TYR A 1 226 ? 3.713   13.090  3.200   1.00 44.84  ? 136 TYR A CG  1 
ATOM   1020 C CD1 . TYR A 1 226 ? 2.607   13.878  3.521   1.00 45.33  ? 136 TYR A CD1 1 
ATOM   1021 C CD2 . TYR A 1 226 ? 3.804   12.586  1.908   1.00 44.27  ? 136 TYR A CD2 1 
ATOM   1022 C CE1 . TYR A 1 226 ? 1.626   14.159  2.586   1.00 45.04  ? 136 TYR A CE1 1 
ATOM   1023 C CE2 . TYR A 1 226 ? 2.828   12.862  0.964   1.00 44.66  ? 136 TYR A CE2 1 
ATOM   1024 C CZ  . TYR A 1 226 ? 1.741   13.649  1.309   1.00 44.73  ? 136 TYR A CZ  1 
ATOM   1025 O OH  . TYR A 1 226 ? 0.764   13.934  0.389   1.00 44.36  ? 136 TYR A OH  1 
ATOM   1026 N N   . SER A 1 227 ? 7.393   12.904  2.643   1.00 45.25  ? 137 SER A N   1 
ATOM   1027 C CA  . SER A 1 227 ? 7.949   12.697  1.312   1.00 44.33  ? 137 SER A CA  1 
ATOM   1028 C C   . SER A 1 227 ? 7.291   11.474  0.689   1.00 44.12  ? 137 SER A C   1 
ATOM   1029 O O   . SER A 1 227 ? 6.927   10.525  1.385   1.00 42.87  ? 137 SER A O   1 
ATOM   1030 C CB  . SER A 1 227 ? 9.458   12.473  1.373   1.00 44.83  ? 137 SER A CB  1 
ATOM   1031 O OG  . SER A 1 227 ? 10.091  13.432  2.188   1.00 45.85  ? 137 SER A OG  1 
ATOM   1032 N N   . LEU A 1 228 ? 7.169   11.493  -0.630  1.00 44.65  ? 138 LEU A N   1 
ATOM   1033 C CA  . LEU A 1 228 ? 6.542   10.409  -1.357  1.00 46.11  ? 138 LEU A CA  1 
ATOM   1034 C C   . LEU A 1 228 ? 7.545   9.778   -2.318  1.00 46.90  ? 138 LEU A C   1 
ATOM   1035 O O   . LEU A 1 228 ? 8.177   10.479  -3.113  1.00 48.24  ? 138 LEU A O   1 
ATOM   1036 C CB  . LEU A 1 228 ? 5.331   10.948  -2.112  1.00 46.10  ? 138 LEU A CB  1 
ATOM   1037 C CG  . LEU A 1 228 ? 4.602   9.987   -3.041  1.00 45.63  ? 138 LEU A CG  1 
ATOM   1038 C CD1 . LEU A 1 228 ? 3.759   9.034   -2.222  1.00 45.32  ? 138 LEU A CD1 1 
ATOM   1039 C CD2 . LEU A 1 228 ? 3.738   10.767  -4.015  1.00 47.84  ? 138 LEU A CD2 1 
ATOM   1040 N N   . TYR A 1 229 ? 7.678   8.456   -2.235  1.00 47.01  ? 139 TYR A N   1 
ATOM   1041 C CA  . TYR A 1 229 ? 8.580   7.698   -3.093  1.00 47.95  ? 139 TYR A CA  1 
ATOM   1042 C C   . TYR A 1 229 ? 7.885   6.524   -3.748  1.00 48.45  ? 139 TYR A C   1 
ATOM   1043 O O   . TYR A 1 229 ? 6.965   5.944   -3.180  1.00 50.41  ? 139 TYR A O   1 
ATOM   1044 C CB  . TYR A 1 229 ? 9.721   7.127   -2.274  1.00 48.87  ? 139 TYR A CB  1 
ATOM   1045 C CG  . TYR A 1 229 ? 10.529  8.144   -1.545  1.00 51.18  ? 139 TYR A CG  1 
ATOM   1046 C CD1 . TYR A 1 229 ? 11.620  8.753   -2.152  1.00 55.27  ? 139 TYR A CD1 1 
ATOM   1047 C CD2 . TYR A 1 229 ? 10.223  8.488   -0.242  1.00 54.41  ? 139 TYR A CD2 1 
ATOM   1048 C CE1 . TYR A 1 229 ? 12.385  9.688   -1.480  1.00 56.75  ? 139 TYR A CE1 1 
ATOM   1049 C CE2 . TYR A 1 229 ? 10.980  9.419   0.442   1.00 57.25  ? 139 TYR A CE2 1 
ATOM   1050 C CZ  . TYR A 1 229 ? 12.058  10.016  -0.183  1.00 58.76  ? 139 TYR A CZ  1 
ATOM   1051 O OH  . TYR A 1 229 ? 12.809  10.945  0.492   1.00 65.86  ? 139 TYR A OH  1 
ATOM   1052 N N   . GLY A 1 230 ? 8.348   6.162   -4.940  1.00 50.25  ? 140 GLY A N   1 
ATOM   1053 C CA  . GLY A 1 230 ? 8.020   4.872   -5.531  1.00 52.13  ? 140 GLY A CA  1 
ATOM   1054 C C   . GLY A 1 230 ? 8.944   3.848   -4.908  1.00 56.18  ? 140 GLY A C   1 
ATOM   1055 O O   . GLY A 1 230 ? 9.946   4.214   -4.298  1.00 55.81  ? 140 GLY A O   1 
ATOM   1056 N N   . HIS A 1 231 ? 8.621   2.567   -5.055  1.00 62.90  ? 141 HIS A N   1 
ATOM   1057 C CA  . HIS A 1 231 ? 9.455   1.508   -4.484  1.00 68.94  ? 141 HIS A CA  1 
ATOM   1058 C C   . HIS A 1 231 ? 10.855  1.449   -5.105  1.00 76.01  ? 141 HIS A C   1 
ATOM   1059 O O   . HIS A 1 231 ? 11.824  1.127   -4.414  1.00 76.28  ? 141 HIS A O   1 
ATOM   1060 C CB  . HIS A 1 231 ? 8.768   0.149   -4.605  1.00 70.37  ? 141 HIS A CB  1 
ATOM   1061 C CG  . HIS A 1 231 ? 9.513   -0.963  -3.933  1.00 70.56  ? 141 HIS A CG  1 
ATOM   1062 N ND1 . HIS A 1 231 ? 9.544   -2.246  -4.433  1.00 71.89  ? 141 HIS A ND1 1 
ATOM   1063 C CD2 . HIS A 1 231 ? 10.271  -0.977  -2.811  1.00 70.80  ? 141 HIS A CD2 1 
ATOM   1064 C CE1 . HIS A 1 231 ? 10.280  -3.006  -3.644  1.00 71.27  ? 141 HIS A CE1 1 
ATOM   1065 N NE2 . HIS A 1 231 ? 10.733  -2.261  -2.653  1.00 71.53  ? 141 HIS A NE2 1 
ATOM   1066 N N   . ARG A 1 232 ? 10.972  1.758   -6.395  1.00 82.39  ? 142 ARG A N   1 
ATOM   1067 C CA  . ARG A 1 232 ? 12.291  1.808   -7.030  1.00 90.91  ? 142 ARG A CA  1 
ATOM   1068 C C   . ARG A 1 232 ? 13.162  2.967   -6.494  1.00 95.52  ? 142 ARG A C   1 
ATOM   1069 O O   . ARG A 1 232 ? 14.382  2.825   -6.404  1.00 93.45  ? 142 ARG A O   1 
ATOM   1070 C CB  . ARG A 1 232 ? 12.162  1.898   -8.555  1.00 94.43  ? 142 ARG A CB  1 
ATOM   1071 C CG  . ARG A 1 232 ? 11.854  3.294   -9.068  1.00 96.79  ? 142 ARG A CG  1 
ATOM   1072 C CD  . ARG A 1 232 ? 11.507  3.280   -10.556 1.00 101.14 ? 142 ARG A CD  1 
ATOM   1073 N NE  . ARG A 1 232 ? 10.995  4.575   -11.011 1.00 110.26 ? 142 ARG A NE  1 
ATOM   1074 C CZ  . ARG A 1 232 ? 9.876   5.149   -10.551 1.00 116.38 ? 142 ARG A CZ  1 
ATOM   1075 N NH1 . ARG A 1 232 ? 9.148   4.558   -9.599  1.00 123.79 ? 142 ARG A NH1 1 
ATOM   1076 N NH2 . ARG A 1 232 ? 9.484   6.330   -11.025 1.00 112.22 ? 142 ARG A NH2 1 
ATOM   1077 N N   . ASP A 1 233 ? 12.532  4.099   -6.151  1.00 105.00 ? 143 ASP A N   1 
ATOM   1078 C CA  . ASP A 1 233 ? 13.239  5.305   -5.658  1.00 107.23 ? 143 ASP A CA  1 
ATOM   1079 C C   . ASP A 1 233 ? 13.997  5.030   -4.365  1.00 110.53 ? 143 ASP A C   1 
ATOM   1080 O O   . ASP A 1 233 ? 15.175  5.366   -4.228  1.00 111.04 ? 143 ASP A O   1 
ATOM   1081 C CB  . ASP A 1 233 ? 12.257  6.458   -5.355  1.00 105.61 ? 143 ASP A CB  1 
ATOM   1082 C CG  . ASP A 1 233 ? 11.588  7.042   -6.596  1.00 103.55 ? 143 ASP A CG  1 
ATOM   1083 O OD1 . ASP A 1 233 ? 11.661  6.432   -7.685  1.00 105.78 ? 143 ASP A OD1 1 
ATOM   1084 O OD2 . ASP A 1 233 ? 10.965  8.122   -6.462  1.00 96.74  ? 143 ASP A OD2 1 
ATOM   1085 N N   . VAL A 1 234 ? 13.285  4.435   -3.413  1.00 115.43 ? 144 VAL A N   1 
ATOM   1086 C CA  . VAL A 1 234 ? 13.767  4.280   -2.041  1.00 118.82 ? 144 VAL A CA  1 
ATOM   1087 C C   . VAL A 1 234 ? 14.949  3.305   -1.897  1.00 123.61 ? 144 VAL A C   1 
ATOM   1088 O O   . VAL A 1 234 ? 15.966  3.669   -1.304  1.00 124.89 ? 144 VAL A O   1 
ATOM   1089 C CB  . VAL A 1 234 ? 12.604  3.914   -1.068  1.00 118.29 ? 144 VAL A CB  1 
ATOM   1090 C CG1 . VAL A 1 234 ? 11.909  2.604   -1.438  1.00 120.45 ? 144 VAL A CG1 1 
ATOM   1091 C CG2 . VAL A 1 234 ? 13.098  3.847   0.364   1.00 117.01 ? 144 VAL A CG2 1 
ATOM   1092 N N   . GLY A 1 235 ? 14.831  2.097   -2.452  1.00 126.43 ? 145 GLY A N   1 
ATOM   1093 C CA  . GLY A 1 235 ? 15.831  1.038   -2.241  1.00 125.81 ? 145 GLY A CA  1 
ATOM   1094 C C   . GLY A 1 235 ? 16.570  0.653   -3.508  1.00 126.18 ? 145 GLY A C   1 
ATOM   1095 O O   . GLY A 1 235 ? 16.250  1.144   -4.591  1.00 131.01 ? 145 GLY A O   1 
ATOM   1096 N N   . SER A 1 236 ? 17.557  -0.232  -3.371  1.00 126.23 ? 146 SER A N   1 
ATOM   1097 C CA  . SER A 1 236 ? 18.385  -0.665  -4.506  1.00 127.97 ? 146 SER A CA  1 
ATOM   1098 C C   . SER A 1 236 ? 17.747  -1.839  -5.270  1.00 129.65 ? 146 SER A C   1 
ATOM   1099 O O   . SER A 1 236 ? 18.306  -2.938  -5.328  1.00 127.47 ? 146 SER A O   1 
ATOM   1100 C CB  . SER A 1 236 ? 19.802  -1.025  -4.032  1.00 123.97 ? 146 SER A CB  1 
ATOM   1101 O OG  . SER A 1 236 ? 19.793  -2.118  -3.132  1.00 120.77 ? 146 SER A OG  1 
ATOM   1102 N N   . THR A 1 237 ? 16.581  -1.582  -5.865  1.00 128.23 ? 147 THR A N   1 
ATOM   1103 C CA  . THR A 1 237 ? 15.824  -2.593  -6.605  1.00 123.01 ? 147 THR A CA  1 
ATOM   1104 C C   . THR A 1 237 ? 15.571  -2.092  -8.026  1.00 121.36 ? 147 THR A C   1 
ATOM   1105 O O   . THR A 1 237 ? 15.118  -0.959  -8.220  1.00 119.20 ? 147 THR A O   1 
ATOM   1106 C CB  . THR A 1 237 ? 14.466  -2.916  -5.927  1.00 120.52 ? 147 THR A CB  1 
ATOM   1107 O OG1 . THR A 1 237 ? 13.564  -1.807  -6.070  1.00 118.53 ? 147 THR A OG1 1 
ATOM   1108 C CG2 . THR A 1 237 ? 14.651  -3.246  -4.441  1.00 115.96 ? 147 THR A CG2 1 
ATOM   1109 N N   . ALA A 1 238 ? 15.873  -2.937  -9.011  1.00 118.43 ? 148 ALA A N   1 
ATOM   1110 C CA  . ALA A 1 238 ? 15.626  -2.610  -10.414 1.00 115.90 ? 148 ALA A CA  1 
ATOM   1111 C C   . ALA A 1 238 ? 14.179  -2.924  -10.776 1.00 116.82 ? 148 ALA A C   1 
ATOM   1112 O O   . ALA A 1 238 ? 13.594  -3.877  -10.253 1.00 114.49 ? 148 ALA A O   1 
ATOM   1113 C CB  . ALA A 1 238 ? 16.567  -3.389  -11.311 1.00 112.78 ? 148 ALA A CB  1 
ATOM   1114 N N   . CYS A 1 239 ? 13.615  -2.114  -11.673 1.00 116.28 ? 149 CYS A N   1 
ATOM   1115 C CA  . CYS A 1 239 ? 12.226  -2.261  -12.119 1.00 114.30 ? 149 CYS A CA  1 
ATOM   1116 C C   . CYS A 1 239 ? 12.099  -1.906  -13.615 1.00 113.63 ? 149 CYS A C   1 
ATOM   1117 O O   . CYS A 1 239 ? 12.927  -1.158  -14.147 1.00 108.48 ? 149 CYS A O   1 
ATOM   1118 C CB  . CYS A 1 239 ? 11.303  -1.348  -11.298 1.00 114.12 ? 149 CYS A CB  1 
ATOM   1119 S SG  . CYS A 1 239 ? 11.338  -1.544  -9.494  1.00 109.76 ? 149 CYS A SG  1 
ATOM   1120 N N   . PRO A 1 240 ? 11.066  -2.443  -14.300 1.00 113.72 ? 150 PRO A N   1 
ATOM   1121 C CA  . PRO A 1 240 ? 10.813  -2.081  -15.701 1.00 110.62 ? 150 PRO A CA  1 
ATOM   1122 C C   . PRO A 1 240 ? 9.918   -0.847  -15.827 1.00 106.18 ? 150 PRO A C   1 
ATOM   1123 O O   . PRO A 1 240 ? 9.262   -0.464  -14.856 1.00 109.44 ? 150 PRO A O   1 
ATOM   1124 C CB  . PRO A 1 240 ? 10.084  -3.308  -16.241 1.00 111.46 ? 150 PRO A CB  1 
ATOM   1125 C CG  . PRO A 1 240 ? 9.308   -3.804  -15.067 1.00 111.31 ? 150 PRO A CG  1 
ATOM   1126 C CD  . PRO A 1 240 ? 10.115  -3.473  -13.832 1.00 111.26 ? 150 PRO A CD  1 
ATOM   1127 N N   . GLY A 1 241 ? 9.887   -0.250  -17.019 1.00 98.99  ? 151 GLY A N   1 
ATOM   1128 C CA  . GLY A 1 241 ? 9.072   0.945   -17.289 1.00 93.46  ? 151 GLY A CA  1 
ATOM   1129 C C   . GLY A 1 241 ? 7.624   0.789   -16.850 1.00 87.34  ? 151 GLY A C   1 
ATOM   1130 O O   . GLY A 1 241 ? 6.900   -0.067  -17.366 1.00 88.33  ? 151 GLY A O   1 
ATOM   1131 N N   . ASN A 1 242 ? 7.205   1.626   -15.904 1.00 77.74  ? 152 ASN A N   1 
ATOM   1132 C CA  . ASN A 1 242 ? 5.962   1.413   -15.172 1.00 69.50  ? 152 ASN A CA  1 
ATOM   1133 C C   . ASN A 1 242 ? 5.088   2.658   -15.135 1.00 65.76  ? 152 ASN A C   1 
ATOM   1134 O O   . ASN A 1 242 ? 5.514   3.714   -14.671 1.00 63.37  ? 152 ASN A O   1 
ATOM   1135 C CB  . ASN A 1 242 ? 6.284   0.983   -13.747 1.00 67.60  ? 152 ASN A CB  1 
ATOM   1136 C CG  . ASN A 1 242 ? 5.112   0.328   -13.064 1.00 66.52  ? 152 ASN A CG  1 
ATOM   1137 O OD1 . ASN A 1 242 ? 4.319   1.002   -12.422 1.00 63.21  ? 152 ASN A OD1 1 
ATOM   1138 N ND2 . ASN A 1 242 ? 4.986   -0.990  -13.213 1.00 68.17  ? 152 ASN A ND2 1 
ATOM   1139 N N   . LEU A 1 243 ? 3.856   2.512   -15.611 1.00 64.03  ? 153 LEU A N   1 
ATOM   1140 C CA  . LEU A 1 243 ? 2.909   3.625   -15.734 1.00 61.86  ? 153 LEU A CA  1 
ATOM   1141 C C   . LEU A 1 243 ? 2.407   4.187   -14.404 1.00 59.15  ? 153 LEU A C   1 
ATOM   1142 O O   . LEU A 1 243 ? 2.078   5.374   -14.322 1.00 59.20  ? 153 LEU A O   1 
ATOM   1143 C CB  . LEU A 1 243 ? 1.710   3.200   -16.587 1.00 61.93  ? 153 LEU A CB  1 
ATOM   1144 C CG  . LEU A 1 243 ? 2.008   3.012   -18.072 1.00 60.76  ? 153 LEU A CG  1 
ATOM   1145 C CD1 . LEU A 1 243 ? 0.838   2.340   -18.766 1.00 61.36  ? 153 LEU A CD1 1 
ATOM   1146 C CD2 . LEU A 1 243 ? 2.308   4.352   -18.716 1.00 60.41  ? 153 LEU A CD2 1 
ATOM   1147 N N   . LEU A 1 244 ? 2.321   3.336   -13.383 1.00 56.40  ? 154 LEU A N   1 
ATOM   1148 C CA  . LEU A 1 244 ? 1.976   3.791   -12.040 1.00 55.79  ? 154 LEU A CA  1 
ATOM   1149 C C   . LEU A 1 244 ? 3.033   4.768   -11.549 1.00 56.36  ? 154 LEU A C   1 
ATOM   1150 O O   . LEU A 1 244 ? 2.729   5.893   -11.152 1.00 55.83  ? 154 LEU A O   1 
ATOM   1151 C CB  . LEU A 1 244 ? 1.872   2.610   -11.069 1.00 56.08  ? 154 LEU A CB  1 
ATOM   1152 C CG  . LEU A 1 244 ? 1.878   2.901   -9.558  1.00 55.75  ? 154 LEU A CG  1 
ATOM   1153 C CD1 . LEU A 1 244 ? 0.728   3.818   -9.161  1.00 56.85  ? 154 LEU A CD1 1 
ATOM   1154 C CD2 . LEU A 1 244 ? 1.832   1.608   -8.759  1.00 54.02  ? 154 LEU A CD2 1 
ATOM   1155 N N   . TYR A 1 245 ? 4.284   4.336   -11.600 1.00 58.49  ? 155 TYR A N   1 
ATOM   1156 C CA  . TYR A 1 245 ? 5.375   5.136   -11.080 1.00 61.25  ? 155 TYR A CA  1 
ATOM   1157 C C   . TYR A 1 245 ? 5.675   6.402   -11.883 1.00 60.56  ? 155 TYR A C   1 
ATOM   1158 O O   . TYR A 1 245 ? 6.341   7.304   -11.380 1.00 61.71  ? 155 TYR A O   1 
ATOM   1159 C CB  . TYR A 1 245 ? 6.626   4.299   -10.992 1.00 64.89  ? 155 TYR A CB  1 
ATOM   1160 C CG  . TYR A 1 245 ? 6.555   3.120   -10.027 1.00 73.06  ? 155 TYR A CG  1 
ATOM   1161 C CD1 . TYR A 1 245 ? 6.069   3.265   -8.728  1.00 74.92  ? 155 TYR A CD1 1 
ATOM   1162 C CD2 . TYR A 1 245 ? 7.017   1.861   -10.410 1.00 78.02  ? 155 TYR A CD2 1 
ATOM   1163 C CE1 . TYR A 1 245 ? 6.019   2.185   -7.859  1.00 75.65  ? 155 TYR A CE1 1 
ATOM   1164 C CE2 . TYR A 1 245 ? 6.976   0.781   -9.547  1.00 79.03  ? 155 TYR A CE2 1 
ATOM   1165 C CZ  . TYR A 1 245 ? 6.475   0.946   -8.275  1.00 77.90  ? 155 TYR A CZ  1 
ATOM   1166 O OH  . TYR A 1 245 ? 6.434   -0.128  -7.421  1.00 78.84  ? 155 TYR A OH  1 
ATOM   1167 N N   . ASP A 1 246 ? 5.207   6.463   -13.126 1.00 60.59  ? 156 ASP A N   1 
ATOM   1168 C CA  . ASP A 1 246 ? 5.214   7.716   -13.880 1.00 63.61  ? 156 ASP A CA  1 
ATOM   1169 C C   . ASP A 1 246 ? 4.227   8.687   -13.265 1.00 56.70  ? 156 ASP A C   1 
ATOM   1170 O O   . ASP A 1 246 ? 4.514   9.871   -13.130 1.00 54.23  ? 156 ASP A O   1 
ATOM   1171 C CB  . ASP A 1 246 ? 4.814   7.485   -15.339 1.00 72.37  ? 156 ASP A CB  1 
ATOM   1172 C CG  . ASP A 1 246 ? 5.838   6.668   -16.114 1.00 81.72  ? 156 ASP A CG  1 
ATOM   1173 O OD1 . ASP A 1 246 ? 7.015   6.601   -15.683 1.00 86.65  ? 156 ASP A OD1 1 
ATOM   1174 O OD2 . ASP A 1 246 ? 5.459   6.092   -17.163 1.00 88.65  ? 156 ASP A OD2 1 
ATOM   1175 N N   . ASP A 1 247 ? 3.060   8.170   -12.901 1.00 52.84  ? 157 ASP A N   1 
ATOM   1176 C CA  . ASP A 1 247 ? 1.983   8.992   -12.383 1.00 51.03  ? 157 ASP A CA  1 
ATOM   1177 C C   . ASP A 1 247 ? 2.330   9.647   -11.057 1.00 48.04  ? 157 ASP A C   1 
ATOM   1178 O O   . ASP A 1 247 ? 2.054   10.827  -10.859 1.00 45.51  ? 157 ASP A O   1 
ATOM   1179 C CB  . ASP A 1 247 ? 0.708   8.172   -12.209 1.00 53.19  ? 157 ASP A CB  1 
ATOM   1180 C CG  . ASP A 1 247 ? -0.526  9.044   -12.147 1.00 57.21  ? 157 ASP A CG  1 
ATOM   1181 O OD1 . ASP A 1 247 ? -1.032  9.426   -13.224 1.00 59.89  ? 157 ASP A OD1 1 
ATOM   1182 O OD2 . ASP A 1 247 ? -0.986  9.359   -11.029 1.00 60.26  ? 157 ASP A OD2 1 
ATOM   1183 N N   . ILE A 1 248 ? 2.952   8.896   -10.156 1.00 46.64  ? 158 ILE A N   1 
ATOM   1184 C CA  . ILE A 1 248 ? 3.204   9.426   -8.813  1.00 48.65  ? 158 ILE A CA  1 
ATOM   1185 C C   . ILE A 1 248 ? 4.144   10.633  -8.813  1.00 49.83  ? 158 ILE A C   1 
ATOM   1186 O O   . ILE A 1 248 ? 4.271   11.312  -7.794  1.00 51.56  ? 158 ILE A O   1 
ATOM   1187 C CB  . ILE A 1 248 ? 3.705   8.360   -7.811  1.00 46.78  ? 158 ILE A CB  1 
ATOM   1188 C CG1 . ILE A 1 248 ? 5.111   7.885   -8.166  1.00 46.34  ? 158 ILE A CG1 1 
ATOM   1189 C CG2 . ILE A 1 248 ? 2.719   7.204   -7.734  1.00 45.99  ? 158 ILE A CG2 1 
ATOM   1190 C CD1 . ILE A 1 248 ? 5.695   6.935   -7.145  1.00 46.15  ? 158 ILE A CD1 1 
ATOM   1191 N N   . LYS A 1 249 ? 4.782   10.906  -9.947  1.00 50.90  ? 159 LYS A N   1 
ATOM   1192 C CA  . LYS A 1 249 ? 5.630   12.086  -10.089 1.00 53.86  ? 159 LYS A CA  1 
ATOM   1193 C C   . LYS A 1 249 ? 4.810   13.379  -9.981  1.00 51.67  ? 159 LYS A C   1 
ATOM   1194 O O   . LYS A 1 249 ? 5.261   14.359  -9.394  1.00 50.60  ? 159 LYS A O   1 
ATOM   1195 C CB  . LYS A 1 249 ? 6.353   12.058  -11.435 1.00 57.62  ? 159 LYS A CB  1 
ATOM   1196 C CG  . LYS A 1 249 ? 7.146   10.791  -11.720 1.00 61.50  ? 159 LYS A CG  1 
ATOM   1197 C CD  . LYS A 1 249 ? 8.649   11.007  -11.645 1.00 66.43  ? 159 LYS A CD  1 
ATOM   1198 C CE  . LYS A 1 249 ? 9.412   9.884   -12.338 1.00 69.92  ? 159 LYS A CE  1 
ATOM   1199 N NZ  . LYS A 1 249 ? 9.023   9.738   -13.771 1.00 72.46  ? 159 LYS A NZ  1 
ATOM   1200 N N   . SER A 1 250 ? 3.608   13.366  -10.548 1.00 50.83  ? 160 SER A N   1 
ATOM   1201 C CA  . SER A 1 250 ? 2.704   14.512  -10.498 1.00 50.72  ? 160 SER A CA  1 
ATOM   1202 C C   . SER A 1 250 ? 1.974   14.673  -9.154  1.00 49.90  ? 160 SER A C   1 
ATOM   1203 O O   . SER A 1 250 ? 1.276   15.666  -8.950  1.00 51.02  ? 160 SER A O   1 
ATOM   1204 C CB  . SER A 1 250 ? 1.673   14.405  -11.626 1.00 51.10  ? 160 SER A CB  1 
ATOM   1205 O OG  . SER A 1 250 ? 0.966   13.181  -11.544 1.00 53.58  ? 160 SER A OG  1 
ATOM   1206 N N   . TRP A 1 251 ? 2.115   13.709  -8.246  1.00 48.49  ? 161 TRP A N   1 
ATOM   1207 C CA  . TRP A 1 251 ? 1.461   13.793  -6.937  1.00 47.08  ? 161 TRP A CA  1 
ATOM   1208 C C   . TRP A 1 251 ? 2.224   14.748  -6.067  1.00 47.65  ? 161 TRP A C   1 
ATOM   1209 O O   . TRP A 1 251 ? 3.448   14.872  -6.195  1.00 49.33  ? 161 TRP A O   1 
ATOM   1210 C CB  . TRP A 1 251 ? 1.461   12.455  -6.235  1.00 45.70  ? 161 TRP A CB  1 
ATOM   1211 C CG  . TRP A 1 251 ? 0.688   11.421  -6.916  1.00 46.65  ? 161 TRP A CG  1 
ATOM   1212 C CD1 . TRP A 1 251 ? 0.293   11.402  -8.227  1.00 47.58  ? 161 TRP A CD1 1 
ATOM   1213 C CD2 . TRP A 1 251 ? 0.232   10.200  -6.342  1.00 47.31  ? 161 TRP A CD2 1 
ATOM   1214 N NE1 . TRP A 1 251 ? -0.394  10.247  -8.493  1.00 47.45  ? 161 TRP A NE1 1 
ATOM   1215 C CE2 . TRP A 1 251 ? -0.445  9.490   -7.351  1.00 48.09  ? 161 TRP A CE2 1 
ATOM   1216 C CE3 . TRP A 1 251 ? 0.322   9.636   -5.064  1.00 46.44  ? 161 TRP A CE3 1 
ATOM   1217 C CZ2 . TRP A 1 251 ? -1.033  8.242   -7.119  1.00 49.31  ? 161 TRP A CZ2 1 
ATOM   1218 C CZ3 . TRP A 1 251 ? -0.272  8.401   -4.835  1.00 46.71  ? 161 TRP A CZ3 1 
ATOM   1219 C CH2 . TRP A 1 251 ? -0.930  7.715   -5.857  1.00 46.44  ? 161 TRP A CH2 1 
ATOM   1220 N N   . GLY A 1 252 ? 1.513   15.406  -5.164  1.00 46.27  ? 162 GLY A N   1 
ATOM   1221 C CA  . GLY A 1 252 ? 2.155   16.320  -4.233  1.00 46.92  ? 162 GLY A CA  1 
ATOM   1222 C C   . GLY A 1 252 ? 3.230   15.623  -3.414  1.00 47.47  ? 162 GLY A C   1 
ATOM   1223 O O   . GLY A 1 252 ? 3.108   14.436  -3.065  1.00 49.51  ? 162 GLY A O   1 
ATOM   1224 N N   . ARG A 1 253 ? 4.300   16.356  -3.137  1.00 45.89  ? 163 ARG A N   1 
ATOM   1225 C CA  . ARG A 1 253 ? 5.355   15.900  -2.233  1.00 46.07  ? 163 ARG A CA  1 
ATOM   1226 C C   . ARG A 1 253 ? 6.194   14.744  -2.782  1.00 45.26  ? 163 ARG A C   1 
ATOM   1227 O O   . ARG A 1 253 ? 7.005   14.163  -2.054  1.00 44.45  ? 163 ARG A O   1 
ATOM   1228 C CB  . ARG A 1 253 ? 4.776   15.525  -0.863  1.00 46.00  ? 163 ARG A CB  1 
ATOM   1229 C CG  . ARG A 1 253 ? 3.738   16.510  -0.337  1.00 46.58  ? 163 ARG A CG  1 
ATOM   1230 C CD  . ARG A 1 253 ? 3.799   16.604  1.174   1.00 47.08  ? 163 ARG A CD  1 
ATOM   1231 N NE  . ARG A 1 253 ? 5.092   17.135  1.586   1.00 46.83  ? 163 ARG A NE  1 
ATOM   1232 C CZ  . ARG A 1 253 ? 5.409   18.426  1.599   1.00 46.33  ? 163 ARG A CZ  1 
ATOM   1233 N NH1 . ARG A 1 253 ? 4.519   19.344  1.244   1.00 43.97  ? 163 ARG A NH1 1 
ATOM   1234 N NH2 . ARG A 1 253 ? 6.629   18.797  1.980   1.00 47.54  ? 163 ARG A NH2 1 
ATOM   1235 N N   . TYR A 1 254 ? 6.036   14.432  -4.064  1.00 46.21  ? 164 TYR A N   1 
ATOM   1236 C CA  . TYR A 1 254 ? 6.882   13.430  -4.689  1.00 48.11  ? 164 TYR A CA  1 
ATOM   1237 C C   . TYR A 1 254 ? 8.334   13.886  -4.604  1.00 46.57  ? 164 TYR A C   1 
ATOM   1238 O O   . TYR A 1 254 ? 8.615   15.065  -4.758  1.00 46.75  ? 164 TYR A O   1 
ATOM   1239 C CB  . TYR A 1 254 ? 6.484   13.197  -6.142  1.00 51.00  ? 164 TYR A CB  1 
ATOM   1240 C CG  . TYR A 1 254 ? 7.406   12.217  -6.809  1.00 54.94  ? 164 TYR A CG  1 
ATOM   1241 C CD1 . TYR A 1 254 ? 7.306   10.854  -6.537  1.00 56.20  ? 164 TYR A CD1 1 
ATOM   1242 C CD2 . TYR A 1 254 ? 8.416   12.651  -7.668  1.00 55.70  ? 164 TYR A CD2 1 
ATOM   1243 C CE1 . TYR A 1 254 ? 8.168   9.945   -7.119  1.00 57.99  ? 164 TYR A CE1 1 
ATOM   1244 C CE2 . TYR A 1 254 ? 9.284   11.750  -8.255  1.00 57.97  ? 164 TYR A CE2 1 
ATOM   1245 C CZ  . TYR A 1 254 ? 9.153   10.398  -7.979  1.00 59.97  ? 164 TYR A CZ  1 
ATOM   1246 O OH  . TYR A 1 254 ? 10.003  9.488   -8.561  1.00 62.95  ? 164 TYR A OH  1 
ATOM   1247 N N   . VAL A 1 255 ? 9.249   12.952  -4.366  1.00 46.87  ? 165 VAL A N   1 
ATOM   1248 C CA  . VAL A 1 255 ? 10.642  13.287  -4.108  1.00 46.65  ? 165 VAL A CA  1 
ATOM   1249 C C   . VAL A 1 255 ? 11.555  12.561  -5.096  1.00 47.03  ? 165 VAL A C   1 
ATOM   1250 O O   . VAL A 1 255 ? 11.449  11.345  -5.264  1.00 49.75  ? 165 VAL A O   1 
ATOM   1251 C CB  . VAL A 1 255 ? 11.002  12.928  -2.654  1.00 45.86  ? 165 VAL A CB  1 
ATOM   1252 C CG1 . VAL A 1 255 ? 12.467  13.189  -2.373  1.00 45.89  ? 165 VAL A CG1 1 
HETATM 1253 O O   . HOH B 2 .   ? 6.524   -1.393  -6.711  1.00 58.96  ? 201 HOH A O   1 
HETATM 1254 O O   . HOH B 2 .   ? 6.070   1.168   7.043   1.00 55.23  ? 202 HOH A O   1 
HETATM 1255 O O   . HOH B 2 .   ? -2.238  -3.844  -15.052 1.00 52.77  ? 203 HOH A O   1 
HETATM 1256 O O   . HOH B 2 .   ? 6.588   -2.416  -13.416 1.00 50.39  ? 204 HOH A O   1 
HETATM 1257 O O   . HOH B 2 .   ? 5.348   16.734  -7.441  1.00 42.23  ? 205 HOH A O   1 
HETATM 1258 O O   . HOH B 2 .   ? 4.677   19.289  -3.628  0.50 32.33  ? 206 HOH A O   1 
HETATM 1259 O O   . HOH B 2 .   ? -7.434  10.289  -10.241 1.00 46.38  ? 207 HOH A O   1 
HETATM 1260 O O   . HOH B 2 .   ? -1.542  14.858  -5.113  1.00 33.28  ? 208 HOH A O   1 
HETATM 1261 O O   . HOH B 2 .   ? -0.900  -7.519  -16.630 1.00 53.54  ? 209 HOH A O   1 
HETATM 1262 O O   . HOH B 2 .   ? -3.415  -0.474  16.905  1.00 48.01  ? 210 HOH A O   1 
HETATM 1263 O O   . HOH B 2 .   ? 3.620   16.674  11.457  1.00 40.10  ? 211 HOH A O   1 
HETATM 1264 O O   . HOH B 2 .   ? -3.150  17.212  11.866  1.00 44.67  ? 212 HOH A O   1 
HETATM 1265 O O   . HOH B 2 .   ? -9.344  -3.849  -13.406 1.00 42.13  ? 213 HOH A O   1 
HETATM 1266 O O   . HOH B 2 .   ? 9.554   0.972   -11.710 1.00 51.53  ? 214 HOH A O   1 
HETATM 1267 O O   . HOH B 2 .   ? -18.653 -6.940  -4.731  1.00 54.28  ? 215 HOH A O   1 
HETATM 1268 O O   . HOH B 2 .   ? -17.947 -3.261  -5.753  1.00 40.76  ? 216 HOH A O   1 
HETATM 1269 O O   . HOH B 2 .   ? -12.279 4.665   -12.617 1.00 46.43  ? 217 HOH A O   1 
HETATM 1270 O O   . HOH B 2 .   ? -17.192 -8.423  8.210   1.00 52.29  ? 218 HOH A O   1 
HETATM 1271 O O   . HOH B 2 .   ? -3.410  -5.004  12.004  1.00 47.82  ? 219 HOH A O   1 
# 
